data_1ZZ3
#
_entry.id   1ZZ3
#
_cell.length_a   68.098
_cell.length_b   94.486
_cell.length_c   122.632
_cell.angle_alpha   90.00
_cell.angle_beta   104.27
_cell.angle_gamma   90.00
#
_symmetry.space_group_name_H-M   'P 1 21 1'
#
loop_
_entity.id
_entity.type
_entity.pdbx_description
1 polymer 'Histone deacetylase-like amidohydrolase'
2 non-polymer 3-CYCLOPENTYL-N-HYDROXYPROPANAMIDE
3 non-polymer 'ZINC ION'
4 non-polymer 'POTASSIUM ION'
5 water water
#
_entity_poly.entity_id   1
_entity_poly.type   'polypeptide(L)'
_entity_poly.pdbx_seq_one_letter_code
;MAIGYVWNTLYGWVDTGTGSLAAANLTARMQPISHHLAHPDTKRRFHELVCASGQIEHLTPIAAVAATDADILRAHSAAH
LENMKRVSNLPTGGDTGDGITMMGNGGLEIARLSAGGAVELTRRVATGELSAGYALVNPPGHHAPHNAAMGFCIFNNTSV
AAGYARAVLGMERVAILDWDVHHGNGTQDIWWNDPSVLTISLHQHLCFPPDSGYSTERGAGNGHGYNINVPLPPGSGNAA
YLHAMDQVVLPALRAYRPQLIIVGSGFDASMLDPLARMMVTADGFRQMARRTIDCAADICDGRIVFVQEGGYSPHYLPFC
GLAVIEELTGVRSLPDPYHEFLAGMGGNTLLDAERAAIEEIVPLLADIR
;
_entity_poly.pdbx_strand_id   A,B,C,D
#
loop_
_chem_comp.id
_chem_comp.type
_chem_comp.name
_chem_comp.formula
3YP non-polymer 3-CYCLOPENTYL-N-HYDROXYPROPANAMIDE 'C8 H15 N O2'
K non-polymer 'POTASSIUM ION' 'K 1'
ZN non-polymer 'ZINC ION' 'Zn 2'
#
# COMPACT_ATOMS: atom_id res chain seq x y z
N ALA A 2 45.75 -7.59 40.59
CA ALA A 2 44.48 -6.79 40.62
C ALA A 2 43.91 -6.56 39.22
N ILE A 3 42.69 -7.05 39.01
CA ILE A 3 42.04 -6.98 37.73
C ILE A 3 40.81 -6.07 37.85
N GLY A 4 40.83 -4.94 37.15
CA GLY A 4 39.78 -3.95 37.27
C GLY A 4 38.56 -4.38 36.49
N TYR A 5 37.39 -3.91 36.90
CA TYR A 5 36.17 -4.30 36.18
C TYR A 5 35.23 -3.14 36.22
N VAL A 6 34.73 -2.73 35.05
CA VAL A 6 33.77 -1.62 34.94
C VAL A 6 32.39 -2.06 34.45
N TRP A 7 31.38 -1.77 35.26
CA TRP A 7 29.97 -1.86 34.86
C TRP A 7 29.24 -0.75 35.57
N ASN A 8 28.48 0.01 34.81
CA ASN A 8 27.67 1.09 35.37
C ASN A 8 26.23 0.73 35.00
N THR A 9 25.33 0.89 35.97
CA THR A 9 23.91 0.56 35.79
C THR A 9 23.34 1.16 34.50
N LEU A 10 23.76 2.38 34.16
CA LEU A 10 23.25 3.01 32.96
C LEU A 10 23.63 2.32 31.66
N TYR A 11 24.73 1.57 31.64
CA TYR A 11 25.03 0.75 30.46
C TYR A 11 23.83 -0.14 30.05
N GLY A 12 23.07 -0.61 31.06
CA GLY A 12 21.92 -1.45 30.82
C GLY A 12 20.62 -0.69 30.53
N TRP A 13 20.68 0.65 30.57
CA TRP A 13 19.52 1.51 30.34
C TRP A 13 19.49 2.19 28.98
N VAL A 14 20.46 1.86 28.11
CA VAL A 14 20.52 2.47 26.76
C VAL A 14 19.20 2.18 26.08
N ASP A 15 18.59 3.23 25.50
CA ASP A 15 17.26 3.07 24.89
C ASP A 15 17.46 2.75 23.41
N THR A 16 17.11 1.53 23.04
CA THR A 16 17.28 1.04 21.68
C THR A 16 16.00 1.11 20.86
N GLY A 17 15.02 1.84 21.36
CA GLY A 17 13.79 2.09 20.58
C GLY A 17 12.87 0.89 20.58
N THR A 18 12.03 0.81 19.55
CA THR A 18 11.06 -0.28 19.45
C THR A 18 11.20 -1.02 18.11
N GLY A 19 12.24 -0.72 17.35
CA GLY A 19 12.55 -1.45 16.11
C GLY A 19 13.52 -2.63 16.30
N SER A 20 13.81 -3.32 15.21
CA SER A 20 14.68 -4.49 15.23
C SER A 20 16.13 -4.11 15.03
N LEU A 21 16.33 -3.05 14.22
CA LEU A 21 17.64 -2.64 13.73
C LEU A 21 17.54 -1.15 13.40
N ALA A 22 16.84 -0.90 12.31
CA ALA A 22 16.23 0.39 12.09
C ALA A 22 14.97 0.48 12.96
N ALA A 23 14.36 1.65 12.95
CA ALA A 23 13.12 1.86 13.70
C ALA A 23 12.00 0.93 13.16
N ALA A 24 11.02 0.64 14.00
CA ALA A 24 9.77 0.04 13.50
C ALA A 24 9.20 1.01 12.46
N ASN A 25 8.55 0.47 11.44
CA ASN A 25 7.98 1.30 10.40
C ASN A 25 6.75 0.65 9.82
N LEU A 26 5.61 1.31 10.01
CA LEU A 26 4.32 0.72 9.62
C LEU A 26 4.18 0.54 8.10
N THR A 27 4.68 1.49 7.32
CA THR A 27 4.54 1.36 5.87
C THR A 27 5.39 0.22 5.33
N ALA A 28 6.58 0.01 5.92
CA ALA A 28 7.43 -1.14 5.55
C ALA A 28 6.91 -2.42 6.17
N ARG A 29 5.92 -2.28 7.06
CA ARG A 29 5.38 -3.39 7.85
C ARG A 29 6.45 -4.07 8.73
N MET A 30 7.36 -3.27 9.28
CA MET A 30 8.33 -3.75 10.26
C MET A 30 7.69 -3.57 11.61
N GLN A 31 7.18 -4.68 12.13
CA GLN A 31 6.39 -4.68 13.36
C GLN A 31 7.29 -4.26 14.52
N PRO A 32 6.79 -3.40 15.44
CA PRO A 32 7.58 -3.11 16.63
C PRO A 32 7.90 -4.40 17.43
N ILE A 33 8.98 -4.37 18.19
CA ILE A 33 9.40 -5.54 18.94
C ILE A 33 10.02 -5.07 20.27
N SER A 34 9.97 -5.92 21.30
CA SER A 34 10.44 -5.49 22.65
C SER A 34 11.96 -5.41 22.73
N HIS A 35 12.66 -6.28 22.01
CA HIS A 35 14.14 -6.32 22.05
C HIS A 35 14.74 -6.10 20.66
N HIS A 36 15.22 -4.88 20.44
CA HIS A 36 16.06 -4.57 19.29
C HIS A 36 17.27 -5.52 19.29
N LEU A 37 17.84 -5.76 18.11
CA LEU A 37 19.05 -6.59 18.02
C LEU A 37 20.11 -6.23 19.06
N ALA A 38 20.30 -4.92 19.27
CA ALA A 38 21.35 -4.36 20.15
C ALA A 38 20.85 -4.07 21.59
N HIS A 39 19.73 -4.68 21.97
CA HIS A 39 19.09 -4.37 23.26
C HIS A 39 20.14 -4.61 24.37
N PRO A 40 20.21 -3.72 25.37
CA PRO A 40 21.26 -3.80 26.42
C PRO A 40 21.22 -5.05 27.29
N ASP A 41 20.10 -5.76 27.29
CA ASP A 41 20.00 -7.01 28.06
C ASP A 41 21.12 -8.00 27.78
N THR A 42 21.58 -8.08 26.54
CA THR A 42 22.66 -9.04 26.22
C THR A 42 23.90 -8.78 27.09
N LYS A 43 24.35 -7.53 27.09
CA LYS A 43 25.53 -7.15 27.89
C LYS A 43 25.20 -7.15 29.39
N ARG A 44 23.99 -6.78 29.77
CA ARG A 44 23.59 -6.92 31.18
C ARG A 44 23.67 -8.39 31.66
N ARG A 45 23.23 -9.33 30.84
CA ARG A 45 23.31 -10.75 31.21
C ARG A 45 24.77 -11.20 31.39
N PHE A 46 25.68 -10.65 30.59
CA PHE A 46 27.11 -10.85 30.80
C PHE A 46 27.52 -10.31 32.21
N HIS A 47 27.18 -9.07 32.52
CA HIS A 47 27.50 -8.52 33.83
C HIS A 47 26.94 -9.40 34.96
N GLU A 48 25.69 -9.80 34.80
CA GLU A 48 25.05 -10.61 35.87
C GLU A 48 25.69 -11.97 36.05
N LEU A 49 26.15 -12.56 34.94
CA LEU A 49 26.93 -13.80 35.02
C LEU A 49 28.29 -13.59 35.69
N VAL A 50 28.97 -12.48 35.38
CA VAL A 50 30.19 -12.14 36.09
C VAL A 50 29.95 -12.11 37.62
N CYS A 51 28.81 -11.54 38.04
CA CYS A 51 28.47 -11.55 39.46
C CYS A 51 28.04 -12.93 39.95
N ALA A 52 27.07 -13.54 39.29
CA ALA A 52 26.48 -14.81 39.79
C ALA A 52 27.46 -16.00 39.80
N SER A 53 28.45 -15.93 38.90
CA SER A 53 29.50 -16.97 38.81
C SER A 53 30.48 -16.86 39.97
N GLY A 54 30.50 -15.70 40.63
CA GLY A 54 31.47 -15.41 41.68
C GLY A 54 32.73 -14.74 41.17
N GLN A 55 32.85 -14.55 39.86
CA GLN A 55 34.02 -13.91 39.31
C GLN A 55 34.19 -12.52 39.90
N ILE A 56 33.07 -11.88 40.25
CA ILE A 56 33.10 -10.53 40.75
C ILE A 56 33.92 -10.44 42.04
N GLU A 57 33.94 -11.52 42.81
CA GLU A 57 34.71 -11.56 44.07
C GLU A 57 36.24 -11.51 43.80
N HIS A 58 36.66 -11.89 42.59
CA HIS A 58 38.06 -11.83 42.20
C HIS A 58 38.41 -10.57 41.43
N LEU A 59 37.43 -9.71 41.22
CA LEU A 59 37.64 -8.49 40.47
C LEU A 59 37.67 -7.28 41.41
N THR A 60 38.28 -6.20 40.91
CA THR A 60 38.32 -4.91 41.61
C THR A 60 37.39 -3.98 40.85
N PRO A 61 36.19 -3.73 41.40
CA PRO A 61 35.23 -2.81 40.76
C PRO A 61 35.79 -1.40 40.63
N ILE A 62 35.73 -0.88 39.42
CA ILE A 62 36.22 0.44 39.09
C ILE A 62 35.02 1.27 38.60
N ALA A 63 34.74 2.37 39.28
CA ALA A 63 33.65 3.25 38.84
C ALA A 63 33.97 3.96 37.51
N ALA A 64 33.03 3.96 36.57
CA ALA A 64 33.16 4.76 35.37
C ALA A 64 33.12 6.23 35.78
N VAL A 65 33.89 7.04 35.07
CA VAL A 65 33.85 8.49 35.24
C VAL A 65 33.41 9.03 33.89
N ALA A 66 32.58 10.06 33.83
CA ALA A 66 32.15 10.62 32.56
C ALA A 66 33.31 11.25 31.77
N ALA A 67 33.52 10.76 30.54
CA ALA A 67 34.52 11.33 29.64
C ALA A 67 34.21 12.80 29.43
N THR A 68 35.23 13.66 29.57
CA THR A 68 35.03 15.11 29.43
C THR A 68 35.04 15.48 27.96
N ASP A 69 34.65 16.72 27.64
CA ASP A 69 34.84 17.21 26.27
C ASP A 69 36.28 17.03 25.75
N ALA A 70 37.25 17.38 26.60
CA ALA A 70 38.66 17.18 26.29
C ALA A 70 38.95 15.74 25.91
N ASP A 71 38.43 14.78 26.70
CA ASP A 71 38.69 13.37 26.47
C ASP A 71 38.18 13.00 25.10
N ILE A 72 36.94 13.37 24.84
CA ILE A 72 36.29 13.03 23.57
C ILE A 72 37.01 13.63 22.37
N LEU A 73 37.47 14.88 22.53
CA LEU A 73 38.14 15.59 21.43
C LEU A 73 39.52 15.06 21.05
N ARG A 74 40.11 14.22 21.89
CA ARG A 74 41.32 13.48 21.52
C ARG A 74 41.08 12.44 20.45
N ALA A 75 39.81 12.04 20.25
CA ALA A 75 39.45 11.02 19.26
C ALA A 75 38.51 11.53 18.15
N HIS A 76 37.72 12.54 18.51
CA HIS A 76 36.63 13.01 17.67
C HIS A 76 36.70 14.49 17.42
N SER A 77 36.01 14.90 16.36
CA SER A 77 35.97 16.29 15.93
C SER A 77 35.13 17.10 16.91
N ALA A 78 35.47 18.37 17.06
CA ALA A 78 34.59 19.26 17.80
C ALA A 78 33.17 19.23 17.25
N ALA A 79 33.03 19.17 15.92
CA ALA A 79 31.72 19.08 15.27
C ALA A 79 30.88 17.86 15.69
N HIS A 80 31.51 16.70 15.82
CA HIS A 80 30.77 15.49 16.22
C HIS A 80 30.31 15.64 17.66
N LEU A 81 31.21 16.06 18.56
CA LEU A 81 30.85 16.30 19.95
C LEU A 81 29.64 17.24 20.03
N GLU A 82 29.79 18.39 19.35
CA GLU A 82 28.71 19.37 19.26
C GLU A 82 27.39 18.72 18.83
N ASN A 83 27.44 17.93 17.77
CA ASN A 83 26.28 17.23 17.22
C ASN A 83 25.59 16.25 18.17
N MET A 84 26.39 15.47 18.92
CA MET A 84 25.82 14.54 19.91
C MET A 84 25.19 15.27 21.10
N LYS A 85 25.78 16.40 21.50
CA LYS A 85 25.19 17.31 22.49
C LYS A 85 23.83 17.73 21.94
N ARG A 86 23.84 18.15 20.68
CA ARG A 86 22.64 18.58 19.96
C ARG A 86 21.52 17.53 19.96
N VAL A 87 21.83 16.33 19.46
CA VAL A 87 20.87 15.21 19.44
C VAL A 87 20.38 14.74 20.82
N SER A 88 21.29 14.65 21.79
CA SER A 88 20.89 14.29 23.15
C SER A 88 20.04 15.40 23.78
N ASN A 89 20.24 16.66 23.34
CA ASN A 89 19.38 17.74 23.87
C ASN A 89 18.00 17.89 23.24
N LEU A 90 17.76 17.16 22.15
CA LEU A 90 16.43 17.07 21.55
C LEU A 90 15.44 16.45 22.55
N PRO A 91 14.21 17.02 22.62
CA PRO A 91 13.11 16.60 23.51
C PRO A 91 13.06 15.09 23.73
N THR A 92 13.17 14.32 22.68
CA THR A 92 13.13 12.85 22.83
C THR A 92 14.47 12.19 22.44
N GLY A 93 15.43 13.02 22.04
CA GLY A 93 16.70 12.53 21.50
C GLY A 93 16.41 12.14 20.06
N GLY A 94 16.85 10.93 19.69
CA GLY A 94 16.55 10.37 18.37
C GLY A 94 17.72 9.63 17.74
N ASP A 95 17.57 9.34 16.45
CA ASP A 95 18.62 8.68 15.68
C ASP A 95 19.74 9.70 15.34
N THR A 96 21.01 9.26 15.39
CA THR A 96 22.17 10.17 15.32
C THR A 96 22.79 10.36 13.94
N GLY A 97 22.22 9.75 12.91
CA GLY A 97 22.77 9.85 11.55
C GLY A 97 22.44 8.70 10.65
N ASP A 98 22.84 7.50 11.03
CA ASP A 98 22.79 6.39 10.08
C ASP A 98 21.49 5.55 10.04
N GLY A 99 20.49 5.92 10.84
CA GLY A 99 19.21 5.22 10.81
C GLY A 99 19.15 3.99 11.69
N ILE A 100 20.28 3.60 12.28
CA ILE A 100 20.18 2.70 13.40
C ILE A 100 20.38 3.57 14.63
N THR A 101 21.53 4.21 14.67
CA THR A 101 22.14 4.67 15.89
C THR A 101 21.35 5.79 16.55
N MET A 102 20.68 5.41 17.62
CA MET A 102 19.87 6.34 18.35
C MET A 102 20.38 6.60 19.75
N MET A 103 19.92 7.71 20.31
CA MET A 103 20.21 8.13 21.66
C MET A 103 18.91 8.70 22.27
N GLY A 104 18.69 8.49 23.57
CA GLY A 104 17.58 9.13 24.27
C GLY A 104 17.88 10.60 24.54
N ASN A 105 16.87 11.36 24.96
CA ASN A 105 17.17 12.65 25.57
C ASN A 105 18.14 12.35 26.72
N GLY A 106 19.26 13.07 26.75
CA GLY A 106 20.26 12.85 27.81
C GLY A 106 21.07 11.56 27.67
N GLY A 107 20.92 10.85 26.56
CA GLY A 107 21.70 9.62 26.33
C GLY A 107 23.21 9.89 26.23
N LEU A 108 23.57 11.15 25.99
CA LEU A 108 24.97 11.58 26.03
C LEU A 108 25.61 11.20 27.37
N GLU A 109 24.84 11.27 28.47
CA GLU A 109 25.36 10.89 29.79
C GLU A 109 25.94 9.48 29.73
N ILE A 110 25.21 8.57 29.08
CA ILE A 110 25.65 7.17 28.99
C ILE A 110 26.84 7.04 28.05
N ALA A 111 26.80 7.74 26.91
CA ALA A 111 27.93 7.67 25.99
C ALA A 111 29.21 8.18 26.67
N ARG A 112 29.12 9.26 27.46
CA ARG A 112 30.25 9.70 28.28
C ARG A 112 30.74 8.65 29.28
N LEU A 113 29.81 7.96 29.94
CA LEU A 113 30.18 6.96 30.95
C LEU A 113 30.80 5.72 30.29
N SER A 114 30.36 5.42 29.07
CA SER A 114 30.94 4.31 28.32
C SER A 114 32.41 4.62 27.92
N ALA A 115 32.63 5.78 27.29
CA ALA A 115 34.00 6.19 26.94
C ALA A 115 34.87 6.37 28.21
N GLY A 116 34.30 7.00 29.23
CA GLY A 116 35.01 7.26 30.51
C GLY A 116 35.31 5.99 31.30
N GLY A 117 34.47 4.97 31.15
CA GLY A 117 34.75 3.64 31.70
C GLY A 117 36.06 3.10 31.11
N ALA A 118 36.21 3.20 29.80
CA ALA A 118 37.43 2.75 29.11
C ALA A 118 38.64 3.59 29.55
N VAL A 119 38.43 4.90 29.64
CA VAL A 119 39.51 5.81 30.09
C VAL A 119 39.96 5.52 31.53
N GLU A 120 38.99 5.41 32.45
CA GLU A 120 39.32 5.16 33.85
C GLU A 120 40.09 3.88 34.05
N LEU A 121 39.66 2.82 33.38
CA LEU A 121 40.34 1.55 33.52
C LEU A 121 41.77 1.68 32.95
N THR A 122 41.89 2.38 31.82
CA THR A 122 43.17 2.61 31.16
C THR A 122 44.08 3.37 32.11
N ARG A 123 43.59 4.44 32.73
CA ARG A 123 44.39 5.24 33.65
C ARG A 123 44.97 4.38 34.78
N ARG A 124 44.12 3.55 35.38
CA ARG A 124 44.51 2.78 36.57
C ARG A 124 45.36 1.55 36.26
N VAL A 125 45.24 1.02 35.04
CA VAL A 125 46.18 -0.03 34.58
C VAL A 125 47.54 0.60 34.29
N ALA A 126 47.55 1.79 33.70
CA ALA A 126 48.80 2.49 33.43
C ALA A 126 49.58 2.89 34.69
N THR A 127 48.89 3.32 35.74
CA THR A 127 49.57 3.64 37.02
C THR A 127 50.16 2.44 37.76
N GLY A 128 49.83 1.23 37.31
CA GLY A 128 50.26 0.02 37.99
C GLY A 128 49.38 -0.26 39.20
N GLU A 129 48.33 0.53 39.40
CA GLU A 129 47.33 0.19 40.41
C GLU A 129 46.70 -1.16 40.08
N LEU A 130 46.34 -1.36 38.81
CA LEU A 130 45.76 -2.63 38.36
C LEU A 130 46.71 -3.25 37.34
N SER A 131 46.68 -4.57 37.21
CA SER A 131 47.54 -5.23 36.24
C SER A 131 46.85 -5.26 34.88
N ALA A 132 45.51 -5.34 34.90
CA ALA A 132 44.73 -5.47 33.67
C ALA A 132 43.26 -5.17 34.03
N GLY A 133 42.37 -5.13 33.05
CA GLY A 133 40.95 -5.01 33.40
C GLY A 133 40.03 -5.26 32.22
N TYR A 134 38.72 -5.35 32.52
CA TYR A 134 37.70 -5.45 31.48
C TYR A 134 36.67 -4.37 31.75
N ALA A 135 36.45 -3.50 30.76
CA ALA A 135 35.42 -2.47 30.87
C ALA A 135 34.21 -2.92 30.06
N LEU A 136 33.19 -3.36 30.80
CA LEU A 136 31.96 -3.86 30.18
C LEU A 136 31.04 -2.71 29.80
N VAL A 137 31.45 -1.93 28.80
CA VAL A 137 30.75 -0.71 28.51
C VAL A 137 29.65 -0.88 27.48
N ASN A 138 28.79 0.13 27.39
CA ASN A 138 27.71 0.19 26.39
C ASN A 138 27.22 1.64 26.46
N PRO A 139 27.04 2.30 25.31
CA PRO A 139 27.13 1.81 23.93
C PRO A 139 28.58 1.51 23.46
N PRO A 140 28.71 0.73 22.37
CA PRO A 140 29.98 0.30 21.85
C PRO A 140 30.65 1.44 21.08
N GLY A 141 31.84 1.20 20.52
CA GLY A 141 32.65 2.32 19.99
C GLY A 141 33.23 2.22 18.58
N HIS A 142 33.50 1.01 18.11
CA HIS A 142 34.54 0.88 17.05
C HIS A 142 34.13 1.36 15.65
N HIS A 143 32.83 1.52 15.40
CA HIS A 143 32.37 2.10 14.13
C HIS A 143 32.39 3.63 14.07
N ALA A 144 32.44 4.30 15.22
CA ALA A 144 32.39 5.75 15.21
C ALA A 144 33.74 6.30 14.74
N PRO A 145 33.77 6.94 13.55
CA PRO A 145 35.01 7.54 13.01
C PRO A 145 35.22 8.93 13.60
N HIS A 146 36.21 9.69 13.12
CA HIS A 146 36.60 10.95 13.76
C HIS A 146 35.42 11.90 13.86
N ASN A 147 34.62 11.94 12.79
CA ASN A 147 33.58 12.96 12.64
C ASN A 147 32.12 12.45 12.59
N ALA A 148 31.84 11.29 13.19
CA ALA A 148 30.46 10.71 13.18
C ALA A 148 30.17 9.64 14.26
N ALA A 149 28.86 9.40 14.48
CA ALA A 149 28.32 8.21 15.16
C ALA A 149 27.96 7.22 14.08
N MET A 150 28.05 5.92 14.37
CA MET A 150 27.74 4.90 13.37
C MET A 150 27.54 3.52 14.01
N GLY A 151 26.67 2.72 13.40
CA GLY A 151 26.50 1.30 13.80
C GLY A 151 26.43 1.07 15.31
N PHE A 152 25.55 1.83 15.97
CA PHE A 152 25.29 1.76 17.45
C PHE A 152 26.35 2.49 18.29
N CYS A 153 27.37 3.02 17.63
CA CYS A 153 28.47 3.67 18.34
C CYS A 153 28.34 5.19 18.32
N ILE A 154 28.38 5.78 19.51
CA ILE A 154 28.33 7.25 19.66
C ILE A 154 29.74 7.84 19.66
N PHE A 155 30.59 7.35 20.57
CA PHE A 155 32.01 7.66 20.62
C PHE A 155 32.83 6.39 20.54
N ASN A 156 34.02 6.54 19.96
CA ASN A 156 34.91 5.42 19.78
C ASN A 156 35.66 5.25 21.10
N ASN A 157 35.10 4.42 21.99
CA ASN A 157 35.66 4.25 23.35
C ASN A 157 37.13 3.89 23.39
N THR A 158 37.55 2.93 22.58
CA THR A 158 38.94 2.48 22.67
C THR A 158 39.88 3.60 22.15
N SER A 159 39.40 4.38 21.19
CA SER A 159 40.21 5.51 20.66
C SER A 159 40.30 6.66 21.67
N VAL A 160 39.21 6.92 22.40
CA VAL A 160 39.25 7.89 23.47
C VAL A 160 40.25 7.44 24.53
N ALA A 161 40.24 6.14 24.86
CA ALA A 161 41.18 5.58 25.84
C ALA A 161 42.63 5.71 25.35
N ALA A 162 42.84 5.34 24.10
CA ALA A 162 44.18 5.39 23.48
C ALA A 162 44.67 6.84 23.33
N GLY A 163 43.76 7.76 23.01
CA GLY A 163 44.07 9.22 23.00
C GLY A 163 44.51 9.74 24.38
N TYR A 164 43.84 9.25 25.42
CA TYR A 164 44.20 9.56 26.80
C TYR A 164 45.58 9.00 27.18
N ALA A 165 45.85 7.75 26.80
CA ALA A 165 47.11 7.08 27.12
C ALA A 165 48.25 7.83 26.42
N ARG A 166 47.96 8.34 25.23
CA ARG A 166 48.95 9.06 24.42
C ARG A 166 49.27 10.43 24.99
N ALA A 167 48.25 11.27 25.09
CA ALA A 167 48.37 12.67 25.49
C ALA A 167 48.55 12.90 26.98
N VAL A 168 47.89 12.10 27.81
CA VAL A 168 47.89 12.35 29.24
C VAL A 168 48.96 11.52 29.91
N LEU A 169 49.03 10.24 29.56
CA LEU A 169 49.99 9.36 30.22
C LEU A 169 51.37 9.40 29.55
N GLY A 170 51.45 9.95 28.34
CA GLY A 170 52.72 10.12 27.63
C GLY A 170 53.25 8.86 26.97
N MET A 171 52.37 7.89 26.74
CA MET A 171 52.78 6.68 26.03
C MET A 171 53.04 7.05 24.59
N GLU A 172 54.09 6.47 24.01
CA GLU A 172 54.45 6.79 22.63
C GLU A 172 53.72 5.90 21.63
N ARG A 173 53.41 4.68 22.08
CA ARG A 173 52.79 3.68 21.23
C ARG A 173 51.70 2.88 21.96
N VAL A 174 50.53 2.82 21.33
CA VAL A 174 49.39 2.04 21.85
C VAL A 174 48.89 1.16 20.70
N ALA A 175 48.47 -0.06 21.03
CA ALA A 175 47.83 -0.93 20.05
C ALA A 175 46.35 -1.14 20.42
N ILE A 176 45.50 -1.08 19.40
CA ILE A 176 44.09 -1.47 19.55
C ILE A 176 43.82 -2.68 18.67
N LEU A 177 43.54 -3.80 19.35
CA LEU A 177 43.23 -5.05 18.69
C LEU A 177 41.70 -5.28 18.77
N ASP A 178 41.07 -5.36 17.61
CA ASP A 178 39.60 -5.39 17.56
C ASP A 178 39.12 -6.76 17.02
N TRP A 179 38.57 -7.59 17.90
CA TRP A 179 38.09 -8.89 17.41
C TRP A 179 36.57 -9.01 17.41
N ASP A 180 35.90 -7.88 17.59
CA ASP A 180 34.49 -7.79 17.24
C ASP A 180 34.40 -8.25 15.77
N VAL A 181 33.36 -9.00 15.43
CA VAL A 181 33.26 -9.67 14.13
C VAL A 181 33.11 -8.70 12.94
N HIS A 182 32.75 -7.45 13.24
CA HIS A 182 32.56 -6.39 12.23
C HIS A 182 33.82 -5.54 12.13
N HIS A 183 34.00 -4.90 10.99
CA HIS A 183 35.21 -4.08 10.79
C HIS A 183 35.21 -2.85 11.71
N GLY A 184 36.34 -2.60 12.41
CA GLY A 184 36.52 -1.39 13.22
C GLY A 184 36.88 -0.19 12.35
N ASN A 185 35.92 0.21 11.52
CA ASN A 185 36.17 1.27 10.52
C ASN A 185 36.38 2.61 11.21
N GLY A 186 35.73 2.79 12.37
CA GLY A 186 35.86 4.05 13.10
C GLY A 186 37.26 4.25 13.62
N THR A 187 37.78 3.19 14.24
CA THR A 187 39.11 3.19 14.82
C THR A 187 40.15 3.37 13.72
N GLN A 188 39.89 2.74 12.58
CA GLN A 188 40.82 2.80 11.47
C GLN A 188 40.92 4.23 10.94
N ASP A 189 39.76 4.89 10.83
CA ASP A 189 39.66 6.28 10.39
C ASP A 189 40.42 7.21 11.35
N ILE A 190 40.20 7.03 12.65
CA ILE A 190 40.73 7.98 13.62
C ILE A 190 42.25 8.00 13.61
N TRP A 191 42.86 6.82 13.55
CA TRP A 191 44.32 6.74 13.64
C TRP A 191 45.01 6.58 12.27
N TRP A 192 44.23 6.77 11.20
CA TRP A 192 44.65 6.48 9.82
C TRP A 192 46.06 7.00 9.46
N ASN A 193 46.33 8.26 9.79
CA ASN A 193 47.62 8.89 9.45
C ASN A 193 48.65 8.78 10.56
N ASP A 194 48.34 7.97 11.57
CA ASP A 194 49.07 8.05 12.84
C ASP A 194 49.72 6.72 13.24
N PRO A 195 51.07 6.63 13.17
CA PRO A 195 51.81 5.40 13.52
C PRO A 195 51.88 5.10 15.02
N SER A 196 51.39 6.03 15.84
CA SER A 196 51.53 5.94 17.30
C SER A 196 50.39 5.11 17.93
N VAL A 197 49.43 4.73 17.10
CA VAL A 197 48.35 3.84 17.51
C VAL A 197 48.20 2.81 16.39
N LEU A 198 48.68 1.61 16.66
CA LEU A 198 48.56 0.53 15.71
C LEU A 198 47.14 -0.03 15.81
N THR A 199 46.40 0.06 14.71
CA THR A 199 45.02 -0.42 14.71
C THR A 199 44.89 -1.74 13.97
N ILE A 200 44.38 -2.76 14.65
CA ILE A 200 44.20 -4.07 14.03
C ILE A 200 42.73 -4.52 14.14
N SER A 201 42.16 -4.95 13.02
CA SER A 201 40.81 -5.51 13.03
C SER A 201 40.73 -6.87 12.35
N LEU A 202 40.22 -7.88 13.07
CA LEU A 202 39.78 -9.12 12.49
C LEU A 202 38.28 -8.98 12.29
N HIS A 203 37.77 -9.46 11.16
CA HIS A 203 36.31 -9.38 10.92
C HIS A 203 35.86 -10.30 9.81
N GLN A 204 34.58 -10.64 9.81
CA GLN A 204 33.97 -11.29 8.67
C GLN A 204 34.00 -10.30 7.51
N HIS A 205 34.56 -10.71 6.37
CA HIS A 205 34.72 -9.79 5.24
C HIS A 205 33.38 -9.18 4.78
N LEU A 206 33.30 -7.84 4.79
CA LEU A 206 32.15 -7.10 4.24
C LEU A 206 30.83 -7.36 5.02
N CYS A 207 30.97 -7.75 6.28
CA CYS A 207 29.79 -7.99 7.10
C CYS A 207 29.18 -6.62 7.48
N PHE A 208 29.98 -5.79 8.14
CA PHE A 208 29.60 -4.39 8.40
C PHE A 208 30.82 -3.57 8.84
N PRO A 209 30.99 -2.36 8.29
CA PRO A 209 30.13 -1.75 7.26
C PRO A 209 30.36 -2.33 5.87
N PRO A 210 29.46 -2.00 4.92
CA PRO A 210 29.71 -2.54 3.57
C PRO A 210 30.94 -1.84 2.96
N ASP A 211 31.59 -2.49 2.01
CA ASP A 211 32.74 -1.88 1.32
C ASP A 211 33.79 -1.27 2.23
N SER A 212 34.12 -1.99 3.30
CA SER A 212 35.04 -1.52 4.30
C SER A 212 35.86 -2.70 4.78
N GLY A 213 37.10 -2.46 5.22
CA GLY A 213 37.87 -3.51 5.91
C GLY A 213 38.70 -4.43 5.03
N TYR A 214 38.88 -4.04 3.77
CA TYR A 214 39.83 -4.73 2.89
C TYR A 214 41.25 -4.62 3.44
N SER A 215 42.07 -5.63 3.15
CA SER A 215 43.45 -5.67 3.64
C SER A 215 44.36 -4.63 2.97
N THR A 216 43.89 -4.07 1.85
CA THR A 216 44.53 -2.91 1.18
C THR A 216 44.49 -1.59 1.97
N GLU A 217 43.64 -1.51 3.00
CA GLU A 217 43.49 -0.31 3.80
C GLU A 217 44.55 -0.33 4.89
N ARG A 218 45.63 0.41 4.65
CA ARG A 218 46.88 0.23 5.40
C ARG A 218 47.34 1.50 6.11
N GLY A 219 46.51 2.54 6.05
CA GLY A 219 46.86 3.82 6.66
C GLY A 219 47.47 4.70 5.56
N ALA A 220 47.89 5.90 5.93
CA ALA A 220 48.50 6.85 4.99
C ALA A 220 49.58 7.68 5.66
N GLY A 221 50.55 8.11 4.86
CA GLY A 221 51.63 8.94 5.38
C GLY A 221 52.47 8.21 6.41
N ASN A 222 52.75 8.90 7.51
CA ASN A 222 53.49 8.30 8.61
C ASN A 222 52.75 7.11 9.20
N GLY A 223 51.42 7.09 9.01
CA GLY A 223 50.57 5.99 9.46
C GLY A 223 50.51 4.80 8.51
N HIS A 224 51.11 4.93 7.31
CA HIS A 224 51.14 3.78 6.40
C HIS A 224 51.85 2.56 7.00
N GLY A 225 51.13 1.45 7.04
CA GLY A 225 51.61 0.21 7.66
C GLY A 225 51.20 0.03 9.12
N TYR A 226 50.41 0.97 9.66
CA TYR A 226 50.02 0.93 11.08
C TYR A 226 48.51 0.73 11.26
N ASN A 227 47.89 0.23 10.20
CA ASN A 227 46.53 -0.29 10.22
C ASN A 227 46.54 -1.61 9.50
N ILE A 228 46.00 -2.65 10.14
CA ILE A 228 46.00 -3.97 9.59
C ILE A 228 44.58 -4.57 9.73
N ASN A 229 43.94 -4.85 8.60
CA ASN A 229 42.67 -5.59 8.52
C ASN A 229 42.91 -7.05 8.15
N VAL A 230 42.22 -7.95 8.85
CA VAL A 230 42.25 -9.37 8.55
C VAL A 230 40.82 -9.79 8.26
N PRO A 231 40.31 -9.54 7.03
CA PRO A 231 38.97 -9.98 6.68
C PRO A 231 38.96 -11.50 6.52
N LEU A 232 37.99 -12.15 7.14
CA LEU A 232 37.91 -13.62 7.15
C LEU A 232 36.60 -14.07 6.50
N PRO A 233 36.56 -15.28 5.90
CA PRO A 233 35.28 -15.67 5.27
C PRO A 233 34.20 -16.10 6.27
N PRO A 234 32.92 -15.88 5.89
CA PRO A 234 31.80 -16.47 6.64
C PRO A 234 32.08 -17.93 6.96
N GLY A 235 31.71 -18.36 8.17
CA GLY A 235 31.86 -19.73 8.60
C GLY A 235 33.16 -20.02 9.34
N SER A 236 34.05 -19.02 9.38
CA SER A 236 35.36 -19.14 10.09
C SER A 236 35.10 -19.37 11.59
N GLY A 237 35.85 -20.28 12.20
CA GLY A 237 35.66 -20.64 13.61
C GLY A 237 36.95 -20.48 14.41
N ASN A 238 37.05 -21.25 15.48
CA ASN A 238 38.21 -21.18 16.37
C ASN A 238 39.54 -21.36 15.62
N ALA A 239 39.59 -22.30 14.69
CA ALA A 239 40.82 -22.61 13.98
C ALA A 239 41.32 -21.39 13.19
N ALA A 240 40.42 -20.74 12.44
CA ALA A 240 40.80 -19.61 11.60
C ALA A 240 41.20 -18.44 12.50
N TYR A 241 40.42 -18.22 13.55
CA TYR A 241 40.71 -17.11 14.45
C TYR A 241 42.05 -17.29 15.17
N LEU A 242 42.34 -18.50 15.65
CA LEU A 242 43.58 -18.70 16.38
C LEU A 242 44.80 -18.68 15.43
N HIS A 243 44.58 -19.09 14.18
CA HIS A 243 45.60 -19.00 13.15
C HIS A 243 45.89 -17.53 12.86
N ALA A 244 44.84 -16.70 12.78
CA ALA A 244 45.05 -15.25 12.58
C ALA A 244 45.80 -14.65 13.74
N MET A 245 45.46 -15.06 14.97
CA MET A 245 46.19 -14.60 16.15
C MET A 245 47.70 -14.94 16.03
N ASP A 246 47.95 -16.20 15.70
CA ASP A 246 49.32 -16.72 15.71
C ASP A 246 50.17 -16.19 14.56
N GLN A 247 49.56 -16.06 13.37
CA GLN A 247 50.30 -15.68 12.17
C GLN A 247 50.38 -14.19 11.95
N VAL A 248 49.40 -13.43 12.44
CA VAL A 248 49.29 -12.00 12.18
C VAL A 248 49.28 -11.15 13.46
N VAL A 249 48.31 -11.39 14.34
CA VAL A 249 48.11 -10.46 15.44
C VAL A 249 49.29 -10.41 16.38
N LEU A 250 49.70 -11.57 16.86
CA LEU A 250 50.72 -11.61 17.88
C LEU A 250 52.07 -11.18 17.28
N PRO A 251 52.42 -11.65 16.05
CA PRO A 251 53.61 -11.10 15.39
C PRO A 251 53.56 -9.58 15.21
N ALA A 252 52.39 -9.04 14.85
CA ALA A 252 52.25 -7.57 14.71
C ALA A 252 52.53 -6.82 16.03
N LEU A 253 51.93 -7.29 17.11
CA LEU A 253 52.11 -6.66 18.41
C LEU A 253 53.57 -6.73 18.85
N ARG A 254 54.19 -7.90 18.70
CA ARG A 254 55.58 -8.10 19.09
C ARG A 254 56.51 -7.18 18.26
N ALA A 255 56.20 -7.05 16.96
CA ALA A 255 56.95 -6.14 16.07
C ALA A 255 56.78 -4.67 16.44
N TYR A 256 55.58 -4.30 16.82
CA TYR A 256 55.24 -2.89 17.07
C TYR A 256 55.69 -2.41 18.45
N ARG A 257 55.71 -3.30 19.42
CA ARG A 257 56.08 -2.93 20.79
C ARG A 257 55.21 -1.82 21.41
N PRO A 258 53.90 -2.08 21.54
CA PRO A 258 53.06 -1.07 22.19
C PRO A 258 53.41 -0.99 23.68
N GLN A 259 53.15 0.15 24.30
CA GLN A 259 53.27 0.28 25.77
C GLN A 259 51.98 -0.18 26.47
N LEU A 260 50.92 -0.34 25.67
CA LEU A 260 49.62 -0.72 26.19
C LEU A 260 48.87 -1.39 25.05
N ILE A 261 48.17 -2.47 25.38
CA ILE A 261 47.29 -3.14 24.42
C ILE A 261 45.84 -2.94 24.87
N ILE A 262 45.02 -2.41 23.98
CA ILE A 262 43.61 -2.23 24.27
C ILE A 262 42.90 -3.21 23.35
N VAL A 263 41.95 -4.03 23.87
CA VAL A 263 41.26 -4.97 23.03
C VAL A 263 39.80 -4.52 22.92
N GLY A 264 39.34 -4.34 21.68
CA GLY A 264 37.93 -4.03 21.40
C GLY A 264 37.32 -5.40 21.34
N SER A 265 36.76 -5.80 22.47
CA SER A 265 36.33 -7.16 22.70
C SER A 265 34.84 -7.29 22.43
N GLY A 266 34.52 -7.64 21.18
CA GLY A 266 33.15 -8.04 20.82
C GLY A 266 33.05 -9.57 20.84
N PHE A 267 31.83 -10.09 21.01
CA PHE A 267 31.60 -11.53 20.97
C PHE A 267 30.63 -11.91 19.88
N ASP A 268 30.46 -11.00 18.92
CA ASP A 268 29.56 -11.29 17.78
C ASP A 268 30.13 -12.27 16.74
N ALA A 269 31.37 -12.73 16.95
CA ALA A 269 31.93 -13.81 16.14
C ALA A 269 31.44 -15.16 16.67
N SER A 270 30.65 -15.14 17.75
CA SER A 270 30.27 -16.41 18.34
C SER A 270 29.37 -17.24 17.41
N MET A 271 29.36 -18.55 17.69
CA MET A 271 28.57 -19.56 16.93
C MET A 271 27.07 -19.25 16.85
N LEU A 272 26.55 -18.50 17.82
CA LEU A 272 25.11 -18.29 17.92
C LEU A 272 24.69 -16.84 17.67
N ASP A 273 25.59 -16.03 17.14
CA ASP A 273 25.25 -14.63 16.98
C ASP A 273 24.38 -14.40 15.73
N PRO A 274 23.32 -13.58 15.85
CA PRO A 274 22.52 -13.26 14.65
C PRO A 274 23.20 -12.33 13.67
N LEU A 275 24.16 -11.50 14.13
CA LEU A 275 24.70 -10.43 13.28
C LEU A 275 26.04 -10.73 12.56
N ALA A 276 26.44 -11.99 12.55
CA ALA A 276 27.53 -12.48 11.71
C ALA A 276 27.39 -14.00 11.56
N ARG A 277 28.26 -14.58 10.75
CA ARG A 277 28.14 -15.99 10.32
C ARG A 277 29.37 -16.80 10.76
N MET A 278 30.01 -16.35 11.82
CA MET A 278 31.22 -17.00 12.31
C MET A 278 30.94 -18.07 13.37
N MET A 279 31.97 -18.84 13.71
CA MET A 279 31.74 -20.07 14.49
C MET A 279 32.64 -20.18 15.74
N VAL A 280 33.00 -19.04 16.31
CA VAL A 280 33.86 -19.01 17.48
C VAL A 280 33.03 -19.44 18.69
N THR A 281 33.60 -20.29 19.53
CA THR A 281 32.94 -20.66 20.77
C THR A 281 33.61 -19.98 21.97
N ALA A 282 33.02 -20.14 23.16
CA ALA A 282 33.60 -19.54 24.36
C ALA A 282 35.04 -20.00 24.52
N ASP A 283 35.30 -21.29 24.26
CA ASP A 283 36.70 -21.75 24.33
C ASP A 283 37.64 -21.02 23.34
N GLY A 284 37.12 -20.67 22.15
CA GLY A 284 37.89 -19.85 21.21
C GLY A 284 38.22 -18.49 21.76
N PHE A 285 37.22 -17.80 22.30
CA PHE A 285 37.46 -16.48 22.91
C PHE A 285 38.43 -16.61 24.08
N ARG A 286 38.28 -17.71 24.84
CA ARG A 286 39.19 -17.97 25.97
C ARG A 286 40.64 -18.00 25.47
N GLN A 287 40.91 -18.76 24.42
CA GLN A 287 42.25 -18.91 23.87
C GLN A 287 42.77 -17.59 23.27
N MET A 288 41.88 -16.84 22.62
CA MET A 288 42.25 -15.50 22.10
C MET A 288 42.66 -14.56 23.21
N ALA A 289 41.90 -14.55 24.30
CA ALA A 289 42.19 -13.71 25.45
C ALA A 289 43.49 -14.18 26.12
N ARG A 290 43.63 -15.49 26.30
CA ARG A 290 44.83 -16.03 26.91
C ARG A 290 46.08 -15.58 26.12
N ARG A 291 46.07 -15.82 24.81
CA ARG A 291 47.22 -15.43 23.99
C ARG A 291 47.54 -13.93 24.10
N THR A 292 46.51 -13.09 24.13
CA THR A 292 46.75 -11.65 24.08
C THR A 292 47.29 -11.14 25.42
N ILE A 293 46.71 -11.66 26.49
CA ILE A 293 47.17 -11.38 27.84
C ILE A 293 48.63 -11.80 28.01
N ASP A 294 48.95 -13.02 27.59
CA ASP A 294 50.34 -13.54 27.66
C ASP A 294 51.30 -12.65 26.82
N CYS A 295 50.86 -12.25 25.63
CA CYS A 295 51.61 -11.31 24.84
C CYS A 295 51.89 -10.01 25.61
N ALA A 296 50.87 -9.41 26.21
CA ALA A 296 51.07 -8.20 27.00
C ALA A 296 52.08 -8.44 28.15
N ALA A 297 52.00 -9.59 28.79
CA ALA A 297 52.94 -9.91 29.87
C ALA A 297 54.37 -9.85 29.36
N ASP A 298 54.58 -10.38 28.15
CA ASP A 298 55.90 -10.42 27.52
C ASP A 298 56.43 -9.10 27.03
N ILE A 299 55.55 -8.26 26.49
CA ILE A 299 56.04 -7.07 25.79
C ILE A 299 55.75 -5.71 26.43
N CYS A 300 54.70 -5.61 27.24
CA CYS A 300 54.40 -4.33 27.87
C CYS A 300 53.96 -4.45 29.32
N ASP A 301 54.68 -5.29 30.08
CA ASP A 301 54.49 -5.40 31.53
C ASP A 301 53.05 -5.78 31.88
N GLY A 302 52.40 -6.55 31.01
CA GLY A 302 51.05 -7.03 31.26
C GLY A 302 49.96 -5.98 31.11
N ARG A 303 50.30 -4.81 30.57
CA ARG A 303 49.31 -3.72 30.49
C ARG A 303 48.32 -3.97 29.34
N ILE A 304 47.16 -4.48 29.72
CA ILE A 304 46.10 -4.86 28.77
C ILE A 304 44.74 -4.42 29.33
N VAL A 305 43.96 -3.74 28.49
CA VAL A 305 42.63 -3.27 28.88
C VAL A 305 41.65 -3.80 27.83
N PHE A 306 40.67 -4.60 28.26
CA PHE A 306 39.61 -5.08 27.35
C PHE A 306 38.47 -4.09 27.46
N VAL A 307 37.84 -3.76 26.34
CA VAL A 307 36.71 -2.82 26.31
C VAL A 307 35.60 -3.44 25.42
N GLN A 308 34.39 -3.53 25.98
CA GLN A 308 33.33 -4.27 25.31
C GLN A 308 32.95 -3.59 23.99
N GLU A 309 32.86 -4.39 22.93
CA GLU A 309 32.24 -3.94 21.68
C GLU A 309 30.88 -4.67 21.49
N GLY A 310 30.67 -5.28 20.33
CA GLY A 310 29.37 -5.89 20.03
C GLY A 310 29.19 -7.32 20.56
N GLY A 311 28.18 -8.00 20.04
CA GLY A 311 27.73 -9.32 20.55
C GLY A 311 26.24 -9.23 20.81
N TYR A 312 25.49 -10.17 20.24
CA TYR A 312 24.03 -10.06 20.13
C TYR A 312 23.26 -11.32 20.58
N SER A 313 23.95 -12.34 21.09
CA SER A 313 23.25 -13.51 21.65
C SER A 313 23.07 -13.34 23.17
N PRO A 314 21.84 -13.05 23.64
CA PRO A 314 21.66 -12.97 25.10
C PRO A 314 21.92 -14.33 25.77
N HIS A 315 21.73 -15.39 24.98
CA HIS A 315 21.88 -16.78 25.46
C HIS A 315 23.35 -17.10 25.69
N TYR A 316 24.18 -16.81 24.68
CA TYR A 316 25.54 -17.36 24.66
C TYR A 316 26.61 -16.31 24.95
N LEU A 317 26.35 -15.06 24.61
CA LEU A 317 27.38 -14.00 24.89
C LEU A 317 27.91 -14.03 26.34
N PRO A 318 27.00 -14.21 27.33
CA PRO A 318 27.52 -14.16 28.71
C PRO A 318 28.63 -15.20 28.93
N PHE A 319 28.49 -16.40 28.37
CA PHE A 319 29.56 -17.42 28.52
C PHE A 319 30.87 -17.12 27.77
N CYS A 320 30.74 -16.45 26.62
CA CYS A 320 31.92 -16.04 25.86
C CYS A 320 32.67 -14.95 26.66
N GLY A 321 31.92 -13.98 27.19
CA GLY A 321 32.53 -12.94 28.01
C GLY A 321 33.10 -13.48 29.32
N LEU A 322 32.38 -14.43 29.95
CA LEU A 322 32.87 -14.99 31.21
C LEU A 322 34.21 -15.67 30.99
N ALA A 323 34.36 -16.35 29.86
CA ALA A 323 35.64 -17.01 29.51
C ALA A 323 36.81 -16.02 29.50
N VAL A 324 36.61 -14.84 28.90
CA VAL A 324 37.64 -13.78 28.89
C VAL A 324 37.96 -13.30 30.32
N ILE A 325 36.92 -13.02 31.09
CA ILE A 325 37.07 -12.63 32.49
C ILE A 325 37.90 -13.68 33.30
N GLU A 326 37.60 -14.97 33.08
CA GLU A 326 38.28 -16.06 33.79
C GLU A 326 39.75 -16.08 33.41
N GLU A 327 40.07 -15.70 32.16
CA GLU A 327 41.48 -15.64 31.74
C GLU A 327 42.20 -14.50 32.42
N LEU A 328 41.46 -13.44 32.71
CA LEU A 328 42.05 -12.30 33.43
C LEU A 328 42.25 -12.63 34.90
N THR A 329 41.26 -13.25 35.55
CA THR A 329 41.37 -13.53 37.00
C THR A 329 42.24 -14.76 37.30
N GLY A 330 42.32 -15.66 36.33
CA GLY A 330 42.93 -16.96 36.55
C GLY A 330 42.11 -17.92 37.40
N VAL A 331 40.84 -17.61 37.59
CA VAL A 331 39.96 -18.45 38.38
C VAL A 331 38.90 -18.99 37.41
N ARG A 332 38.86 -20.31 37.27
CA ARG A 332 37.97 -20.90 36.26
C ARG A 332 36.81 -21.59 36.92
N SER A 333 35.73 -20.83 37.10
CA SER A 333 34.55 -21.12 37.93
C SER A 333 33.45 -22.00 37.32
N LEU A 334 33.29 -21.97 36.00
CA LEU A 334 32.13 -22.58 35.39
C LEU A 334 32.45 -23.19 34.04
N PRO A 335 31.80 -24.31 33.69
CA PRO A 335 31.90 -24.78 32.29
C PRO A 335 31.06 -23.92 31.37
N ASP A 336 31.38 -23.96 30.06
CA ASP A 336 30.47 -23.44 29.04
C ASP A 336 29.41 -24.53 28.84
N PRO A 337 28.15 -24.27 29.26
CA PRO A 337 27.13 -25.32 29.22
C PRO A 337 26.69 -25.68 27.77
N TYR A 338 27.12 -24.88 26.79
CA TYR A 338 26.81 -25.11 25.37
C TYR A 338 27.93 -25.86 24.66
N HIS A 339 29.00 -26.15 25.39
CA HIS A 339 30.19 -26.70 24.75
C HIS A 339 29.92 -27.97 23.91
N GLU A 340 29.27 -28.97 24.50
CA GLU A 340 29.02 -30.25 23.81
C GLU A 340 28.16 -30.00 22.55
N PHE A 341 27.14 -29.16 22.72
CA PHE A 341 26.20 -28.83 21.67
C PHE A 341 26.86 -28.15 20.46
N LEU A 342 27.71 -27.15 20.74
CA LEU A 342 28.39 -26.36 19.68
C LEU A 342 29.62 -27.04 19.07
N ALA A 343 30.27 -27.89 19.84
CA ALA A 343 31.54 -28.48 19.46
C ALA A 343 31.42 -29.41 18.26
N GLY A 344 30.26 -29.99 18.01
CA GLY A 344 30.06 -30.84 16.83
C GLY A 344 29.84 -30.07 15.53
N MET A 345 29.53 -28.77 15.64
CA MET A 345 29.13 -27.99 14.46
C MET A 345 30.25 -27.64 13.50
N GLY A 346 31.49 -27.77 13.97
CA GLY A 346 32.62 -27.41 13.14
C GLY A 346 33.28 -26.08 13.47
N GLY A 347 34.16 -25.62 12.59
CA GLY A 347 34.90 -24.40 12.81
C GLY A 347 36.27 -24.66 13.38
N ASN A 348 36.51 -25.91 13.83
CA ASN A 348 37.75 -26.23 14.50
C ASN A 348 38.83 -26.78 13.60
N THR A 349 38.59 -26.74 12.31
CA THR A 349 39.56 -27.17 11.30
C THR A 349 39.86 -25.98 10.43
N LEU A 350 41.15 -25.70 10.25
CA LEU A 350 41.54 -24.56 9.42
C LEU A 350 41.30 -24.91 7.95
N LEU A 351 40.30 -24.28 7.34
CA LEU A 351 39.96 -24.57 5.96
C LEU A 351 40.93 -23.84 5.02
N ASP A 352 41.11 -24.37 3.81
CA ASP A 352 42.04 -23.71 2.87
C ASP A 352 41.74 -22.25 2.58
N ALA A 353 40.45 -21.91 2.45
CA ALA A 353 40.07 -20.56 2.11
C ALA A 353 40.38 -19.64 3.29
N GLU A 354 40.27 -20.17 4.50
CA GLU A 354 40.60 -19.41 5.74
C GLU A 354 42.10 -19.19 5.82
N ARG A 355 42.84 -20.26 5.59
CA ARG A 355 44.29 -20.21 5.62
C ARG A 355 44.76 -19.15 4.63
N ALA A 356 44.20 -19.17 3.42
CA ALA A 356 44.62 -18.25 2.36
C ALA A 356 44.32 -16.78 2.70
N ALA A 357 43.17 -16.52 3.32
CA ALA A 357 42.78 -15.17 3.70
C ALA A 357 43.78 -14.58 4.69
N ILE A 358 44.24 -15.42 5.61
CA ILE A 358 45.20 -14.98 6.64
C ILE A 358 46.61 -14.81 6.04
N GLU A 359 46.99 -15.72 5.15
CA GLU A 359 48.29 -15.62 4.47
C GLU A 359 48.48 -14.34 3.66
N GLU A 360 47.39 -13.77 3.13
CA GLU A 360 47.41 -12.52 2.37
C GLU A 360 47.92 -11.39 3.25
N ILE A 361 47.77 -11.56 4.58
CA ILE A 361 48.11 -10.50 5.50
C ILE A 361 49.55 -10.55 5.99
N VAL A 362 50.14 -11.75 6.01
CA VAL A 362 51.46 -11.94 6.60
C VAL A 362 52.54 -10.97 6.05
N PRO A 363 52.55 -10.71 4.73
CA PRO A 363 53.51 -9.73 4.14
C PRO A 363 53.45 -8.31 4.71
N LEU A 364 52.29 -7.90 5.21
CA LEU A 364 52.15 -6.58 5.79
C LEU A 364 52.98 -6.40 7.06
N LEU A 365 53.31 -7.50 7.74
CA LEU A 365 54.10 -7.42 8.97
C LEU A 365 55.45 -6.77 8.75
N ALA A 366 55.98 -6.96 7.54
CA ALA A 366 57.28 -6.40 7.13
C ALA A 366 57.37 -4.87 7.22
N ASP A 367 56.23 -4.19 7.19
CA ASP A 367 56.19 -2.73 7.24
C ASP A 367 56.04 -2.10 8.64
N ILE A 368 55.91 -2.94 9.66
CA ILE A 368 55.84 -2.45 11.05
C ILE A 368 57.25 -2.12 11.52
N ALA B 2 -39.48 27.03 15.68
CA ALA B 2 -40.32 27.21 14.46
C ALA B 2 -39.45 27.48 13.24
N ILE B 3 -39.57 26.59 12.26
CA ILE B 3 -38.78 26.64 11.02
C ILE B 3 -39.66 26.98 9.82
N GLY B 4 -39.38 28.11 9.18
CA GLY B 4 -40.21 28.63 8.09
C GLY B 4 -39.84 27.89 6.82
N TYR B 5 -40.78 27.77 5.90
CA TYR B 5 -40.50 27.13 4.63
C TYR B 5 -41.29 27.85 3.55
N VAL B 6 -40.60 28.28 2.51
CA VAL B 6 -41.24 28.95 1.40
C VAL B 6 -41.16 28.11 0.10
N TRP B 7 -42.34 27.83 -0.44
CA TRP B 7 -42.50 27.31 -1.79
C TRP B 7 -43.77 27.95 -2.38
N ASN B 8 -43.63 28.58 -3.53
CA ASN B 8 -44.77 29.14 -4.24
C ASN B 8 -44.87 28.34 -5.54
N THR B 9 -46.09 27.99 -5.94
CA THR B 9 -46.32 27.23 -7.17
C THR B 9 -45.57 27.77 -8.39
N LEU B 10 -45.54 29.09 -8.52
CA LEU B 10 -44.89 29.71 -9.67
C LEU B 10 -43.38 29.45 -9.76
N TYR B 11 -42.75 29.14 -8.63
CA TYR B 11 -41.34 28.74 -8.71
C TYR B 11 -41.14 27.52 -9.65
N GLY B 12 -42.20 26.72 -9.80
CA GLY B 12 -42.17 25.54 -10.65
C GLY B 12 -42.55 25.84 -12.08
N TRP B 13 -42.92 27.10 -12.36
CA TRP B 13 -43.44 27.45 -13.66
C TRP B 13 -42.45 28.31 -14.48
N VAL B 14 -41.26 28.53 -13.95
CA VAL B 14 -40.22 29.33 -14.65
C VAL B 14 -40.03 28.75 -16.04
N ASP B 15 -39.97 29.62 -17.06
CA ASP B 15 -39.89 29.16 -18.44
C ASP B 15 -38.46 29.23 -18.88
N THR B 16 -37.80 28.08 -18.98
CA THR B 16 -36.38 28.04 -19.30
C THR B 16 -36.17 27.90 -20.81
N GLY B 17 -37.25 27.99 -21.58
CA GLY B 17 -37.11 27.93 -23.06
C GLY B 17 -37.06 26.51 -23.60
N THR B 18 -36.52 26.35 -24.80
CA THR B 18 -36.43 25.02 -25.42
C THR B 18 -35.00 24.62 -25.71
N GLY B 19 -34.04 25.38 -25.18
CA GLY B 19 -32.61 25.06 -25.33
C GLY B 19 -32.06 24.24 -24.15
N SER B 20 -30.78 23.86 -24.25
CA SER B 20 -30.12 23.05 -23.22
C SER B 20 -29.48 23.94 -22.16
N LEU B 21 -29.00 25.09 -22.64
CA LEU B 21 -28.21 26.04 -21.83
C LEU B 21 -28.43 27.42 -22.47
N ALA B 22 -27.84 27.63 -23.65
CA ALA B 22 -28.27 28.70 -24.54
C ALA B 22 -29.51 28.17 -25.26
N ALA B 23 -30.13 29.02 -26.07
CA ALA B 23 -31.32 28.66 -26.83
C ALA B 23 -31.02 27.49 -27.79
N ALA B 24 -32.04 26.76 -28.21
CA ALA B 24 -31.84 25.83 -29.33
C ALA B 24 -31.39 26.68 -30.52
N ASN B 25 -30.62 26.11 -31.43
CA ASN B 25 -30.10 26.89 -32.57
C ASN B 25 -29.87 25.99 -33.74
N LEU B 26 -30.66 26.17 -34.79
CA LEU B 26 -30.59 25.27 -35.94
C LEU B 26 -29.28 25.34 -36.71
N THR B 27 -28.70 26.53 -36.87
CA THR B 27 -27.46 26.62 -37.63
C THR B 27 -26.31 25.95 -36.87
N ALA B 28 -26.32 26.07 -35.54
CA ALA B 28 -25.34 25.36 -34.68
C ALA B 28 -25.68 23.89 -34.54
N ARG B 29 -26.88 23.51 -34.99
CA ARG B 29 -27.45 22.16 -34.82
C ARG B 29 -27.55 21.72 -33.34
N MET B 30 -27.97 22.65 -32.48
CA MET B 30 -28.32 22.39 -31.11
C MET B 30 -29.81 22.12 -31.08
N GLN B 31 -30.14 20.83 -31.06
CA GLN B 31 -31.52 20.34 -31.13
C GLN B 31 -32.32 20.81 -29.90
N PRO B 32 -33.60 21.25 -30.12
CA PRO B 32 -34.45 21.62 -28.96
C PRO B 32 -34.59 20.44 -28.01
N ILE B 33 -34.86 20.72 -26.74
CA ILE B 33 -35.01 19.63 -25.77
C ILE B 33 -36.09 20.00 -24.76
N SER B 34 -36.75 19.00 -24.20
CA SER B 34 -37.86 19.21 -23.22
C SER B 34 -37.37 19.86 -21.92
N HIS B 35 -36.19 19.48 -21.47
CA HIS B 35 -35.68 19.97 -20.20
C HIS B 35 -34.34 20.62 -20.33
N HIS B 36 -34.35 21.95 -20.32
CA HIS B 36 -33.13 22.74 -20.21
C HIS B 36 -32.37 22.28 -18.94
N LEU B 37 -31.07 22.50 -18.88
CA LEU B 37 -30.33 22.10 -17.69
C LEU B 37 -30.96 22.65 -16.41
N ALA B 38 -31.43 23.90 -16.46
CA ALA B 38 -31.98 24.62 -15.28
C ALA B 38 -33.52 24.48 -15.13
N HIS B 39 -34.11 23.50 -15.84
CA HIS B 39 -35.56 23.32 -15.84
C HIS B 39 -36.09 23.27 -14.38
N PRO B 40 -37.25 23.90 -14.11
CA PRO B 40 -37.79 24.00 -12.75
C PRO B 40 -38.16 22.64 -12.08
N ASP B 41 -38.29 21.55 -12.85
CA ASP B 41 -38.67 20.27 -12.24
C ASP B 41 -37.71 19.83 -11.13
N THR B 42 -36.42 20.14 -11.29
CA THR B 42 -35.44 19.71 -10.29
C THR B 42 -35.79 20.28 -8.91
N LYS B 43 -36.04 21.58 -8.85
CA LYS B 43 -36.41 22.20 -7.58
C LYS B 43 -37.82 21.79 -7.14
N ARG B 44 -38.74 21.63 -8.10
CA ARG B 44 -40.08 21.13 -7.77
C ARG B 44 -40.01 19.75 -7.10
N ARG B 45 -39.19 18.85 -7.63
CA ARG B 45 -39.00 17.51 -7.01
C ARG B 45 -38.49 17.63 -5.54
N PHE B 46 -37.65 18.62 -5.28
CA PHE B 46 -37.18 18.89 -3.91
C PHE B 46 -38.43 19.23 -3.03
N HIS B 47 -39.25 20.16 -3.49
CA HIS B 47 -40.43 20.56 -2.75
C HIS B 47 -41.33 19.33 -2.51
N GLU B 48 -41.56 18.57 -3.58
CA GLU B 48 -42.47 17.40 -3.47
C GLU B 48 -41.93 16.37 -2.48
N LEU B 49 -40.60 16.23 -2.43
CA LEU B 49 -40.01 15.32 -1.45
C LEU B 49 -40.15 15.88 -0.02
N VAL B 50 -39.96 17.20 0.16
CA VAL B 50 -40.20 17.81 1.48
C VAL B 50 -41.62 17.47 1.99
N CYS B 51 -42.61 17.54 1.09
CA CYS B 51 -43.98 17.13 1.41
C CYS B 51 -44.14 15.63 1.60
N ALA B 52 -43.76 14.83 0.59
CA ALA B 52 -44.07 13.38 0.58
C ALA B 52 -43.34 12.63 1.71
N SER B 53 -42.17 13.13 2.09
CA SER B 53 -41.37 12.54 3.18
C SER B 53 -42.00 12.78 4.58
N GLY B 54 -42.91 13.74 4.65
CA GLY B 54 -43.53 14.16 5.90
C GLY B 54 -42.82 15.29 6.62
N GLN B 55 -41.69 15.71 6.08
CA GLN B 55 -40.95 16.83 6.65
C GLN B 55 -41.79 18.11 6.76
N ILE B 56 -42.66 18.32 5.78
CA ILE B 56 -43.50 19.51 5.74
C ILE B 56 -44.34 19.63 7.04
N GLU B 57 -44.57 18.50 7.70
CA GLU B 57 -45.37 18.50 8.96
C GLU B 57 -44.66 19.19 10.10
N HIS B 58 -43.35 19.35 9.95
CA HIS B 58 -42.52 19.96 10.97
C HIS B 58 -42.05 21.35 10.53
N LEU B 59 -42.63 21.87 9.46
CA LEU B 59 -42.27 23.19 8.96
C LEU B 59 -43.47 24.12 9.08
N THR B 60 -43.18 25.41 9.15
CA THR B 60 -44.19 26.45 9.18
C THR B 60 -44.20 27.08 7.79
N PRO B 61 -45.20 26.75 6.96
CA PRO B 61 -45.24 27.36 5.63
C PRO B 61 -45.38 28.87 5.70
N ILE B 62 -44.54 29.56 4.96
CA ILE B 62 -44.53 31.01 4.88
C ILE B 62 -44.80 31.38 3.44
N ALA B 63 -45.82 32.21 3.21
CA ALA B 63 -46.12 32.65 1.85
C ALA B 63 -45.10 33.67 1.33
N ALA B 64 -44.68 33.48 0.09
CA ALA B 64 -43.89 34.49 -0.60
C ALA B 64 -44.74 35.77 -0.76
N VAL B 65 -44.07 36.91 -0.75
CA VAL B 65 -44.66 38.21 -1.12
C VAL B 65 -43.83 38.72 -2.29
N ALA B 66 -44.48 39.35 -3.27
CA ALA B 66 -43.75 39.85 -4.42
C ALA B 66 -42.87 41.00 -3.95
N ALA B 67 -41.56 40.92 -4.21
CA ALA B 67 -40.61 41.97 -3.90
C ALA B 67 -41.06 43.21 -4.68
N THR B 68 -41.11 44.34 -3.98
CA THR B 68 -41.43 45.62 -4.62
C THR B 68 -40.24 46.16 -5.41
N ASP B 69 -40.50 47.16 -6.26
CA ASP B 69 -39.41 47.87 -6.93
C ASP B 69 -38.40 48.37 -5.89
N ALA B 70 -38.92 48.92 -4.79
CA ALA B 70 -38.08 49.39 -3.67
C ALA B 70 -37.14 48.29 -3.13
N ASP B 71 -37.70 47.10 -2.90
CA ASP B 71 -36.89 45.97 -2.43
C ASP B 71 -35.77 45.67 -3.40
N ILE B 72 -36.13 45.56 -4.68
CA ILE B 72 -35.17 45.22 -5.74
C ILE B 72 -34.07 46.28 -5.84
N LEU B 73 -34.46 47.55 -5.70
CA LEU B 73 -33.50 48.64 -5.88
C LEU B 73 -32.45 48.78 -4.77
N ARG B 74 -32.65 48.10 -3.65
CA ARG B 74 -31.60 48.00 -2.61
C ARG B 74 -30.40 47.19 -3.04
N ALA B 75 -30.60 46.34 -4.04
CA ALA B 75 -29.56 45.48 -4.56
C ALA B 75 -29.24 45.78 -6.02
N HIS B 76 -30.21 46.29 -6.79
CA HIS B 76 -30.04 46.45 -8.23
C HIS B 76 -30.30 47.86 -8.74
N SER B 77 -29.84 48.12 -9.96
CA SER B 77 -30.04 49.42 -10.62
C SER B 77 -31.45 49.55 -11.19
N ALA B 78 -31.92 50.79 -11.36
CA ALA B 78 -33.20 51.04 -11.99
C ALA B 78 -33.19 50.54 -13.42
N ALA B 79 -32.05 50.65 -14.09
CA ALA B 79 -31.92 50.23 -15.49
C ALA B 79 -32.11 48.73 -15.60
N HIS B 80 -31.58 48.00 -14.62
CA HIS B 80 -31.70 46.56 -14.67
C HIS B 80 -33.17 46.17 -14.44
N LEU B 81 -33.78 46.81 -13.45
CA LEU B 81 -35.19 46.54 -13.14
C LEU B 81 -36.08 46.83 -14.36
N GLU B 82 -35.84 47.97 -15.03
CA GLU B 82 -36.59 48.30 -16.25
C GLU B 82 -36.38 47.32 -17.42
N ASN B 83 -35.15 46.86 -17.59
CA ASN B 83 -34.83 45.94 -18.66
C ASN B 83 -35.59 44.62 -18.39
N MET B 84 -35.70 44.28 -17.11
CA MET B 84 -36.42 43.07 -16.74
C MET B 84 -37.92 43.19 -17.00
N LYS B 85 -38.51 44.35 -16.70
CA LYS B 85 -39.91 44.59 -17.06
C LYS B 85 -40.09 44.47 -18.58
N ARG B 86 -39.14 45.00 -19.36
CA ARG B 86 -39.18 44.92 -20.83
C ARG B 86 -39.23 43.48 -21.33
N VAL B 87 -38.28 42.66 -20.88
CA VAL B 87 -38.17 41.29 -21.36
C VAL B 87 -39.41 40.51 -20.93
N SER B 88 -39.87 40.74 -19.70
CA SER B 88 -41.05 40.05 -19.19
C SER B 88 -42.30 40.40 -20.01
N ASN B 89 -42.30 41.59 -20.62
CA ASN B 89 -43.41 42.02 -21.47
C ASN B 89 -43.49 41.35 -22.84
N LEU B 90 -42.41 40.69 -23.26
CA LEU B 90 -42.40 40.08 -24.57
C LEU B 90 -43.43 38.92 -24.63
N PRO B 91 -44.08 38.72 -25.79
CA PRO B 91 -45.16 37.70 -25.90
C PRO B 91 -44.71 36.29 -25.47
N THR B 92 -43.45 35.96 -25.73
CA THR B 92 -42.91 34.67 -25.26
C THR B 92 -41.70 34.87 -24.35
N GLY B 93 -41.57 36.08 -23.79
CA GLY B 93 -40.40 36.46 -22.99
C GLY B 93 -39.14 36.46 -23.84
N GLY B 94 -37.99 36.31 -23.21
CA GLY B 94 -36.75 36.19 -23.96
C GLY B 94 -35.51 36.09 -23.08
N ASP B 95 -34.36 35.95 -23.74
CA ASP B 95 -33.08 36.02 -23.05
C ASP B 95 -32.90 37.39 -22.41
N THR B 96 -32.32 37.42 -21.23
CA THR B 96 -32.18 38.66 -20.48
C THR B 96 -30.81 39.32 -20.67
N GLY B 97 -29.94 38.75 -21.48
CA GLY B 97 -28.69 39.41 -21.79
C GLY B 97 -27.48 38.56 -22.07
N ASP B 98 -27.29 37.51 -21.27
CA ASP B 98 -26.08 36.75 -21.41
C ASP B 98 -26.18 35.49 -22.29
N GLY B 99 -27.33 35.26 -22.91
CA GLY B 99 -27.51 34.11 -23.79
C GLY B 99 -27.95 32.81 -23.11
N ILE B 100 -27.86 32.74 -21.78
CA ILE B 100 -28.23 31.48 -21.12
C ILE B 100 -29.34 31.68 -20.07
N THR B 101 -29.91 32.88 -20.03
CA THR B 101 -30.83 33.26 -18.97
C THR B 101 -32.18 33.70 -19.53
N MET B 102 -33.02 32.71 -19.80
CA MET B 102 -34.39 32.89 -20.33
C MET B 102 -35.29 33.44 -19.22
N MET B 103 -36.20 34.34 -19.58
CA MET B 103 -37.30 34.67 -18.72
C MET B 103 -38.56 34.60 -19.56
N GLY B 104 -39.54 33.83 -19.09
CA GLY B 104 -40.76 33.63 -19.83
C GLY B 104 -41.63 34.86 -19.86
N ASN B 105 -42.66 34.81 -20.69
CA ASN B 105 -43.67 35.83 -20.66
C ASN B 105 -44.21 36.01 -19.23
N GLY B 106 -44.26 37.25 -18.77
CA GLY B 106 -44.70 37.57 -17.41
C GLY B 106 -43.75 37.11 -16.30
N GLY B 107 -42.56 36.62 -16.68
CA GLY B 107 -41.63 35.98 -15.74
C GLY B 107 -41.06 36.90 -14.65
N LEU B 108 -41.18 38.22 -14.84
CA LEU B 108 -40.88 39.14 -13.72
C LEU B 108 -41.67 38.83 -12.44
N GLU B 109 -42.92 38.42 -12.58
CA GLU B 109 -43.73 38.10 -11.41
C GLU B 109 -43.04 37.00 -10.60
N ILE B 110 -42.55 35.97 -11.30
CA ILE B 110 -41.83 34.89 -10.58
C ILE B 110 -40.52 35.41 -9.95
N ALA B 111 -39.73 36.20 -10.69
CA ALA B 111 -38.52 36.82 -10.13
C ALA B 111 -38.85 37.63 -8.86
N ARG B 112 -39.97 38.38 -8.88
CA ARG B 112 -40.37 39.14 -7.69
C ARG B 112 -40.73 38.23 -6.52
N LEU B 113 -41.45 37.14 -6.82
CA LEU B 113 -41.83 36.17 -5.80
C LEU B 113 -40.63 35.41 -5.23
N SER B 114 -39.60 35.23 -6.06
CA SER B 114 -38.40 34.55 -5.63
C SER B 114 -37.64 35.44 -4.62
N ALA B 115 -37.36 36.67 -5.01
CA ALA B 115 -36.69 37.61 -4.09
C ALA B 115 -37.57 37.83 -2.87
N GLY B 116 -38.88 37.99 -3.11
CA GLY B 116 -39.82 38.27 -2.01
C GLY B 116 -39.89 37.15 -1.01
N GLY B 117 -39.72 35.92 -1.49
CA GLY B 117 -39.77 34.75 -0.59
C GLY B 117 -38.61 34.79 0.39
N ALA B 118 -37.44 35.16 -0.12
CA ALA B 118 -36.23 35.32 0.70
C ALA B 118 -36.42 36.48 1.70
N VAL B 119 -36.99 37.59 1.24
CA VAL B 119 -37.28 38.75 2.11
C VAL B 119 -38.25 38.39 3.24
N GLU B 120 -39.39 37.78 2.88
CA GLU B 120 -40.41 37.43 3.87
C GLU B 120 -39.90 36.46 4.94
N LEU B 121 -39.14 35.45 4.52
CA LEU B 121 -38.55 34.53 5.47
C LEU B 121 -37.59 35.27 6.37
N THR B 122 -36.81 36.18 5.78
CA THR B 122 -35.82 36.95 6.56
C THR B 122 -36.54 37.80 7.60
N ARG B 123 -37.61 38.47 7.17
CA ARG B 123 -38.40 39.33 8.06
C ARG B 123 -38.92 38.54 9.28
N ARG B 124 -39.46 37.36 9.02
CA ARG B 124 -40.05 36.58 10.09
C ARG B 124 -39.03 35.91 11.02
N VAL B 125 -37.84 35.62 10.51
CA VAL B 125 -36.76 35.13 11.37
C VAL B 125 -36.23 36.30 12.23
N ALA B 126 -36.09 37.49 11.66
CA ALA B 126 -35.61 38.65 12.45
C ALA B 126 -36.57 39.07 13.55
N THR B 127 -37.87 39.02 13.29
CA THR B 127 -38.85 39.36 14.33
C THR B 127 -38.86 38.35 15.49
N GLY B 128 -38.25 37.19 15.28
CA GLY B 128 -38.32 36.13 16.25
C GLY B 128 -39.58 35.28 16.15
N GLU B 129 -40.44 35.53 15.16
CA GLU B 129 -41.57 34.60 14.96
C GLU B 129 -41.01 33.22 14.65
N LEU B 130 -39.98 33.18 13.80
CA LEU B 130 -39.35 31.94 13.38
C LEU B 130 -37.91 31.95 13.88
N SER B 131 -37.38 30.77 14.19
CA SER B 131 -35.98 30.65 14.55
C SER B 131 -35.07 30.63 13.30
N ALA B 132 -35.57 30.05 12.21
CA ALA B 132 -34.78 29.86 11.00
C ALA B 132 -35.72 29.41 9.89
N GLY B 133 -35.16 29.15 8.72
CA GLY B 133 -36.02 28.70 7.63
C GLY B 133 -35.27 28.39 6.37
N TYR B 134 -36.00 27.76 5.44
CA TYR B 134 -35.51 27.46 4.09
C TYR B 134 -36.49 28.03 3.06
N ALA B 135 -36.00 28.93 2.21
CA ALA B 135 -36.81 29.47 1.12
C ALA B 135 -36.39 28.76 -0.16
N LEU B 136 -37.25 27.85 -0.61
CA LEU B 136 -36.94 27.03 -1.81
C LEU B 136 -37.39 27.81 -3.05
N VAL B 137 -36.65 28.89 -3.34
CA VAL B 137 -37.06 29.82 -4.36
C VAL B 137 -36.55 29.39 -5.75
N ASN B 138 -37.11 30.01 -6.80
CA ASN B 138 -36.64 29.84 -8.19
C ASN B 138 -37.32 31.00 -8.93
N PRO B 139 -36.58 31.75 -9.80
CA PRO B 139 -35.20 31.61 -10.23
C PRO B 139 -34.15 31.94 -9.14
N PRO B 140 -32.91 31.43 -9.31
CA PRO B 140 -31.85 31.61 -8.32
C PRO B 140 -31.33 33.05 -8.40
N GLY B 141 -30.37 33.40 -7.54
CA GLY B 141 -29.94 34.78 -7.48
C GLY B 141 -28.48 35.15 -7.60
N HIS B 142 -27.56 34.25 -7.23
CA HIS B 142 -26.20 34.73 -6.87
C HIS B 142 -25.30 35.27 -7.98
N HIS B 143 -25.63 34.98 -9.24
CA HIS B 143 -24.86 35.54 -10.35
C HIS B 143 -25.29 36.94 -10.76
N ALA B 144 -26.48 37.39 -10.34
CA ALA B 144 -26.97 38.68 -10.81
C ALA B 144 -26.22 39.80 -10.06
N PRO B 145 -25.41 40.61 -10.79
CA PRO B 145 -24.69 41.72 -10.12
C PRO B 145 -25.62 42.91 -10.02
N HIS B 146 -25.11 44.06 -9.60
CA HIS B 146 -25.94 45.25 -9.44
C HIS B 146 -26.77 45.58 -10.71
N ASN B 147 -26.15 45.44 -11.89
CA ASN B 147 -26.71 45.99 -13.12
C ASN B 147 -27.05 44.99 -14.23
N ALA B 148 -27.24 43.71 -13.90
CA ALA B 148 -27.50 42.73 -14.95
C ALA B 148 -28.17 41.47 -14.38
N ALA B 149 -28.80 40.71 -15.28
CA ALA B 149 -29.20 39.32 -15.01
C ALA B 149 -28.06 38.47 -15.55
N MET B 150 -27.85 37.30 -14.98
CA MET B 150 -26.74 36.45 -15.41
C MET B 150 -26.93 35.03 -14.92
N GLY B 151 -26.48 34.06 -15.71
CA GLY B 151 -26.46 32.63 -15.33
C GLY B 151 -27.70 32.16 -14.61
N PHE B 152 -28.87 32.37 -15.25
CA PHE B 152 -30.21 31.91 -14.78
C PHE B 152 -30.81 32.80 -13.69
N CYS B 153 -30.04 33.82 -13.27
CA CYS B 153 -30.44 34.71 -12.16
C CYS B 153 -30.94 36.03 -12.69
N ILE B 154 -32.16 36.38 -12.27
CA ILE B 154 -32.81 37.64 -12.63
C ILE B 154 -32.50 38.73 -11.59
N PHE B 155 -32.84 38.45 -10.32
CA PHE B 155 -32.41 39.32 -9.21
C PHE B 155 -31.61 38.53 -8.21
N ASN B 156 -30.76 39.24 -7.47
CA ASN B 156 -29.93 38.62 -6.49
C ASN B 156 -30.74 38.46 -5.21
N ASN B 157 -31.43 37.32 -5.06
CA ASN B 157 -32.35 37.09 -3.92
C ASN B 157 -31.76 37.29 -2.52
N THR B 158 -30.55 36.76 -2.30
CA THR B 158 -29.95 36.86 -0.98
C THR B 158 -29.55 38.32 -0.70
N SER B 159 -29.19 39.03 -1.76
CA SER B 159 -28.81 40.45 -1.65
C SER B 159 -30.04 41.33 -1.42
N VAL B 160 -31.14 41.06 -2.12
CA VAL B 160 -32.39 41.75 -1.82
C VAL B 160 -32.79 41.53 -0.33
N ALA B 161 -32.62 40.31 0.16
CA ALA B 161 -32.93 39.99 1.55
C ALA B 161 -31.96 40.68 2.50
N ALA B 162 -30.66 40.63 2.18
CA ALA B 162 -29.67 41.32 3.01
C ALA B 162 -29.91 42.85 3.03
N GLY B 163 -30.23 43.43 1.86
CA GLY B 163 -30.51 44.87 1.77
C GLY B 163 -31.71 45.25 2.60
N TYR B 164 -32.73 44.38 2.59
CA TYR B 164 -33.89 44.56 3.45
C TYR B 164 -33.50 44.50 4.94
N ALA B 165 -32.75 43.47 5.35
CA ALA B 165 -32.26 43.34 6.73
C ALA B 165 -31.47 44.57 7.20
N ARG B 166 -30.62 45.07 6.33
CA ARG B 166 -29.88 46.30 6.61
C ARG B 166 -30.79 47.54 6.74
N ALA B 167 -31.61 47.81 5.73
CA ALA B 167 -32.27 49.12 5.58
C ALA B 167 -33.56 49.20 6.35
N VAL B 168 -34.29 48.08 6.37
CA VAL B 168 -35.60 48.05 7.02
C VAL B 168 -35.49 47.52 8.42
N LEU B 169 -34.77 46.42 8.61
CA LEU B 169 -34.65 45.84 9.93
C LEU B 169 -33.57 46.51 10.80
N GLY B 170 -32.73 47.33 10.19
CA GLY B 170 -31.69 48.02 10.95
C GLY B 170 -30.55 47.15 11.45
N MET B 171 -30.35 45.97 10.86
CA MET B 171 -29.16 45.19 11.16
C MET B 171 -27.92 45.88 10.63
N GLU B 172 -26.84 45.83 11.42
CA GLU B 172 -25.59 46.49 11.06
C GLU B 172 -24.65 45.61 10.25
N ARG B 173 -24.74 44.29 10.45
CA ARG B 173 -23.87 43.31 9.78
C ARG B 173 -24.68 42.08 9.40
N VAL B 174 -24.52 41.65 8.16
CA VAL B 174 -25.17 40.44 7.65
C VAL B 174 -24.11 39.60 6.93
N ALA B 175 -24.16 38.27 7.05
CA ALA B 175 -23.22 37.43 6.27
C ALA B 175 -24.01 36.66 5.22
N ILE B 176 -23.48 36.58 4.01
CA ILE B 176 -24.07 35.68 3.00
C ILE B 176 -23.05 34.59 2.67
N LEU B 177 -23.34 33.36 3.06
CA LEU B 177 -22.47 32.22 2.80
C LEU B 177 -23.04 31.45 1.60
N ASP B 178 -22.25 31.34 0.53
CA ASP B 178 -22.77 30.81 -0.73
C ASP B 178 -22.02 29.52 -1.03
N TRP B 179 -22.69 28.39 -0.87
CA TRP B 179 -22.06 27.11 -1.20
C TRP B 179 -22.61 26.41 -2.45
N ASP B 180 -23.43 27.13 -3.22
CA ASP B 180 -23.63 26.73 -4.63
C ASP B 180 -22.21 26.55 -5.23
N VAL B 181 -22.00 25.58 -6.11
CA VAL B 181 -20.68 25.19 -6.60
C VAL B 181 -20.01 26.25 -7.53
N HIS B 182 -20.82 27.18 -8.01
CA HIS B 182 -20.35 28.28 -8.87
C HIS B 182 -20.13 29.54 -8.08
N HIS B 183 -19.20 30.35 -8.56
CA HIS B 183 -18.88 31.59 -7.88
C HIS B 183 -20.07 32.55 -7.78
N GLY B 184 -20.35 33.04 -6.57
CA GLY B 184 -21.36 34.06 -6.29
C GLY B 184 -20.91 35.46 -6.76
N ASN B 185 -20.64 35.59 -8.06
CA ASN B 185 -20.08 36.84 -8.59
C ASN B 185 -21.04 38.03 -8.44
N GLY B 186 -22.35 37.77 -8.57
CA GLY B 186 -23.36 38.82 -8.40
C GLY B 186 -23.35 39.40 -6.99
N THR B 187 -23.32 38.52 -6.00
CA THR B 187 -23.35 38.94 -4.63
C THR B 187 -22.06 39.67 -4.27
N GLN B 188 -20.95 39.15 -4.79
CA GLN B 188 -19.66 39.78 -4.63
C GLN B 188 -19.69 41.24 -5.15
N ASP B 189 -20.23 41.40 -6.36
CA ASP B 189 -20.34 42.72 -7.01
C ASP B 189 -21.17 43.67 -6.19
N ILE B 190 -22.32 43.20 -5.70
CA ILE B 190 -23.29 44.09 -5.13
C ILE B 190 -22.73 44.67 -3.81
N TRP B 191 -22.07 43.84 -3.03
CA TRP B 191 -21.55 44.27 -1.75
C TRP B 191 -20.05 44.56 -1.75
N TRP B 192 -19.46 44.67 -2.94
CA TRP B 192 -18.01 44.81 -3.11
C TRP B 192 -17.36 45.86 -2.21
N ASN B 193 -17.97 47.06 -2.17
CA ASN B 193 -17.41 48.19 -1.41
C ASN B 193 -17.97 48.29 0.01
N ASP B 194 -18.72 47.28 0.45
CA ASP B 194 -19.55 47.44 1.64
C ASP B 194 -19.19 46.42 2.73
N PRO B 195 -18.61 46.88 3.86
CA PRO B 195 -18.24 45.93 4.91
C PRO B 195 -19.43 45.45 5.75
N SER B 196 -20.62 46.02 5.52
CA SER B 196 -21.79 45.66 6.31
C SER B 196 -22.44 44.35 5.87
N VAL B 197 -21.95 43.78 4.79
CA VAL B 197 -22.39 42.46 4.35
C VAL B 197 -21.14 41.70 3.93
N LEU B 198 -20.83 40.68 4.70
CA LEU B 198 -19.68 39.84 4.45
C LEU B 198 -20.18 38.81 3.45
N THR B 199 -19.50 38.70 2.34
CA THR B 199 -19.88 37.73 1.29
C THR B 199 -18.82 36.65 1.18
N ILE B 200 -19.22 35.38 1.34
CA ILE B 200 -18.29 34.24 1.28
C ILE B 200 -18.80 33.30 0.19
N SER B 201 -17.91 32.89 -0.69
CA SER B 201 -18.30 31.94 -1.75
C SER B 201 -17.31 30.81 -1.76
N LEU B 202 -17.80 29.58 -1.59
CA LEU B 202 -17.01 28.39 -1.88
C LEU B 202 -17.44 27.98 -3.29
N HIS B 203 -16.51 27.52 -4.10
CA HIS B 203 -16.87 27.15 -5.51
C HIS B 203 -15.78 26.36 -6.18
N GLN B 204 -16.17 25.58 -7.20
CA GLN B 204 -15.20 25.00 -8.07
C GLN B 204 -14.48 26.14 -8.85
N HIS B 205 -13.15 26.12 -8.83
CA HIS B 205 -12.37 27.25 -9.40
C HIS B 205 -12.65 27.37 -10.91
N LEU B 206 -13.09 28.56 -11.33
CA LEU B 206 -13.31 28.88 -12.77
C LEU B 206 -14.40 28.04 -13.45
N CYS B 207 -15.30 27.47 -12.64
CA CYS B 207 -16.43 26.70 -13.18
C CYS B 207 -17.44 27.65 -13.87
N PHE B 208 -18.00 28.56 -13.09
CA PHE B 208 -18.83 29.63 -13.67
C PHE B 208 -18.99 30.77 -12.67
N PRO B 209 -18.84 32.03 -13.14
CA PRO B 209 -18.47 32.48 -14.49
C PRO B 209 -17.00 32.28 -14.77
N PRO B 210 -16.62 32.40 -16.06
CA PRO B 210 -15.18 32.33 -16.34
C PRO B 210 -14.40 33.49 -15.70
N ASP B 211 -13.12 33.24 -15.40
CA ASP B 211 -12.24 34.35 -14.97
C ASP B 211 -12.79 35.15 -13.78
N SER B 212 -13.34 34.46 -12.78
CA SER B 212 -14.05 35.10 -11.68
C SER B 212 -13.86 34.19 -10.46
N GLY B 213 -13.86 34.77 -9.26
CA GLY B 213 -13.83 33.95 -8.04
C GLY B 213 -12.44 33.61 -7.52
N TYR B 214 -11.40 34.29 -8.04
CA TYR B 214 -10.04 34.16 -7.46
C TYR B 214 -10.00 34.63 -5.98
N SER B 215 -9.10 34.06 -5.20
CA SER B 215 -8.96 34.44 -3.78
C SER B 215 -8.47 35.90 -3.61
N THR B 216 -7.92 36.47 -4.69
CA THR B 216 -7.45 37.87 -4.64
C THR B 216 -8.59 38.89 -4.74
N GLU B 217 -9.82 38.40 -4.98
CA GLU B 217 -10.98 39.28 -5.08
C GLU B 217 -11.50 39.47 -3.67
N ARG B 218 -11.20 40.63 -3.08
CA ARG B 218 -11.37 40.77 -1.62
C ARG B 218 -12.25 41.91 -1.21
N GLY B 219 -12.95 42.49 -2.19
CA GLY B 219 -13.72 43.68 -1.92
C GLY B 219 -12.81 44.88 -2.13
N ALA B 220 -13.37 46.06 -1.95
CA ALA B 220 -12.61 47.26 -2.20
C ALA B 220 -13.06 48.34 -1.27
N GLY B 221 -12.15 49.28 -1.02
CA GLY B 221 -12.50 50.41 -0.20
C GLY B 221 -12.75 49.97 1.24
N ASN B 222 -13.76 50.56 1.86
CA ASN B 222 -14.19 50.12 3.19
C ASN B 222 -14.61 48.64 3.20
N GLY B 223 -14.98 48.12 2.04
CA GLY B 223 -15.33 46.68 1.90
C GLY B 223 -14.16 45.72 1.74
N HIS B 224 -12.93 46.25 1.67
CA HIS B 224 -11.76 45.36 1.48
C HIS B 224 -11.59 44.44 2.70
N GLY B 225 -11.51 43.14 2.43
CA GLY B 225 -11.42 42.10 3.48
C GLY B 225 -12.77 41.47 3.83
N TYR B 226 -13.85 41.98 3.24
CA TYR B 226 -15.22 41.53 3.57
C TYR B 226 -15.87 40.78 2.40
N ASN B 227 -15.01 40.34 1.49
CA ASN B 227 -15.39 39.35 0.48
C ASN B 227 -14.36 38.24 0.52
N ILE B 228 -14.82 36.99 0.65
CA ILE B 228 -13.92 35.85 0.76
C ILE B 228 -14.32 34.78 -0.23
N ASN B 229 -13.43 34.53 -1.20
CA ASN B 229 -13.57 33.43 -2.18
C ASN B 229 -12.72 32.25 -1.77
N VAL B 230 -13.32 31.06 -1.80
CA VAL B 230 -12.61 29.82 -1.57
C VAL B 230 -12.74 28.93 -2.83
N PRO B 231 -11.94 29.22 -3.88
CA PRO B 231 -11.96 28.37 -5.08
C PRO B 231 -11.30 27.03 -4.77
N LEU B 232 -11.98 25.95 -5.14
CA LEU B 232 -11.52 24.59 -4.83
C LEU B 232 -11.34 23.87 -6.16
N PRO B 233 -10.44 22.89 -6.20
CA PRO B 233 -10.25 22.19 -7.48
C PRO B 233 -11.40 21.23 -7.85
N PRO B 234 -11.63 20.99 -9.16
CA PRO B 234 -12.58 19.93 -9.60
C PRO B 234 -12.31 18.61 -8.88
N GLY B 235 -13.37 17.88 -8.51
CA GLY B 235 -13.16 16.60 -7.86
C GLY B 235 -13.17 16.70 -6.33
N SER B 236 -13.23 17.92 -5.80
CA SER B 236 -13.26 18.13 -4.34
C SER B 236 -14.59 17.57 -3.83
N GLY B 237 -14.56 16.92 -2.67
CA GLY B 237 -15.76 16.32 -2.07
C GLY B 237 -16.00 16.71 -0.62
N ASN B 238 -16.63 15.81 0.12
CA ASN B 238 -17.00 16.08 1.50
C ASN B 238 -15.82 16.52 2.37
N ALA B 239 -14.65 15.88 2.22
CA ALA B 239 -13.48 16.24 3.04
C ALA B 239 -13.04 17.67 2.80
N ALA B 240 -12.91 18.06 1.52
CA ALA B 240 -12.49 19.42 1.18
C ALA B 240 -13.50 20.44 1.69
N TYR B 241 -14.78 20.19 1.46
CA TYR B 241 -15.82 21.13 1.89
C TYR B 241 -15.82 21.31 3.41
N LEU B 242 -15.71 20.21 4.15
CA LEU B 242 -15.74 20.28 5.62
C LEU B 242 -14.47 20.91 6.19
N HIS B 243 -13.33 20.68 5.55
CA HIS B 243 -12.08 21.36 5.94
C HIS B 243 -12.22 22.86 5.70
N ALA B 244 -12.82 23.23 4.56
CA ALA B 244 -13.07 24.65 4.28
C ALA B 244 -14.00 25.26 5.32
N MET B 245 -15.02 24.51 5.77
CA MET B 245 -15.93 25.01 6.78
C MET B 245 -15.19 25.33 8.07
N ASP B 246 -14.39 24.37 8.55
CA ASP B 246 -13.74 24.48 9.86
C ASP B 246 -12.62 25.51 9.83
N GLN B 247 -11.87 25.49 8.74
CA GLN B 247 -10.64 26.29 8.61
C GLN B 247 -10.86 27.73 8.16
N VAL B 248 -11.95 27.97 7.41
CA VAL B 248 -12.18 29.28 6.79
C VAL B 248 -13.55 29.86 7.12
N VAL B 249 -14.61 29.13 6.76
CA VAL B 249 -15.96 29.68 6.87
C VAL B 249 -16.41 29.99 8.31
N LEU B 250 -16.34 28.99 9.21
CA LEU B 250 -16.77 29.24 10.58
C LEU B 250 -15.90 30.33 11.26
N PRO B 251 -14.55 30.25 11.13
CA PRO B 251 -13.74 31.34 11.67
C PRO B 251 -14.12 32.73 11.14
N ALA B 252 -14.36 32.81 9.83
CA ALA B 252 -14.77 34.08 9.22
C ALA B 252 -16.04 34.62 9.85
N LEU B 253 -17.04 33.75 10.03
CA LEU B 253 -18.31 34.15 10.59
C LEU B 253 -18.13 34.61 12.05
N ARG B 254 -17.37 33.83 12.82
CA ARG B 254 -17.13 34.12 14.24
C ARG B 254 -16.40 35.46 14.36
N ALA B 255 -15.47 35.72 13.45
CA ALA B 255 -14.69 36.95 13.43
C ALA B 255 -15.56 38.15 13.09
N TYR B 256 -16.48 37.97 12.14
CA TYR B 256 -17.31 39.04 11.63
C TYR B 256 -18.48 39.41 12.52
N ARG B 257 -19.01 38.41 13.25
CA ARG B 257 -20.17 38.59 14.10
C ARG B 257 -21.39 39.18 13.38
N PRO B 258 -21.93 38.44 12.38
CA PRO B 258 -23.10 38.93 11.69
C PRO B 258 -24.28 38.84 12.64
N GLN B 259 -25.31 39.65 12.42
CA GLN B 259 -26.53 39.56 13.21
C GLN B 259 -27.52 38.59 12.56
N LEU B 260 -27.19 38.18 11.33
CA LEU B 260 -28.04 37.29 10.53
C LEU B 260 -27.11 36.57 9.55
N ILE B 261 -27.31 35.26 9.39
CA ILE B 261 -26.59 34.52 8.37
C ILE B 261 -27.60 34.08 7.31
N ILE B 262 -27.32 34.44 6.06
CA ILE B 262 -28.10 33.98 4.90
C ILE B 262 -27.20 32.99 4.14
N VAL B 263 -27.74 31.82 3.82
CA VAL B 263 -27.01 30.83 3.07
C VAL B 263 -27.59 30.73 1.65
N GLY B 264 -26.76 31.00 0.65
CA GLY B 264 -27.08 30.77 -0.76
C GLY B 264 -26.82 29.29 -0.93
N SER B 265 -27.90 28.52 -0.78
CA SER B 265 -27.84 27.08 -0.70
C SER B 265 -28.08 26.48 -2.08
N GLY B 266 -27.00 26.21 -2.83
CA GLY B 266 -27.12 25.41 -4.08
C GLY B 266 -26.66 24.00 -3.76
N PHE B 267 -27.11 23.01 -4.56
CA PHE B 267 -26.66 21.62 -4.39
C PHE B 267 -25.98 21.14 -5.67
N ASP B 268 -25.51 22.08 -6.47
CA ASP B 268 -24.76 21.66 -7.68
C ASP B 268 -23.31 21.18 -7.43
N ALA B 269 -22.86 21.21 -6.18
CA ALA B 269 -21.60 20.55 -5.82
C ALA B 269 -21.81 19.06 -5.64
N SER B 270 -23.05 18.57 -5.85
CA SER B 270 -23.34 17.16 -5.55
C SER B 270 -22.57 16.25 -6.52
N MET B 271 -22.36 15.02 -6.06
CA MET B 271 -21.67 13.98 -6.81
C MET B 271 -22.28 13.73 -8.20
N LEU B 272 -23.57 14.00 -8.36
CA LEU B 272 -24.27 13.64 -9.63
C LEU B 272 -24.65 14.87 -10.47
N ASP B 273 -24.09 16.03 -10.16
CA ASP B 273 -24.54 17.23 -10.88
C ASP B 273 -23.88 17.35 -12.26
N PRO B 274 -24.65 17.66 -13.33
CA PRO B 274 -23.98 17.82 -14.64
C PRO B 274 -23.19 19.13 -14.76
N LEU B 275 -23.56 20.15 -13.94
CA LEU B 275 -22.95 21.49 -14.14
C LEU B 275 -21.69 21.83 -13.28
N ALA B 276 -21.13 20.82 -12.60
CA ALA B 276 -19.81 20.95 -12.00
C ALA B 276 -19.25 19.54 -11.77
N ARG B 277 -18.03 19.47 -11.21
CA ARG B 277 -17.25 18.24 -11.13
C ARG B 277 -16.93 17.92 -9.67
N MET B 278 -17.79 18.32 -8.74
CA MET B 278 -17.51 18.12 -7.31
C MET B 278 -18.20 16.86 -6.81
N MET B 279 -17.86 16.45 -5.58
CA MET B 279 -18.20 15.12 -5.11
C MET B 279 -18.96 15.11 -3.77
N VAL B 280 -19.67 16.19 -3.49
CA VAL B 280 -20.40 16.31 -2.24
C VAL B 280 -21.62 15.38 -2.27
N THR B 281 -21.88 14.69 -1.16
CA THR B 281 -23.10 13.87 -1.06
C THR B 281 -24.10 14.53 -0.12
N ALA B 282 -25.30 13.93 -0.02
CA ALA B 282 -26.32 14.47 0.87
C ALA B 282 -25.74 14.56 2.29
N ASP B 283 -24.88 13.63 2.67
CA ASP B 283 -24.26 13.74 4.01
C ASP B 283 -23.30 14.93 4.12
N GLY B 284 -22.53 15.20 3.07
CA GLY B 284 -21.71 16.43 3.04
C GLY B 284 -22.56 17.67 3.29
N PHE B 285 -23.65 17.80 2.53
CA PHE B 285 -24.56 18.93 2.71
C PHE B 285 -25.17 19.00 4.14
N ARG B 286 -25.54 17.82 4.65
CA ARG B 286 -26.04 17.75 6.03
C ARG B 286 -25.01 18.27 7.03
N GLN B 287 -23.75 17.84 6.88
CA GLN B 287 -22.68 18.23 7.83
C GLN B 287 -22.38 19.73 7.67
N MET B 288 -22.35 20.18 6.43
CA MET B 288 -22.20 21.64 6.18
C MET B 288 -23.29 22.48 6.86
N ALA B 289 -24.55 22.10 6.66
CA ALA B 289 -25.68 22.79 7.27
C ALA B 289 -25.60 22.71 8.81
N ARG B 290 -25.29 21.52 9.33
CA ARG B 290 -25.16 21.31 10.81
C ARG B 290 -24.14 22.32 11.40
N ARG B 291 -22.95 22.36 10.80
CA ARG B 291 -21.89 23.28 11.24
C ARG B 291 -22.33 24.73 11.19
N THR B 292 -23.02 25.12 10.12
CA THR B 292 -23.39 26.53 9.93
C THR B 292 -24.53 26.94 10.88
N ILE B 293 -25.51 26.04 11.04
CA ILE B 293 -26.65 26.27 11.93
C ILE B 293 -26.11 26.40 13.36
N ASP B 294 -25.21 25.50 13.75
CA ASP B 294 -24.62 25.57 15.11
C ASP B 294 -23.84 26.87 15.32
N CYS B 295 -23.16 27.31 14.27
CA CYS B 295 -22.43 28.57 14.29
C CYS B 295 -23.39 29.73 14.51
N ALA B 296 -24.49 29.76 13.73
CA ALA B 296 -25.53 30.79 13.93
C ALA B 296 -26.09 30.79 15.38
N ALA B 297 -26.30 29.61 15.94
CA ALA B 297 -26.82 29.49 17.30
C ALA B 297 -25.88 30.17 18.29
N ASP B 298 -24.58 30.03 18.04
CA ASP B 298 -23.52 30.56 18.89
C ASP B 298 -23.42 32.08 18.79
N ILE B 299 -23.51 32.61 17.58
CA ILE B 299 -23.10 34.01 17.35
C ILE B 299 -24.25 34.98 17.03
N CYS B 300 -25.36 34.48 16.46
CA CYS B 300 -26.48 35.36 16.15
C CYS B 300 -27.82 34.76 16.55
N ASP B 301 -27.83 34.11 17.70
CA ASP B 301 -29.06 33.60 18.33
C ASP B 301 -29.81 32.69 17.36
N GLY B 302 -29.05 31.98 16.50
CA GLY B 302 -29.61 31.01 15.59
C GLY B 302 -30.32 31.56 14.36
N ARG B 303 -30.25 32.88 14.16
CA ARG B 303 -30.92 33.50 13.01
C ARG B 303 -30.18 33.12 11.71
N ILE B 304 -30.73 32.11 11.01
CA ILE B 304 -30.13 31.66 9.77
C ILE B 304 -31.24 31.43 8.74
N VAL B 305 -31.06 31.98 7.55
CA VAL B 305 -32.06 31.84 6.50
C VAL B 305 -31.37 31.19 5.30
N PHE B 306 -31.88 30.02 4.86
CA PHE B 306 -31.34 29.34 3.68
C PHE B 306 -32.19 29.74 2.49
N VAL B 307 -31.55 30.04 1.37
CA VAL B 307 -32.25 30.47 0.17
C VAL B 307 -31.71 29.66 -0.98
N GLN B 308 -32.62 28.98 -1.68
CA GLN B 308 -32.19 28.10 -2.79
C GLN B 308 -31.39 28.83 -3.88
N GLU B 309 -30.25 28.24 -4.27
CA GLU B 309 -29.50 28.71 -5.45
C GLU B 309 -29.59 27.59 -6.49
N GLY B 310 -28.47 27.17 -7.08
CA GLY B 310 -28.46 26.18 -8.19
C GLY B 310 -28.54 24.72 -7.74
N GLY B 311 -28.24 23.80 -8.67
CA GLY B 311 -28.43 22.37 -8.45
C GLY B 311 -29.28 21.84 -9.60
N TYR B 312 -28.77 20.77 -10.25
CA TYR B 312 -29.26 20.35 -11.58
C TYR B 312 -29.54 18.88 -11.74
N SER B 313 -29.39 18.12 -10.66
CA SER B 313 -29.76 16.69 -10.71
C SER B 313 -31.21 16.54 -10.21
N PRO B 314 -32.19 16.28 -11.09
CA PRO B 314 -33.55 16.01 -10.58
C PRO B 314 -33.58 14.72 -9.76
N HIS B 315 -32.62 13.81 -10.02
CA HIS B 315 -32.56 12.54 -9.28
C HIS B 315 -32.11 12.75 -7.83
N TYR B 316 -30.99 13.43 -7.69
CA TYR B 316 -30.30 13.47 -6.40
C TYR B 316 -30.52 14.76 -5.62
N LEU B 317 -30.67 15.89 -6.31
CA LEU B 317 -30.87 17.14 -5.54
C LEU B 317 -31.95 17.06 -4.41
N PRO B 318 -33.14 16.48 -4.70
CA PRO B 318 -34.14 16.40 -3.61
C PRO B 318 -33.58 15.85 -2.30
N PHE B 319 -32.74 14.82 -2.37
CA PHE B 319 -32.19 14.25 -1.11
C PHE B 319 -31.13 15.14 -0.49
N CYS B 320 -30.35 15.85 -1.31
CA CYS B 320 -29.40 16.84 -0.76
C CYS B 320 -30.17 17.95 -0.02
N GLY B 321 -31.19 18.49 -0.68
CA GLY B 321 -32.01 19.51 -0.06
C GLY B 321 -32.73 19.02 1.19
N LEU B 322 -33.28 17.81 1.13
CA LEU B 322 -34.02 17.28 2.30
C LEU B 322 -33.10 17.19 3.52
N ALA B 323 -31.83 16.82 3.30
CA ALA B 323 -30.85 16.70 4.39
C ALA B 323 -30.70 18.03 5.09
N VAL B 324 -30.60 19.11 4.31
CA VAL B 324 -30.48 20.44 4.94
C VAL B 324 -31.73 20.79 5.76
N ILE B 325 -32.92 20.60 5.18
CA ILE B 325 -34.16 20.88 5.91
C ILE B 325 -34.27 20.04 7.21
N GLU B 326 -33.88 18.77 7.15
CA GLU B 326 -33.87 17.89 8.32
C GLU B 326 -32.93 18.41 9.42
N GLU B 327 -31.86 19.11 9.03
CA GLU B 327 -30.97 19.72 10.02
C GLU B 327 -31.57 20.95 10.68
N LEU B 328 -32.46 21.63 9.95
CA LEU B 328 -33.17 22.77 10.50
C LEU B 328 -34.23 22.29 11.48
N THR B 329 -35.01 21.29 11.09
CA THR B 329 -36.11 20.87 11.96
C THR B 329 -35.61 19.99 13.09
N GLY B 330 -34.48 19.32 12.87
CA GLY B 330 -34.02 18.28 13.78
C GLY B 330 -34.88 17.03 13.78
N VAL B 331 -35.68 16.83 12.73
CA VAL B 331 -36.49 15.62 12.58
C VAL B 331 -36.00 14.87 11.34
N ARG B 332 -35.66 13.60 11.50
CA ARG B 332 -35.16 12.81 10.34
C ARG B 332 -36.33 12.12 9.65
N SER B 333 -36.52 12.39 8.35
CA SER B 333 -37.56 11.70 7.60
C SER B 333 -37.12 10.44 6.81
N LEU B 334 -35.96 10.51 6.15
CA LEU B 334 -35.53 9.45 5.24
C LEU B 334 -34.01 9.33 5.18
N PRO B 335 -33.49 8.12 4.88
CA PRO B 335 -32.07 8.00 4.51
C PRO B 335 -31.88 8.53 3.09
N ASP B 336 -30.61 8.79 2.74
CA ASP B 336 -30.25 9.04 1.35
C ASP B 336 -30.14 7.68 0.64
N PRO B 337 -31.08 7.40 -0.28
CA PRO B 337 -31.03 6.05 -0.85
C PRO B 337 -29.89 5.85 -1.88
N TYR B 338 -29.16 6.92 -2.23
CA TYR B 338 -27.99 6.85 -3.09
C TYR B 338 -26.71 6.65 -2.27
N HIS B 339 -26.83 6.68 -0.94
CA HIS B 339 -25.61 6.78 -0.11
C HIS B 339 -24.57 5.69 -0.43
N GLU B 340 -24.99 4.45 -0.35
CA GLU B 340 -24.03 3.36 -0.57
C GLU B 340 -23.49 3.35 -2.00
N PHE B 341 -24.33 3.71 -2.97
CA PHE B 341 -23.90 3.77 -4.37
C PHE B 341 -22.80 4.81 -4.60
N LEU B 342 -22.89 5.94 -3.90
CA LEU B 342 -21.93 7.05 -4.06
C LEU B 342 -20.70 6.98 -3.13
N ALA B 343 -20.86 6.25 -2.03
CA ALA B 343 -19.91 6.31 -0.91
C ALA B 343 -18.53 5.76 -1.28
N GLY B 344 -18.48 4.83 -2.22
CA GLY B 344 -17.21 4.25 -2.64
C GLY B 344 -16.46 5.11 -3.66
N MET B 345 -17.12 6.11 -4.23
CA MET B 345 -16.55 6.91 -5.31
C MET B 345 -15.46 7.88 -4.86
N GLY B 346 -15.39 8.17 -3.56
CA GLY B 346 -14.32 9.07 -3.09
C GLY B 346 -14.82 10.46 -2.77
N GLY B 347 -13.88 11.41 -2.65
CA GLY B 347 -14.19 12.76 -2.21
C GLY B 347 -14.05 12.90 -0.68
N ASN B 348 -13.93 11.77 0.02
CA ASN B 348 -13.98 11.76 1.51
C ASN B 348 -12.61 11.86 2.14
N THR B 349 -11.58 12.08 1.31
CA THR B 349 -10.20 12.26 1.74
C THR B 349 -9.72 13.65 1.34
N LEU B 350 -9.09 14.37 2.27
CA LEU B 350 -8.59 15.70 1.92
C LEU B 350 -7.31 15.52 1.09
N LEU B 351 -7.39 15.86 -0.19
CA LEU B 351 -6.24 15.71 -1.06
C LEU B 351 -5.31 16.89 -0.85
N ASP B 352 -4.04 16.68 -1.10
CA ASP B 352 -3.05 17.75 -0.95
C ASP B 352 -3.39 19.06 -1.70
N ALA B 353 -3.84 18.97 -2.95
CA ALA B 353 -4.20 20.18 -3.75
C ALA B 353 -5.40 20.88 -3.14
N GLU B 354 -6.32 20.09 -2.59
CA GLU B 354 -7.48 20.66 -1.92
C GLU B 354 -7.04 21.41 -0.66
N ARG B 355 -6.19 20.77 0.13
CA ARG B 355 -5.70 21.40 1.34
C ARG B 355 -4.99 22.73 1.00
N ALA B 356 -4.16 22.70 -0.03
CA ALA B 356 -3.38 23.88 -0.43
C ALA B 356 -4.32 25.04 -0.81
N ALA B 357 -5.36 24.69 -1.57
CA ALA B 357 -6.38 25.66 -1.95
C ALA B 357 -7.00 26.37 -0.75
N ILE B 358 -7.31 25.60 0.28
CA ILE B 358 -7.99 26.10 1.46
C ILE B 358 -7.01 26.93 2.31
N GLU B 359 -5.80 26.42 2.45
CA GLU B 359 -4.76 27.08 3.24
C GLU B 359 -4.43 28.47 2.68
N GLU B 360 -4.57 28.67 1.36
CA GLU B 360 -4.38 29.99 0.74
C GLU B 360 -5.30 31.09 1.33
N ILE B 361 -6.43 30.67 1.90
CA ILE B 361 -7.45 31.62 2.31
C ILE B 361 -7.30 31.94 3.80
N VAL B 362 -6.70 31.04 4.56
CA VAL B 362 -6.58 31.23 6.01
C VAL B 362 -5.99 32.63 6.44
N PRO B 363 -4.91 33.10 5.77
CA PRO B 363 -4.38 34.43 6.14
C PRO B 363 -5.38 35.58 6.01
N LEU B 364 -6.35 35.45 5.11
CA LEU B 364 -7.37 36.49 4.92
C LEU B 364 -8.25 36.68 6.16
N LEU B 365 -8.29 35.69 7.04
CA LEU B 365 -9.14 35.79 8.24
C LEU B 365 -8.70 36.93 9.17
N ALA B 366 -7.40 37.19 9.18
CA ALA B 366 -6.80 38.24 10.03
C ALA B 366 -7.35 39.63 9.76
N ASP B 367 -7.84 39.89 8.55
CA ASP B 367 -8.33 41.20 8.14
C ASP B 367 -9.81 41.49 8.45
N ILE B 368 -10.50 40.51 9.03
CA ILE B 368 -11.95 40.64 9.26
C ILE B 368 -12.17 41.33 10.61
N ALA C 2 -14.15 4.80 -46.92
CA ALA C 2 -15.49 4.18 -46.69
C ALA C 2 -15.67 3.91 -45.20
N ILE C 3 -16.47 4.74 -44.56
CA ILE C 3 -16.68 4.65 -43.13
C ILE C 3 -18.08 4.15 -42.85
N GLY C 4 -18.17 3.02 -42.17
CA GLY C 4 -19.46 2.42 -41.88
C GLY C 4 -20.11 3.09 -40.67
N TYR C 5 -21.43 3.09 -40.62
CA TYR C 5 -22.15 3.72 -39.50
C TYR C 5 -23.38 2.92 -39.22
N VAL C 6 -23.57 2.52 -37.95
CA VAL C 6 -24.74 1.71 -37.59
C VAL C 6 -25.63 2.44 -36.61
N TRP C 7 -26.87 2.63 -37.01
CA TRP C 7 -27.93 3.03 -36.09
C TRP C 7 -29.17 2.25 -36.47
N ASN C 8 -29.84 1.69 -35.48
CA ASN C 8 -31.10 0.98 -35.68
C ASN C 8 -32.11 1.72 -34.83
N THR C 9 -33.29 1.96 -35.39
CA THR C 9 -34.35 2.64 -34.64
C THR C 9 -34.58 2.07 -33.24
N LEU C 10 -34.52 0.76 -33.11
CA LEU C 10 -34.82 0.16 -31.82
C LEU C 10 -33.80 0.55 -30.72
N TYR C 11 -32.62 0.99 -31.12
CA TYR C 11 -31.62 1.44 -30.11
C TYR C 11 -32.23 2.60 -29.30
N GLY C 12 -33.10 3.36 -29.96
CA GLY C 12 -33.82 4.46 -29.32
C GLY C 12 -35.05 4.07 -28.50
N TRP C 13 -35.43 2.78 -28.55
CA TRP C 13 -36.66 2.30 -27.93
C TRP C 13 -36.40 1.49 -26.66
N VAL C 14 -35.14 1.39 -26.23
CA VAL C 14 -34.79 0.70 -24.98
C VAL C 14 -35.66 1.24 -23.84
N ASP C 15 -36.29 0.35 -23.11
CA ASP C 15 -37.18 0.78 -22.04
C ASP C 15 -36.39 0.84 -20.73
N THR C 16 -36.12 2.06 -20.27
CA THR C 16 -35.34 2.25 -19.06
C THR C 16 -36.24 2.38 -17.82
N GLY C 17 -37.54 2.15 -17.97
CA GLY C 17 -38.46 2.15 -16.81
C GLY C 17 -38.84 3.56 -16.36
N THR C 18 -39.18 3.71 -15.09
CA THR C 18 -39.67 5.00 -14.60
C THR C 18 -38.84 5.52 -13.43
N GLY C 19 -37.72 4.87 -13.17
CA GLY C 19 -36.79 5.28 -12.11
C GLY C 19 -35.65 6.19 -12.61
N SER C 20 -34.83 6.64 -11.68
CA SER C 20 -33.66 7.48 -12.02
C SER C 20 -32.43 6.67 -12.41
N LEU C 21 -32.26 5.53 -11.74
CA LEU C 21 -31.04 4.76 -11.76
C LEU C 21 -31.50 3.34 -11.38
N ALA C 22 -31.84 3.17 -10.10
CA ALA C 22 -32.69 2.04 -9.73
C ALA C 22 -34.14 2.42 -10.06
N ALA C 23 -35.09 1.53 -9.77
CA ALA C 23 -36.51 1.83 -9.99
C ALA C 23 -37.02 2.99 -9.13
N ALA C 24 -38.14 3.59 -9.53
CA ALA C 24 -38.87 4.48 -8.62
C ALA C 24 -39.22 3.64 -7.39
N ASN C 25 -39.31 4.29 -6.24
CA ASN C 25 -39.58 3.57 -5.01
C ASN C 25 -40.35 4.41 -4.00
N LEU C 26 -41.60 4.01 -3.72
CA LEU C 26 -42.46 4.87 -2.90
C LEU C 26 -42.01 4.91 -1.45
N THR C 27 -41.57 3.76 -0.92
CA THR C 27 -41.06 3.71 0.46
C THR C 27 -39.86 4.62 0.72
N ALA C 28 -38.93 4.63 -0.26
CA ALA C 28 -37.72 5.43 -0.18
C ALA C 28 -38.00 6.88 -0.63
N ARG C 29 -39.23 7.08 -1.12
CA ARG C 29 -39.69 8.36 -1.71
C ARG C 29 -38.75 8.81 -2.87
N MET C 30 -38.35 7.85 -3.69
CA MET C 30 -37.72 8.12 -4.96
C MET C 30 -38.80 8.28 -6.02
N GLN C 31 -39.09 9.54 -6.34
CA GLN C 31 -40.23 9.89 -7.21
C GLN C 31 -39.97 9.35 -8.63
N PRO C 32 -41.02 8.84 -9.32
CA PRO C 32 -40.86 8.48 -10.73
C PRO C 32 -40.42 9.68 -11.56
N ILE C 33 -39.74 9.40 -12.65
CA ILE C 33 -39.33 10.47 -13.55
C ILE C 33 -39.42 9.97 -15.01
N SER C 34 -39.63 10.88 -15.94
CA SER C 34 -39.76 10.45 -17.34
C SER C 34 -38.47 9.94 -17.93
N HIS C 35 -37.32 10.52 -17.54
CA HIS C 35 -36.04 10.16 -18.13
C HIS C 35 -35.08 9.64 -17.12
N HIS C 36 -34.89 8.33 -17.15
CA HIS C 36 -33.86 7.65 -16.35
C HIS C 36 -32.49 8.22 -16.81
N LEU C 37 -31.48 8.17 -15.94
CA LEU C 37 -30.13 8.62 -16.35
C LEU C 37 -29.68 8.08 -17.71
N ALA C 38 -30.02 6.82 -17.97
CA ALA C 38 -29.58 6.09 -19.18
C ALA C 38 -30.62 6.11 -20.31
N HIS C 39 -31.60 7.01 -20.22
CA HIS C 39 -32.67 7.08 -21.24
C HIS C 39 -32.07 7.13 -22.65
N PRO C 40 -32.68 6.37 -23.60
CA PRO C 40 -32.12 6.28 -24.95
C PRO C 40 -32.08 7.59 -25.72
N ASP C 41 -32.80 8.63 -25.28
CA ASP C 41 -32.76 9.93 -25.98
C ASP C 41 -31.34 10.50 -26.18
N THR C 42 -30.46 10.31 -25.20
CA THR C 42 -29.10 10.89 -25.29
C THR C 42 -28.38 10.35 -26.54
N LYS C 43 -28.42 9.03 -26.70
CA LYS C 43 -27.85 8.41 -27.90
C LYS C 43 -28.62 8.71 -29.19
N ARG C 44 -29.95 8.72 -29.12
CA ARG C 44 -30.74 9.15 -30.28
C ARG C 44 -30.35 10.56 -30.75
N ARG C 45 -30.15 11.49 -29.81
CA ARG C 45 -29.74 12.85 -30.18
C ARG C 45 -28.38 12.89 -30.90
N PHE C 46 -27.47 11.99 -30.48
CA PHE C 46 -26.20 11.79 -31.18
C PHE C 46 -26.52 11.35 -32.64
N HIS C 47 -27.35 10.32 -32.79
CA HIS C 47 -27.72 9.88 -34.14
C HIS C 47 -28.30 11.02 -34.97
N GLU C 48 -29.23 11.77 -34.38
CA GLU C 48 -29.93 12.82 -35.11
C GLU C 48 -28.97 13.94 -35.49
N LEU C 49 -27.95 14.17 -34.66
CA LEU C 49 -26.93 15.17 -35.00
C LEU C 49 -26.05 14.67 -36.15
N VAL C 50 -25.68 13.39 -36.13
CA VAL C 50 -24.94 12.80 -37.26
C VAL C 50 -25.69 13.07 -38.58
N CYS C 51 -27.01 12.92 -38.56
CA CYS C 51 -27.81 13.16 -39.76
C CYS C 51 -27.96 14.65 -40.04
N ALA C 52 -28.41 15.42 -39.05
CA ALA C 52 -28.69 16.87 -39.30
C ALA C 52 -27.47 17.70 -39.67
N SER C 53 -26.30 17.30 -39.17
CA SER C 53 -25.04 17.96 -39.47
C SER C 53 -24.60 17.69 -40.91
N GLY C 54 -25.20 16.69 -41.55
CA GLY C 54 -24.75 16.25 -42.89
C GLY C 54 -23.61 15.24 -42.87
N GLN C 55 -23.12 14.90 -41.68
CA GLN C 55 -22.11 13.85 -41.59
C GLN C 55 -22.59 12.56 -42.20
N ILE C 56 -23.88 12.26 -42.06
CA ILE C 56 -24.45 11.03 -42.61
C ILE C 56 -24.15 10.89 -44.12
N GLU C 57 -24.05 12.01 -44.83
CA GLU C 57 -23.75 11.97 -46.28
C GLU C 57 -22.33 11.43 -46.57
N HIS C 58 -21.47 11.48 -45.57
CA HIS C 58 -20.10 10.99 -45.73
C HIS C 58 -19.90 9.58 -45.14
N LEU C 59 -20.99 8.97 -44.70
CA LEU C 59 -20.90 7.65 -44.07
C LEU C 59 -21.63 6.65 -44.94
N THR C 60 -21.24 5.39 -44.81
CA THR C 60 -21.95 4.28 -45.39
C THR C 60 -22.82 3.62 -44.32
N PRO C 61 -24.13 3.83 -44.39
CA PRO C 61 -25.01 3.19 -43.41
C PRO C 61 -25.02 1.67 -43.58
N ILE C 62 -24.78 1.00 -42.46
CA ILE C 62 -24.69 -0.45 -42.39
C ILE C 62 -25.84 -0.89 -41.48
N ALA C 63 -26.71 -1.74 -41.98
CA ALA C 63 -27.81 -2.30 -41.17
C ALA C 63 -27.25 -3.23 -40.13
N ALA C 64 -27.76 -3.12 -38.90
CA ALA C 64 -27.45 -4.09 -37.86
C ALA C 64 -28.03 -5.45 -38.23
N VAL C 65 -27.33 -6.51 -37.84
CA VAL C 65 -27.87 -7.87 -37.92
C VAL C 65 -28.09 -8.32 -36.48
N ALA C 66 -29.16 -9.05 -36.20
CA ALA C 66 -29.34 -9.59 -34.86
C ALA C 66 -28.25 -10.62 -34.60
N ALA C 67 -27.48 -10.41 -33.53
CA ALA C 67 -26.49 -11.42 -33.13
C ALA C 67 -27.23 -12.72 -32.82
N THR C 68 -26.72 -13.84 -33.33
CA THR C 68 -27.36 -15.14 -33.03
C THR C 68 -26.92 -15.65 -31.69
N ASP C 69 -27.58 -16.72 -31.23
CA ASP C 69 -27.15 -17.38 -30.00
C ASP C 69 -25.68 -17.80 -30.12
N ALA C 70 -25.32 -18.36 -31.28
CA ALA C 70 -23.96 -18.83 -31.50
C ALA C 70 -22.97 -17.67 -31.39
N ASP C 71 -23.34 -16.48 -31.88
CA ASP C 71 -22.45 -15.32 -31.81
C ASP C 71 -22.26 -14.93 -30.33
N ILE C 72 -23.37 -14.92 -29.59
CA ILE C 72 -23.31 -14.46 -28.21
C ILE C 72 -22.47 -15.42 -27.39
N LEU C 73 -22.53 -16.71 -27.77
CA LEU C 73 -21.84 -17.74 -27.00
C LEU C 73 -20.31 -17.74 -27.16
N ARG C 74 -19.81 -16.93 -28.11
CA ARG C 74 -18.37 -16.71 -28.22
C ARG C 74 -17.83 -15.89 -27.05
N ALA C 75 -18.69 -15.06 -26.46
CA ALA C 75 -18.35 -14.17 -25.34
C ALA C 75 -19.00 -14.52 -24.00
N HIS C 76 -20.15 -15.19 -24.04
CA HIS C 76 -20.99 -15.38 -22.86
C HIS C 76 -21.35 -16.84 -22.61
N SER C 77 -21.76 -17.13 -21.39
CA SER C 77 -22.24 -18.48 -21.03
C SER C 77 -23.64 -18.75 -21.55
N ALA C 78 -23.91 -20.03 -21.83
CA ALA C 78 -25.25 -20.48 -22.14
C ALA C 78 -26.25 -20.00 -21.06
N ALA C 79 -25.85 -20.10 -19.80
CA ALA C 79 -26.75 -19.76 -18.68
C ALA C 79 -27.12 -18.31 -18.75
N HIS C 80 -26.14 -17.45 -19.05
CA HIS C 80 -26.42 -16.01 -19.17
C HIS C 80 -27.42 -15.76 -20.31
N LEU C 81 -27.15 -16.34 -21.48
CA LEU C 81 -28.07 -16.18 -22.63
C LEU C 81 -29.47 -16.64 -22.24
N GLU C 82 -29.57 -17.82 -21.63
CA GLU C 82 -30.88 -18.35 -21.21
C GLU C 82 -31.62 -17.41 -20.24
N ASN C 83 -30.90 -16.86 -19.27
CA ASN C 83 -31.46 -15.89 -18.32
C ASN C 83 -31.97 -14.61 -18.98
N MET C 84 -31.22 -14.09 -19.95
CA MET C 84 -31.67 -12.91 -20.68
C MET C 84 -32.94 -13.23 -21.47
N LYS C 85 -33.01 -14.41 -22.07
CA LYS C 85 -34.24 -14.82 -22.79
C LYS C 85 -35.43 -14.87 -21.80
N ARG C 86 -35.17 -15.43 -20.62
CA ARG C 86 -36.16 -15.55 -19.56
C ARG C 86 -36.73 -14.19 -19.16
N VAL C 87 -35.85 -13.23 -18.88
CA VAL C 87 -36.25 -11.90 -18.49
C VAL C 87 -37.01 -11.26 -19.62
N SER C 88 -36.50 -11.37 -20.84
CA SER C 88 -37.12 -10.71 -21.96
C SER C 88 -38.51 -11.30 -22.24
N ASN C 89 -38.71 -12.55 -21.85
CA ASN C 89 -40.00 -13.22 -22.01
C ASN C 89 -41.01 -12.95 -20.90
N LEU C 90 -40.55 -12.42 -19.77
CA LEU C 90 -41.46 -12.01 -18.70
C LEU C 90 -42.47 -10.99 -19.24
N PRO C 91 -43.74 -11.09 -18.76
CA PRO C 91 -44.82 -10.23 -19.21
C PRO C 91 -44.50 -8.78 -19.57
N THR C 92 -43.84 -8.02 -18.69
CA THR C 92 -43.35 -6.67 -19.05
C THR C 92 -41.82 -6.54 -18.88
N GLY C 93 -41.14 -7.67 -19.06
CA GLY C 93 -39.69 -7.72 -18.88
C GLY C 93 -39.34 -7.52 -17.42
N GLY C 94 -38.24 -6.80 -17.18
CA GLY C 94 -37.79 -6.56 -15.82
C GLY C 94 -36.29 -6.39 -15.65
N ASP C 95 -35.88 -6.32 -14.37
CA ASP C 95 -34.49 -6.25 -13.91
C ASP C 95 -33.74 -7.54 -14.24
N THR C 96 -32.50 -7.40 -14.70
CA THR C 96 -31.71 -8.55 -15.10
C THR C 96 -30.84 -9.13 -13.99
N GLY C 97 -30.81 -8.45 -12.84
CA GLY C 97 -30.09 -8.98 -11.69
C GLY C 97 -29.49 -7.94 -10.76
N ASP C 98 -28.94 -6.86 -11.31
CA ASP C 98 -28.22 -5.87 -10.47
C ASP C 98 -29.05 -4.65 -9.96
N GLY C 99 -30.32 -4.56 -10.35
CA GLY C 99 -31.23 -3.50 -9.90
C GLY C 99 -31.17 -2.19 -10.67
N ILE C 100 -30.19 -2.06 -11.55
CA ILE C 100 -30.11 -0.85 -12.38
C ILE C 100 -30.19 -1.19 -13.87
N THR C 101 -30.48 -2.46 -14.17
CA THR C 101 -30.34 -2.99 -15.55
C THR C 101 -31.61 -3.68 -16.04
N MET C 102 -32.43 -2.95 -16.75
CA MET C 102 -33.67 -3.55 -17.13
C MET C 102 -33.80 -3.82 -18.61
N MET C 103 -34.73 -4.71 -18.93
CA MET C 103 -35.10 -5.05 -20.28
C MET C 103 -36.62 -5.03 -20.34
N GLY C 104 -37.19 -4.33 -21.34
CA GLY C 104 -38.63 -4.47 -21.62
C GLY C 104 -38.99 -5.90 -22.04
N ASN C 105 -40.28 -6.23 -22.10
CA ASN C 105 -40.67 -7.52 -22.68
C ASN C 105 -40.14 -7.48 -24.13
N GLY C 106 -39.52 -8.58 -24.57
CA GLY C 106 -38.94 -8.61 -25.90
C GLY C 106 -37.70 -7.74 -26.10
N GLY C 107 -37.15 -7.16 -25.03
CA GLY C 107 -36.00 -6.24 -25.17
C GLY C 107 -34.71 -6.96 -25.59
N LEU C 108 -34.73 -8.29 -25.52
CA LEU C 108 -33.59 -9.10 -26.03
C LEU C 108 -33.35 -8.80 -27.51
N GLU C 109 -34.44 -8.51 -28.24
CA GLU C 109 -34.32 -8.19 -29.65
C GLU C 109 -33.35 -7.02 -29.81
N ILE C 110 -33.46 -6.02 -28.92
CA ILE C 110 -32.61 -4.84 -29.04
C ILE C 110 -31.18 -5.20 -28.62
N ALA C 111 -31.04 -5.98 -27.52
CA ALA C 111 -29.72 -6.45 -27.09
C ALA C 111 -29.01 -7.20 -28.24
N ARG C 112 -29.76 -8.05 -28.96
CA ARG C 112 -29.17 -8.75 -30.14
C ARG C 112 -28.74 -7.80 -31.26
N LEU C 113 -29.52 -6.75 -31.50
CA LEU C 113 -29.21 -5.77 -32.55
C LEU C 113 -28.03 -4.90 -32.16
N SER C 114 -27.88 -4.63 -30.86
CA SER C 114 -26.76 -3.87 -30.39
C SER C 114 -25.46 -4.67 -30.64
N ALA C 115 -25.42 -5.91 -30.14
CA ALA C 115 -24.22 -6.74 -30.29
C ALA C 115 -23.99 -7.02 -31.77
N GLY C 116 -25.08 -7.30 -32.47
CA GLY C 116 -25.02 -7.63 -33.90
C GLY C 116 -24.59 -6.46 -34.76
N GLY C 117 -24.95 -5.23 -34.38
CA GLY C 117 -24.46 -4.06 -35.11
C GLY C 117 -22.94 -3.96 -35.01
N ALA C 118 -22.39 -4.27 -33.84
CA ALA C 118 -20.95 -4.26 -33.64
C ALA C 118 -20.28 -5.37 -34.46
N VAL C 119 -20.87 -6.56 -34.46
CA VAL C 119 -20.34 -7.67 -35.27
C VAL C 119 -20.36 -7.35 -36.78
N GLU C 120 -21.51 -6.92 -37.29
CA GLU C 120 -21.67 -6.68 -38.72
C GLU C 120 -20.70 -5.60 -39.21
N LEU C 121 -20.54 -4.55 -38.41
CA LEU C 121 -19.60 -3.49 -38.75
C LEU C 121 -18.16 -4.03 -38.79
N THR C 122 -17.79 -4.82 -37.81
CA THR C 122 -16.48 -5.45 -37.72
C THR C 122 -16.25 -6.35 -38.95
N ARG C 123 -17.28 -7.12 -39.33
CA ARG C 123 -17.20 -7.99 -40.53
C ARG C 123 -16.79 -7.21 -41.76
N ARG C 124 -17.47 -6.08 -41.95
CA ARG C 124 -17.26 -5.28 -43.16
C ARG C 124 -16.00 -4.43 -43.16
N VAL C 125 -15.52 -4.03 -41.99
CA VAL C 125 -14.18 -3.42 -41.88
C VAL C 125 -13.10 -4.48 -42.20
N ALA C 126 -13.19 -5.66 -41.60
CA ALA C 126 -12.23 -6.78 -41.81
C ALA C 126 -12.11 -7.26 -43.25
N THR C 127 -13.24 -7.36 -43.95
CA THR C 127 -13.21 -7.81 -45.34
C THR C 127 -12.58 -6.77 -46.27
N GLY C 128 -12.31 -5.58 -45.73
CA GLY C 128 -11.76 -4.48 -46.52
C GLY C 128 -12.82 -3.73 -47.29
N GLU C 129 -14.10 -4.10 -47.13
CA GLU C 129 -15.19 -3.34 -47.75
C GLU C 129 -15.26 -1.92 -47.18
N LEU C 130 -14.97 -1.78 -45.88
CA LEU C 130 -14.94 -0.46 -45.24
C LEU C 130 -13.59 -0.29 -44.60
N SER C 131 -13.15 0.94 -44.42
CA SER C 131 -11.87 1.15 -43.77
C SER C 131 -11.97 1.17 -42.25
N ALA C 132 -13.17 1.54 -41.76
CA ALA C 132 -13.41 1.78 -40.34
C ALA C 132 -14.92 2.06 -40.15
N GLY C 133 -15.34 2.28 -38.91
CA GLY C 133 -16.74 2.64 -38.71
C GLY C 133 -17.06 2.93 -37.25
N TYR C 134 -18.27 3.44 -37.07
CA TYR C 134 -18.83 3.73 -35.75
C TYR C 134 -20.19 3.02 -35.65
N ALA C 135 -20.32 2.14 -34.65
CA ALA C 135 -21.57 1.46 -34.35
C ALA C 135 -22.22 2.18 -33.18
N LEU C 136 -23.26 2.96 -33.48
CA LEU C 136 -23.91 3.75 -32.43
C LEU C 136 -24.99 2.89 -31.77
N VAL C 137 -24.56 1.89 -31.00
CA VAL C 137 -25.48 0.90 -30.45
C VAL C 137 -26.00 1.30 -29.08
N ASN C 138 -27.07 0.60 -28.66
CA ASN C 138 -27.67 0.73 -27.34
C ASN C 138 -28.59 -0.49 -27.24
N PRO C 139 -28.54 -1.23 -26.12
CA PRO C 139 -27.78 -1.01 -24.87
C PRO C 139 -26.23 -1.19 -24.99
N PRO C 140 -25.47 -0.60 -24.04
CA PRO C 140 -24.02 -0.66 -23.98
C PRO C 140 -23.56 -2.07 -23.54
N GLY C 141 -22.26 -2.29 -23.41
CA GLY C 141 -21.78 -3.67 -23.25
C GLY C 141 -20.72 -3.92 -22.21
N HIS C 142 -19.89 -2.92 -21.93
CA HIS C 142 -18.59 -3.22 -21.26
C HIS C 142 -18.63 -3.75 -19.82
N HIS C 143 -19.74 -3.54 -19.10
CA HIS C 143 -19.84 -4.11 -17.75
C HIS C 143 -20.26 -5.59 -17.72
N ALA C 144 -20.81 -6.09 -18.83
CA ALA C 144 -21.36 -7.46 -18.82
C ALA C 144 -20.18 -8.45 -18.87
N PRO C 145 -20.01 -9.25 -17.80
CA PRO C 145 -18.92 -10.25 -17.85
C PRO C 145 -19.45 -11.54 -18.53
N HIS C 146 -18.70 -12.64 -18.41
CA HIS C 146 -19.04 -13.81 -19.19
C HIS C 146 -20.46 -14.28 -18.83
N ASN C 147 -20.79 -14.20 -17.53
CA ASN C 147 -21.98 -14.90 -17.02
C ASN C 147 -23.01 -13.98 -16.37
N ALA C 148 -23.08 -12.71 -16.81
CA ALA C 148 -24.04 -11.78 -16.19
C ALA C 148 -24.32 -10.54 -17.02
N ALA C 149 -25.46 -9.91 -16.75
CA ALA C 149 -25.72 -8.55 -17.21
C ALA C 149 -25.41 -7.61 -16.04
N MET C 150 -25.03 -6.36 -16.33
CA MET C 150 -24.68 -5.44 -15.23
C MET C 150 -24.55 -4.03 -15.76
N GLY C 151 -24.89 -3.03 -14.92
CA GLY C 151 -24.61 -1.63 -15.26
C GLY C 151 -25.14 -1.24 -16.63
N PHE C 152 -26.41 -1.59 -16.88
CA PHE C 152 -27.14 -1.29 -18.13
C PHE C 152 -26.77 -2.19 -19.33
N CYS C 153 -25.81 -3.09 -19.14
CA CYS C 153 -25.26 -3.90 -20.22
C CYS C 153 -25.86 -5.30 -20.18
N ILE C 154 -26.43 -5.75 -21.30
CA ILE C 154 -27.04 -7.06 -21.38
C ILE C 154 -26.00 -8.05 -21.91
N PHE C 155 -25.41 -7.71 -23.06
CA PHE C 155 -24.28 -8.47 -23.63
C PHE C 155 -23.09 -7.54 -23.87
N ASN C 156 -21.89 -8.12 -23.83
CA ASN C 156 -20.69 -7.35 -24.02
C ASN C 156 -20.42 -7.19 -25.51
N ASN C 157 -20.99 -6.11 -26.06
CA ASN C 157 -20.95 -5.86 -27.50
C ASN C 157 -19.57 -5.96 -28.12
N THR C 158 -18.60 -5.29 -27.51
CA THR C 158 -17.25 -5.27 -28.05
C THR C 158 -16.59 -6.66 -27.95
N SER C 159 -16.94 -7.44 -26.93
CA SER C 159 -16.37 -8.79 -26.78
C SER C 159 -17.01 -9.77 -27.78
N VAL C 160 -18.30 -9.58 -28.06
CA VAL C 160 -18.98 -10.40 -29.07
C VAL C 160 -18.33 -10.10 -30.45
N ALA C 161 -18.05 -8.83 -30.70
CA ALA C 161 -17.36 -8.45 -31.95
C ALA C 161 -15.94 -8.98 -31.94
N ALA C 162 -15.25 -8.86 -30.80
CA ALA C 162 -13.84 -9.34 -30.73
C ALA C 162 -13.81 -10.87 -30.98
N GLY C 163 -14.79 -11.58 -30.42
CA GLY C 163 -14.80 -13.04 -30.54
C GLY C 163 -15.07 -13.46 -31.96
N TYR C 164 -15.95 -12.71 -32.63
CA TYR C 164 -16.20 -12.91 -34.05
C TYR C 164 -14.94 -12.67 -34.90
N ALA C 165 -14.26 -11.56 -34.66
CA ALA C 165 -12.98 -11.28 -35.33
C ALA C 165 -11.90 -12.37 -35.13
N ARG C 166 -11.78 -12.84 -33.90
CA ARG C 166 -10.85 -13.92 -33.55
C ARG C 166 -11.23 -15.21 -34.29
N ALA C 167 -12.52 -15.53 -34.27
CA ALA C 167 -12.98 -16.84 -34.73
C ALA C 167 -13.22 -16.84 -36.22
N VAL C 168 -14.20 -16.08 -36.69
CA VAL C 168 -14.61 -16.13 -38.08
C VAL C 168 -13.60 -15.43 -38.98
N LEU C 169 -13.13 -14.26 -38.55
CA LEU C 169 -12.20 -13.48 -39.36
C LEU C 169 -10.75 -13.98 -39.28
N GLY C 170 -10.45 -14.82 -38.31
CA GLY C 170 -9.15 -15.47 -38.22
C GLY C 170 -8.05 -14.58 -37.70
N MET C 171 -8.41 -13.55 -36.96
CA MET C 171 -7.41 -12.67 -36.33
C MET C 171 -6.80 -13.28 -35.11
N GLU C 172 -5.47 -13.25 -35.00
CA GLU C 172 -4.84 -13.86 -33.85
C GLU C 172 -4.82 -12.94 -32.65
N ARG C 173 -4.85 -11.63 -32.91
CA ARG C 173 -4.77 -10.63 -31.84
C ARG C 173 -5.74 -9.48 -32.11
N VAL C 174 -6.51 -9.12 -31.08
CA VAL C 174 -7.49 -8.00 -31.17
C VAL C 174 -7.26 -7.14 -29.92
N ALA C 175 -7.43 -5.84 -30.04
CA ALA C 175 -7.36 -5.00 -28.84
C ALA C 175 -8.70 -4.29 -28.66
N ILE C 176 -9.13 -4.21 -27.40
CA ILE C 176 -10.35 -3.43 -27.08
C ILE C 176 -9.91 -2.31 -26.15
N LEU C 177 -9.99 -1.08 -26.67
CA LEU C 177 -9.66 0.13 -25.89
C LEU C 177 -10.98 0.74 -25.39
N ASP C 178 -11.12 0.86 -24.08
CA ASP C 178 -12.37 1.32 -23.50
C ASP C 178 -12.12 2.66 -22.81
N TRP C 179 -12.64 3.72 -23.43
CA TRP C 179 -12.51 5.04 -22.80
C TRP C 179 -13.81 5.58 -22.26
N ASP C 180 -14.82 4.71 -22.19
CA ASP C 180 -15.96 5.00 -21.31
C ASP C 180 -15.35 5.34 -19.91
N VAL C 181 -15.91 6.31 -19.20
CA VAL C 181 -15.32 6.82 -17.93
C VAL C 181 -15.38 5.76 -16.79
N HIS C 182 -16.17 4.72 -16.98
CA HIS C 182 -16.33 3.66 -15.97
C HIS C 182 -15.46 2.47 -16.32
N HIS C 183 -15.12 1.66 -15.33
CA HIS C 183 -14.27 0.49 -15.59
C HIS C 183 -14.99 -0.59 -16.45
N GLY C 184 -14.34 -1.02 -17.54
CA GLY C 184 -14.78 -2.14 -18.37
C GLY C 184 -14.55 -3.48 -17.70
N ASN C 185 -15.14 -3.68 -16.52
CA ASN C 185 -14.97 -4.93 -15.75
C ASN C 185 -15.45 -6.18 -16.52
N GLY C 186 -16.45 -6.01 -17.40
CA GLY C 186 -17.05 -7.17 -18.10
C GLY C 186 -16.07 -7.67 -19.15
N THR C 187 -15.50 -6.72 -19.89
CA THR C 187 -14.54 -7.03 -20.94
C THR C 187 -13.28 -7.62 -20.29
N GLN C 188 -12.87 -7.03 -19.17
CA GLN C 188 -11.71 -7.53 -18.44
C GLN C 188 -11.94 -9.00 -18.05
N ASP C 189 -13.13 -9.29 -17.53
CA ASP C 189 -13.49 -10.65 -17.10
C ASP C 189 -13.46 -11.63 -18.27
N ILE C 190 -14.05 -11.22 -19.39
CA ILE C 190 -14.27 -12.19 -20.48
C ILE C 190 -12.92 -12.69 -21.01
N TRP C 191 -11.97 -11.76 -21.10
CA TRP C 191 -10.67 -12.08 -21.70
C TRP C 191 -9.53 -12.23 -20.65
N TRP C 192 -9.90 -12.38 -19.39
CA TRP C 192 -8.96 -12.37 -18.25
C TRP C 192 -7.75 -13.30 -18.43
N ASN C 193 -8.02 -14.50 -18.95
CA ASN C 193 -6.98 -15.53 -19.07
C ASN C 193 -6.36 -15.57 -20.46
N ASP C 194 -6.72 -14.59 -21.30
CA ASP C 194 -6.56 -14.72 -22.74
C ASP C 194 -5.67 -13.63 -23.35
N PRO C 195 -4.47 -14.01 -23.80
CA PRO C 195 -3.58 -13.00 -24.35
C PRO C 195 -3.94 -12.59 -25.78
N SER C 196 -4.92 -13.25 -26.41
CA SER C 196 -5.27 -12.95 -27.80
C SER C 196 -6.24 -11.77 -27.94
N VAL C 197 -6.67 -11.21 -26.81
CA VAL C 197 -7.45 -9.95 -26.80
C VAL C 197 -6.89 -9.08 -25.67
N LEU C 198 -6.16 -8.04 -26.06
CA LEU C 198 -5.64 -7.08 -25.10
C LEU C 198 -6.78 -6.14 -24.71
N THR C 199 -7.07 -6.06 -23.43
CA THR C 199 -8.18 -5.23 -22.97
C THR C 199 -7.61 -4.06 -22.20
N ILE C 200 -7.98 -2.84 -22.60
CA ILE C 200 -7.46 -1.66 -21.90
C ILE C 200 -8.66 -0.81 -21.48
N SER C 201 -8.67 -0.36 -20.24
CA SER C 201 -9.72 0.53 -19.78
C SER C 201 -9.11 1.75 -19.12
N LEU C 202 -9.46 2.93 -19.62
CA LEU C 202 -9.24 4.19 -18.90
C LEU C 202 -10.52 4.46 -18.13
N HIS C 203 -10.42 4.90 -16.88
CA HIS C 203 -11.63 5.22 -16.12
C HIS C 203 -11.34 6.08 -14.93
N GLN C 204 -12.36 6.79 -14.46
CA GLN C 204 -12.27 7.41 -13.16
C GLN C 204 -12.18 6.33 -12.07
N HIS C 205 -11.19 6.46 -11.19
CA HIS C 205 -10.92 5.40 -10.24
C HIS C 205 -12.12 5.19 -9.30
N LEU C 206 -12.61 3.94 -9.27
CA LEU C 206 -13.69 3.52 -8.35
C LEU C 206 -15.02 4.26 -8.59
N CYS C 207 -15.21 4.71 -9.82
CA CYS C 207 -16.46 5.39 -10.17
C CYS C 207 -17.55 4.31 -10.28
N PHE C 208 -17.35 3.34 -11.18
CA PHE C 208 -18.25 2.18 -11.27
C PHE C 208 -17.59 1.13 -12.14
N PRO C 209 -17.62 -0.17 -11.72
CA PRO C 209 -18.22 -0.68 -10.46
C PRO C 209 -17.39 -0.37 -9.22
N PRO C 210 -17.97 -0.57 -8.04
CA PRO C 210 -17.16 -0.28 -6.86
C PRO C 210 -16.07 -1.37 -6.74
N ASP C 211 -15.00 -1.08 -6.03
CA ASP C 211 -13.92 -2.09 -5.82
C ASP C 211 -13.44 -2.81 -7.11
N SER C 212 -13.26 -2.07 -8.20
CA SER C 212 -12.92 -2.65 -9.48
C SER C 212 -12.02 -1.71 -10.28
N GLY C 213 -11.15 -2.24 -11.14
CA GLY C 213 -10.40 -1.39 -12.07
C GLY C 213 -9.06 -0.89 -11.54
N TYR C 214 -8.59 -1.48 -10.44
CA TYR C 214 -7.23 -1.24 -9.97
C TYR C 214 -6.16 -1.64 -11.02
N SER C 215 -5.02 -0.96 -11.01
CA SER C 215 -3.99 -1.27 -12.00
C SER C 215 -3.28 -2.60 -11.69
N THR C 216 -3.49 -3.14 -10.49
CA THR C 216 -3.00 -4.49 -10.15
C THR C 216 -3.80 -5.63 -10.82
N GLU C 217 -4.94 -5.29 -11.42
CA GLU C 217 -5.75 -6.26 -12.20
C GLU C 217 -5.17 -6.41 -13.61
N ARG C 218 -4.39 -7.48 -13.81
CA ARG C 218 -3.52 -7.56 -14.96
C ARG C 218 -3.74 -8.79 -15.85
N GLY C 219 -4.78 -9.58 -15.55
CA GLY C 219 -5.03 -10.84 -16.29
C GLY C 219 -4.40 -12.01 -15.54
N ALA C 220 -4.58 -13.23 -16.04
CA ALA C 220 -4.00 -14.40 -15.40
C ALA C 220 -3.55 -15.43 -16.43
N GLY C 221 -2.71 -16.37 -15.98
CA GLY C 221 -2.20 -17.44 -16.84
C GLY C 221 -1.50 -16.84 -18.04
N ASN C 222 -1.79 -17.37 -19.23
CA ASN C 222 -1.25 -16.85 -20.48
C ASN C 222 -1.71 -15.41 -20.71
N GLY C 223 -2.81 -15.03 -20.05
CA GLY C 223 -3.38 -13.68 -20.18
C GLY C 223 -2.73 -12.65 -19.29
N HIS C 224 -1.74 -13.05 -18.47
CA HIS C 224 -1.15 -12.11 -17.54
C HIS C 224 -0.33 -11.04 -18.27
N GLY C 225 -0.65 -9.77 -18.01
CA GLY C 225 -0.02 -8.66 -18.71
C GLY C 225 -0.84 -8.18 -19.92
N TYR C 226 -1.99 -8.83 -20.17
CA TYR C 226 -2.80 -8.51 -21.34
C TYR C 226 -4.14 -7.87 -20.95
N ASN C 227 -4.22 -7.41 -19.70
CA ASN C 227 -5.28 -6.48 -19.29
C ASN C 227 -4.60 -5.29 -18.61
N ILE C 228 -4.99 -4.07 -19.00
CA ILE C 228 -4.38 -2.86 -18.47
C ILE C 228 -5.45 -1.87 -18.05
N ASN C 229 -5.50 -1.57 -16.77
CA ASN C 229 -6.39 -0.53 -16.24
C ASN C 229 -5.57 0.72 -15.99
N VAL C 230 -6.09 1.88 -16.42
CA VAL C 230 -5.51 3.18 -16.12
C VAL C 230 -6.55 3.95 -15.29
N PRO C 231 -6.60 3.71 -13.97
CA PRO C 231 -7.49 4.52 -13.16
C PRO C 231 -6.96 5.95 -12.98
N LEU C 232 -7.85 6.92 -13.16
CA LEU C 232 -7.51 8.33 -13.13
C LEU C 232 -8.34 9.03 -12.06
N PRO C 233 -7.79 10.10 -11.45
CA PRO C 233 -8.54 10.79 -10.41
C PRO C 233 -9.72 11.63 -10.95
N PRO C 234 -10.80 11.76 -10.16
CA PRO C 234 -11.83 12.75 -10.46
C PRO C 234 -11.23 14.10 -10.87
N GLY C 235 -11.89 14.76 -11.83
CA GLY C 235 -11.43 16.07 -12.31
C GLY C 235 -10.39 16.02 -13.42
N SER C 236 -9.94 14.81 -13.79
CA SER C 236 -9.05 14.63 -14.93
C SER C 236 -9.75 15.11 -16.20
N GLY C 237 -9.01 15.84 -17.03
CA GLY C 237 -9.56 16.39 -18.27
C GLY C 237 -8.73 15.98 -19.50
N ASN C 238 -8.77 16.82 -20.53
CA ASN C 238 -8.08 16.51 -21.79
C ASN C 238 -6.59 16.18 -21.57
N ALA C 239 -5.92 16.95 -20.72
CA ALA C 239 -4.46 16.79 -20.56
C ALA C 239 -4.10 15.43 -19.99
N ALA C 240 -4.83 15.01 -18.96
CA ALA C 240 -4.65 13.68 -18.35
C ALA C 240 -4.97 12.58 -19.37
N TYR C 241 -6.10 12.74 -20.08
CA TYR C 241 -6.50 11.70 -21.01
C TYR C 241 -5.50 11.55 -22.13
N LEU C 242 -5.08 12.68 -22.71
CA LEU C 242 -4.07 12.63 -23.79
C LEU C 242 -2.71 12.11 -23.31
N HIS C 243 -2.36 12.41 -22.07
CA HIS C 243 -1.11 11.93 -21.49
C HIS C 243 -1.17 10.40 -21.32
N ALA C 244 -2.30 9.94 -20.81
CA ALA C 244 -2.58 8.50 -20.75
C ALA C 244 -2.49 7.84 -22.12
N MET C 245 -3.08 8.46 -23.14
CA MET C 245 -3.01 7.90 -24.50
C MET C 245 -1.54 7.77 -24.93
N ASP C 246 -0.80 8.86 -24.75
CA ASP C 246 0.59 8.95 -25.20
C ASP C 246 1.59 8.09 -24.43
N GLN C 247 1.39 7.95 -23.12
CA GLN C 247 2.34 7.28 -22.24
C GLN C 247 2.03 5.80 -22.05
N VAL C 248 0.75 5.43 -22.17
CA VAL C 248 0.34 4.06 -21.85
C VAL C 248 -0.37 3.38 -23.04
N VAL C 249 -1.47 3.97 -23.53
CA VAL C 249 -2.37 3.25 -24.47
C VAL C 249 -1.67 2.98 -25.80
N LEU C 250 -1.16 4.05 -26.43
CA LEU C 250 -0.56 3.92 -27.74
C LEU C 250 0.71 3.03 -27.69
N PRO C 251 1.64 3.27 -26.74
CA PRO C 251 2.72 2.27 -26.57
C PRO C 251 2.25 0.80 -26.43
N ALA C 252 1.19 0.57 -25.63
CA ALA C 252 0.67 -0.79 -25.39
C ALA C 252 0.18 -1.41 -26.70
N LEU C 253 -0.59 -0.65 -27.47
CA LEU C 253 -1.07 -1.09 -28.75
C LEU C 253 0.09 -1.40 -29.69
N ARG C 254 1.07 -0.49 -29.75
CA ARG C 254 2.24 -0.72 -30.63
C ARG C 254 3.05 -1.96 -30.22
N ALA C 255 3.27 -2.17 -28.93
CA ALA C 255 3.90 -3.42 -28.41
C ALA C 255 3.08 -4.68 -28.76
N TYR C 256 1.77 -4.56 -28.68
CA TYR C 256 0.88 -5.73 -28.82
C TYR C 256 0.66 -6.15 -30.29
N ARG C 257 0.65 -5.17 -31.20
CA ARG C 257 0.33 -5.36 -32.62
C ARG C 257 -0.98 -6.14 -32.87
N PRO C 258 -2.12 -5.56 -32.43
CA PRO C 258 -3.41 -6.24 -32.67
C PRO C 258 -3.67 -6.14 -34.17
N GLN C 259 -4.52 -7.01 -34.69
CA GLN C 259 -4.88 -7.00 -36.11
C GLN C 259 -6.16 -6.19 -36.34
N LEU C 260 -6.73 -5.74 -35.23
CA LEU C 260 -7.97 -4.96 -35.25
C LEU C 260 -8.01 -4.22 -33.92
N ILE C 261 -8.42 -2.96 -33.96
CA ILE C 261 -8.68 -2.22 -32.73
C ILE C 261 -10.18 -1.94 -32.65
N ILE C 262 -10.78 -2.33 -31.53
CA ILE C 262 -12.17 -2.02 -31.26
C ILE C 262 -12.15 -1.00 -30.11
N VAL C 263 -12.88 0.09 -30.29
CA VAL C 263 -12.96 1.10 -29.23
C VAL C 263 -14.34 1.06 -28.56
N GLY C 264 -14.35 0.83 -27.24
CA GLY C 264 -15.55 0.98 -26.41
C GLY C 264 -15.67 2.48 -26.13
N SER C 265 -16.43 3.15 -26.98
CA SER C 265 -16.41 4.60 -27.07
C SER C 265 -17.58 5.17 -26.26
N GLY C 266 -17.36 5.38 -24.97
CA GLY C 266 -18.35 6.13 -24.15
C GLY C 266 -17.95 7.60 -24.13
N PHE C 267 -18.89 8.49 -23.83
CA PHE C 267 -18.58 9.90 -23.69
C PHE C 267 -18.95 10.42 -22.33
N ASP C 268 -19.06 9.49 -21.38
CA ASP C 268 -19.36 9.88 -20.01
C ASP C 268 -18.20 10.46 -19.24
N ALA C 269 -17.01 10.55 -19.86
CA ALA C 269 -15.91 11.35 -19.28
C ALA C 269 -16.06 12.84 -19.62
N SER C 270 -17.13 13.21 -20.34
CA SER C 270 -17.32 14.61 -20.75
C SER C 270 -17.51 15.53 -19.55
N MET C 271 -17.13 16.76 -19.77
CA MET C 271 -17.23 17.85 -18.81
C MET C 271 -18.62 18.03 -18.19
N LEU C 272 -19.68 17.67 -18.93
CA LEU C 272 -21.08 17.87 -18.48
C LEU C 272 -21.83 16.57 -18.08
N ASP C 273 -21.10 15.48 -17.89
CA ASP C 273 -21.80 14.23 -17.62
C ASP C 273 -22.18 14.11 -16.11
N PRO C 274 -23.43 13.67 -15.83
CA PRO C 274 -23.83 13.46 -14.43
C PRO C 274 -23.18 12.25 -13.78
N LEU C 275 -22.82 11.23 -14.58
CA LEU C 275 -22.40 9.97 -13.97
C LEU C 275 -20.88 9.78 -13.81
N ALA C 276 -20.12 10.86 -13.97
CA ALA C 276 -18.69 10.92 -13.59
C ALA C 276 -18.26 12.37 -13.42
N ARG C 277 -17.04 12.56 -12.94
CA ARG C 277 -16.53 13.83 -12.51
C ARG C 277 -15.37 14.27 -13.40
N MET C 278 -15.35 13.82 -14.67
CA MET C 278 -14.20 14.10 -15.53
C MET C 278 -14.44 15.35 -16.40
N MET C 279 -13.39 15.82 -17.06
CA MET C 279 -13.41 17.13 -17.70
C MET C 279 -13.10 17.10 -19.19
N VAL C 280 -13.33 15.96 -19.83
CA VAL C 280 -13.04 15.83 -21.26
C VAL C 280 -14.05 16.65 -22.09
N THR C 281 -13.54 17.40 -23.07
CA THR C 281 -14.42 18.14 -23.99
C THR C 281 -14.47 17.42 -25.35
N ALA C 282 -15.33 17.91 -26.24
CA ALA C 282 -15.42 17.32 -27.56
C ALA C 282 -14.08 17.34 -28.29
N ASP C 283 -13.26 18.39 -28.08
CA ASP C 283 -11.93 18.44 -28.70
C ASP C 283 -10.99 17.38 -28.07
N GLY C 284 -11.18 17.08 -26.78
CA GLY C 284 -10.42 16.00 -26.13
C GLY C 284 -10.77 14.65 -26.79
N PHE C 285 -12.07 14.38 -26.94
CA PHE C 285 -12.48 13.09 -27.60
C PHE C 285 -12.01 13.04 -29.05
N ARG C 286 -12.05 14.20 -29.73
CA ARG C 286 -11.49 14.33 -31.09
C ARG C 286 -10.03 13.88 -31.14
N GLN C 287 -9.20 14.42 -30.25
CA GLN C 287 -7.80 14.06 -30.22
C GLN C 287 -7.58 12.61 -29.84
N MET C 288 -8.39 12.10 -28.91
CA MET C 288 -8.31 10.68 -28.56
C MET C 288 -8.63 9.81 -29.76
N ALA C 289 -9.69 10.14 -30.49
CA ALA C 289 -10.07 9.39 -31.69
C ALA C 289 -8.98 9.46 -32.75
N ARG C 290 -8.48 10.67 -33.01
CA ARG C 290 -7.39 10.90 -33.97
C ARG C 290 -6.17 10.03 -33.68
N ARG C 291 -5.70 10.04 -32.43
CA ARG C 291 -4.55 9.22 -32.04
C ARG C 291 -4.78 7.73 -32.28
N THR C 292 -6.00 7.26 -31.99
CA THR C 292 -6.25 5.82 -32.02
C THR C 292 -6.41 5.37 -33.47
N ILE C 293 -7.08 6.19 -34.27
CA ILE C 293 -7.26 5.90 -35.70
C ILE C 293 -5.87 5.88 -36.34
N ASP C 294 -5.04 6.87 -36.02
CA ASP C 294 -3.67 6.94 -36.51
C ASP C 294 -2.84 5.69 -36.11
N CYS C 295 -3.00 5.23 -34.87
CA CYS C 295 -2.38 4.00 -34.38
C CYS C 295 -2.83 2.78 -35.22
N ALA C 296 -4.14 2.64 -35.44
CA ALA C 296 -4.65 1.57 -36.33
C ALA C 296 -4.02 1.63 -37.73
N ALA C 297 -3.89 2.84 -38.28
CA ALA C 297 -3.26 3.03 -39.59
C ALA C 297 -1.82 2.52 -39.56
N ASP C 298 -1.10 2.76 -38.46
CA ASP C 298 0.26 2.27 -38.35
C ASP C 298 0.39 0.77 -38.16
N ILE C 299 -0.49 0.16 -37.37
CA ILE C 299 -0.21 -1.19 -36.89
C ILE C 299 -1.13 -2.29 -37.42
N CYS C 300 -2.33 -1.90 -37.89
CA CYS C 300 -3.29 -2.89 -38.39
C CYS C 300 -4.11 -2.44 -39.59
N ASP C 301 -3.45 -1.78 -40.55
CA ASP C 301 -4.07 -1.44 -41.84
C ASP C 301 -5.31 -0.56 -41.70
N GLY C 302 -5.34 0.23 -40.62
CA GLY C 302 -6.41 1.17 -40.34
C GLY C 302 -7.69 0.49 -39.86
N ARG C 303 -7.61 -0.79 -39.54
CA ARG C 303 -8.81 -1.53 -39.11
C ARG C 303 -9.19 -1.10 -37.69
N ILE C 304 -10.17 -0.20 -37.60
CA ILE C 304 -10.67 0.25 -36.30
C ILE C 304 -12.20 0.36 -36.32
N VAL C 305 -12.84 -0.17 -35.27
CA VAL C 305 -14.31 -0.16 -35.14
C VAL C 305 -14.64 0.49 -33.78
N PHE C 306 -15.38 1.60 -33.84
CA PHE C 306 -15.84 2.28 -32.60
C PHE C 306 -17.23 1.73 -32.29
N VAL C 307 -17.44 1.39 -31.01
CA VAL C 307 -18.71 0.84 -30.57
C VAL C 307 -19.21 1.66 -29.36
N GLN C 308 -20.37 2.28 -29.48
CA GLN C 308 -20.90 3.14 -28.40
C GLN C 308 -20.96 2.44 -27.03
N GLU C 309 -20.39 3.07 -26.00
CA GLU C 309 -20.67 2.62 -24.64
C GLU C 309 -21.57 3.66 -23.95
N GLY C 310 -21.18 4.16 -22.78
CA GLY C 310 -22.06 5.07 -22.01
C GLY C 310 -21.91 6.53 -22.40
N GLY C 311 -22.40 7.42 -21.52
CA GLY C 311 -22.53 8.85 -21.86
C GLY C 311 -23.99 9.27 -21.61
N TYR C 312 -24.14 10.29 -20.77
CA TYR C 312 -25.44 10.62 -20.17
C TYR C 312 -25.86 12.08 -20.28
N SER C 313 -25.06 12.90 -20.99
CA SER C 313 -25.50 14.28 -21.24
C SER C 313 -26.23 14.38 -22.58
N PRO C 314 -27.58 14.50 -22.57
CA PRO C 314 -28.29 14.65 -23.86
C PRO C 314 -27.91 15.97 -24.56
N HIS C 315 -27.47 16.94 -23.77
CA HIS C 315 -27.06 18.26 -24.30
C HIS C 315 -25.74 18.16 -25.04
N TYR C 316 -24.73 17.55 -24.42
CA TYR C 316 -23.35 17.65 -24.91
C TYR C 316 -22.82 16.38 -25.57
N LEU C 317 -23.32 15.21 -25.15
CA LEU C 317 -22.83 13.98 -25.79
C LEU C 317 -22.91 14.00 -27.32
N PRO C 318 -24.01 14.54 -27.91
CA PRO C 318 -24.00 14.48 -29.38
C PRO C 318 -22.77 15.16 -29.99
N PHE C 319 -22.33 16.28 -29.41
CA PHE C 319 -21.15 16.96 -29.97
C PHE C 319 -19.83 16.23 -29.71
N CYS C 320 -19.73 15.55 -28.58
CA CYS C 320 -18.60 14.67 -28.34
C CYS C 320 -18.59 13.53 -29.37
N GLY C 321 -19.73 12.88 -29.60
CA GLY C 321 -19.81 11.79 -30.60
C GLY C 321 -19.51 12.30 -32.03
N LEU C 322 -20.02 13.47 -32.35
CA LEU C 322 -19.85 14.03 -33.71
C LEU C 322 -18.38 14.29 -33.98
N ALA C 323 -17.66 14.71 -32.94
CA ALA C 323 -16.21 14.94 -33.09
C ALA C 323 -15.50 13.64 -33.50
N VAL C 324 -15.87 12.52 -32.88
CA VAL C 324 -15.25 11.25 -33.22
C VAL C 324 -15.60 10.85 -34.67
N ILE C 325 -16.87 10.97 -35.02
CA ILE C 325 -17.32 10.70 -36.40
C ILE C 325 -16.53 11.54 -37.44
N GLU C 326 -16.36 12.83 -37.17
CA GLU C 326 -15.66 13.72 -38.10
C GLU C 326 -14.21 13.30 -38.31
N GLU C 327 -13.62 12.74 -37.27
CA GLU C 327 -12.26 12.19 -37.35
C GLU C 327 -12.20 10.95 -38.24
N LEU C 328 -13.26 10.14 -38.24
CA LEU C 328 -13.32 8.99 -39.11
C LEU C 328 -13.51 9.40 -40.58
N THR C 329 -14.40 10.34 -40.81
CA THR C 329 -14.73 10.74 -42.21
C THR C 329 -13.69 11.72 -42.77
N GLY C 330 -13.01 12.45 -41.89
CA GLY C 330 -12.15 13.54 -42.31
C GLY C 330 -12.89 14.76 -42.83
N VAL C 331 -14.20 14.85 -42.56
CA VAL C 331 -14.97 16.03 -42.96
C VAL C 331 -15.45 16.72 -41.68
N ARG C 332 -14.96 17.92 -41.46
CA ARG C 332 -15.20 18.60 -40.20
C ARG C 332 -16.24 19.69 -40.38
N SER C 333 -17.50 19.32 -40.11
CA SER C 333 -18.71 20.07 -40.50
C SER C 333 -19.36 21.07 -39.50
N LEU C 334 -19.02 21.03 -38.21
CA LEU C 334 -19.62 21.94 -37.25
C LEU C 334 -18.65 22.21 -36.11
N PRO C 335 -18.67 23.44 -35.57
CA PRO C 335 -17.93 23.68 -34.32
C PRO C 335 -18.65 23.00 -33.15
N ASP C 336 -17.93 22.81 -32.05
CA ASP C 336 -18.56 22.48 -30.78
C ASP C 336 -19.11 23.80 -30.23
N PRO C 337 -20.46 23.95 -30.13
CA PRO C 337 -20.99 25.26 -29.71
C PRO C 337 -20.77 25.57 -28.23
N TYR C 338 -20.39 24.56 -27.46
CA TYR C 338 -20.04 24.69 -26.03
C TYR C 338 -18.55 24.96 -25.82
N HIS C 339 -17.77 24.99 -26.90
CA HIS C 339 -16.31 25.10 -26.76
C HIS C 339 -15.87 26.23 -25.84
N GLU C 340 -16.34 27.44 -26.12
CA GLU C 340 -15.91 28.58 -25.34
C GLU C 340 -16.38 28.50 -23.91
N PHE C 341 -17.62 28.04 -23.73
CA PHE C 341 -18.21 27.91 -22.42
C PHE C 341 -17.39 26.95 -21.54
N LEU C 342 -16.94 25.84 -22.11
CA LEU C 342 -16.23 24.80 -21.36
C LEU C 342 -14.73 25.02 -21.25
N ALA C 343 -14.16 25.75 -22.21
CA ALA C 343 -12.71 25.79 -22.34
C ALA C 343 -12.05 26.44 -21.16
N GLY C 344 -12.74 27.39 -20.52
CA GLY C 344 -12.18 28.07 -19.35
C GLY C 344 -12.22 27.30 -18.04
N MET C 345 -12.98 26.19 -18.03
CA MET C 345 -13.19 25.42 -16.80
C MET C 345 -11.98 24.66 -16.34
N GLY C 346 -11.03 24.42 -17.25
CA GLY C 346 -9.86 23.63 -16.87
C GLY C 346 -9.87 22.20 -17.36
N GLY C 347 -8.97 21.39 -16.80
CA GLY C 347 -8.74 20.04 -17.26
C GLY C 347 -7.66 19.97 -18.33
N ASN C 348 -7.18 21.12 -18.81
CA ASN C 348 -6.21 21.19 -19.90
C ASN C 348 -4.75 21.26 -19.48
N THR C 349 -4.51 21.19 -18.16
CA THR C 349 -3.17 21.16 -17.63
C THR C 349 -2.99 19.82 -16.91
N LEU C 350 -1.88 19.13 -17.22
CA LEU C 350 -1.59 17.87 -16.59
C LEU C 350 -1.19 18.11 -15.14
N LEU C 351 -2.08 17.74 -14.22
CA LEU C 351 -1.81 17.92 -12.80
C LEU C 351 -0.85 16.86 -12.29
N ASP C 352 -0.09 17.19 -11.24
CA ASP C 352 0.90 16.24 -10.72
C ASP C 352 0.24 14.92 -10.32
N ALA C 353 -0.96 15.01 -9.74
CA ALA C 353 -1.67 13.82 -9.28
C ALA C 353 -2.06 12.95 -10.49
N GLU C 354 -2.40 13.61 -11.59
CA GLU C 354 -2.82 12.95 -12.83
C GLU C 354 -1.63 12.27 -13.47
N ARG C 355 -0.53 13.02 -13.56
CA ARG C 355 0.71 12.48 -14.09
C ARG C 355 1.17 11.24 -13.29
N ALA C 356 1.08 11.30 -11.97
CA ALA C 356 1.52 10.19 -11.12
C ALA C 356 0.67 8.95 -11.32
N ALA C 357 -0.64 9.11 -11.41
CA ALA C 357 -1.55 8.00 -11.69
C ALA C 357 -1.20 7.25 -12.97
N ILE C 358 -0.80 8.01 -14.00
CA ILE C 358 -0.48 7.47 -15.30
C ILE C 358 0.90 6.80 -15.26
N GLU C 359 1.84 7.43 -14.56
CA GLU C 359 3.18 6.87 -14.41
C GLU C 359 3.20 5.50 -13.73
N GLU C 360 2.25 5.24 -12.84
CA GLU C 360 2.12 3.93 -12.19
C GLU C 360 1.92 2.79 -13.17
N ILE C 361 1.42 3.11 -14.35
CA ILE C 361 1.04 2.09 -15.36
C ILE C 361 2.14 1.77 -16.36
N VAL C 362 3.00 2.74 -16.58
CA VAL C 362 4.07 2.61 -17.58
C VAL C 362 4.90 1.32 -17.40
N PRO C 363 5.23 0.94 -16.14
CA PRO C 363 6.01 -0.30 -15.91
C PRO C 363 5.32 -1.56 -16.44
N LEU C 364 4.01 -1.51 -16.57
CA LEU C 364 3.26 -2.67 -17.04
C LEU C 364 3.49 -2.97 -18.53
N LEU C 365 3.92 -1.96 -19.28
CA LEU C 365 4.16 -2.10 -20.70
C LEU C 365 5.25 -3.17 -20.98
N ALA C 366 6.19 -3.30 -20.06
CA ALA C 366 7.32 -4.24 -20.25
C ALA C 366 6.88 -5.69 -20.42
N ASP C 367 5.72 -6.03 -19.89
CA ASP C 367 5.22 -7.41 -19.92
C ASP C 367 4.39 -7.76 -21.17
N ILE C 368 4.23 -6.80 -22.08
CA ILE C 368 3.52 -7.06 -23.33
C ILE C 368 4.44 -7.66 -24.36
N ALA D 2 -6.81 -20.88 -6.06
CA ALA D 2 -7.01 -20.66 -4.61
C ALA D 2 -5.81 -21.19 -3.85
N ILE D 3 -5.23 -20.35 -3.01
CA ILE D 3 -4.06 -20.73 -2.22
C ILE D 3 -4.47 -20.84 -0.74
N GLY D 4 -4.35 -22.04 -0.17
CA GLY D 4 -4.77 -22.30 1.23
C GLY D 4 -3.73 -21.71 2.19
N TYR D 5 -4.19 -21.32 3.37
CA TYR D 5 -3.30 -20.79 4.39
C TYR D 5 -3.82 -21.24 5.74
N VAL D 6 -2.95 -21.88 6.53
CA VAL D 6 -3.34 -22.35 7.86
C VAL D 6 -2.54 -21.62 8.98
N TRP D 7 -3.27 -20.98 9.88
CA TRP D 7 -2.70 -20.49 11.14
C TRP D 7 -3.75 -20.74 12.18
N ASN D 8 -3.35 -21.34 13.29
CA ASN D 8 -4.28 -21.52 14.42
C ASN D 8 -3.66 -20.73 15.58
N THR D 9 -4.48 -19.98 16.30
CA THR D 9 -4.02 -19.22 17.47
C THR D 9 -3.08 -20.00 18.41
N LEU D 10 -3.38 -21.26 18.62
CA LEU D 10 -2.60 -22.02 19.60
C LEU D 10 -1.18 -22.27 19.12
N TYR D 11 -0.97 -22.21 17.80
CA TYR D 11 0.41 -22.23 17.28
C TYR D 11 1.30 -21.15 17.95
N GLY D 12 0.68 -20.00 18.26
CA GLY D 12 1.39 -18.93 18.97
C GLY D 12 1.46 -19.11 20.49
N TRP D 13 0.86 -20.17 21.03
CA TRP D 13 0.79 -20.38 22.49
C TRP D 13 1.69 -21.51 22.99
N VAL D 14 2.47 -22.09 22.07
CA VAL D 14 3.39 -23.16 22.48
C VAL D 14 4.26 -22.66 23.63
N ASP D 15 4.31 -23.46 24.69
CA ASP D 15 5.08 -23.04 25.87
C ASP D 15 6.51 -23.58 25.78
N THR D 16 7.45 -22.67 25.50
CA THR D 16 8.86 -23.04 25.34
C THR D 16 9.68 -22.89 26.63
N GLY D 17 9.00 -22.56 27.74
CA GLY D 17 9.64 -22.62 29.06
C GLY D 17 10.39 -21.34 29.34
N THR D 18 11.37 -21.41 30.22
CA THR D 18 12.08 -20.21 30.67
C THR D 18 13.58 -20.24 30.34
N GLY D 19 13.99 -21.27 29.61
CA GLY D 19 15.38 -21.47 29.19
C GLY D 19 15.69 -20.86 27.82
N SER D 20 16.95 -20.95 27.41
CA SER D 20 17.37 -20.43 26.11
C SER D 20 17.24 -21.47 25.03
N LEU D 21 17.46 -22.74 25.40
CA LEU D 21 17.59 -23.85 24.45
C LEU D 21 17.26 -25.11 25.25
N ALA D 22 18.15 -25.49 26.16
CA ALA D 22 17.79 -26.36 27.27
C ALA D 22 17.10 -25.49 28.31
N ALA D 23 16.59 -26.11 29.36
CA ALA D 23 15.98 -25.36 30.46
C ALA D 23 16.98 -24.41 31.12
N ALA D 24 16.48 -23.37 31.78
CA ALA D 24 17.34 -22.61 32.70
C ALA D 24 17.87 -23.58 33.78
N ASN D 25 19.05 -23.28 34.28
CA ASN D 25 19.67 -24.14 35.28
C ASN D 25 20.60 -23.33 36.14
N LEU D 26 20.27 -23.24 37.43
CA LEU D 26 20.96 -22.27 38.28
C LEU D 26 22.37 -22.72 38.63
N THR D 27 22.57 -24.01 38.74
CA THR D 27 23.95 -24.44 39.05
C THR D 27 24.91 -24.19 37.87
N ALA D 28 24.43 -24.34 36.63
CA ALA D 28 25.19 -24.00 35.40
C ALA D 28 25.27 -22.50 35.20
N ARG D 29 24.53 -21.75 36.01
CA ARG D 29 24.35 -20.30 35.83
C ARG D 29 23.81 -19.90 34.45
N MET D 30 22.90 -20.71 33.94
CA MET D 30 22.07 -20.34 32.78
C MET D 30 20.84 -19.61 33.26
N GLN D 31 20.92 -18.30 33.15
CA GLN D 31 19.89 -17.39 33.66
C GLN D 31 18.61 -17.57 32.84
N PRO D 32 17.44 -17.53 33.51
CA PRO D 32 16.19 -17.66 32.77
C PRO D 32 16.05 -16.46 31.84
N ILE D 33 15.23 -16.63 30.81
CA ILE D 33 15.04 -15.57 29.82
C ILE D 33 13.59 -15.60 29.30
N SER D 34 13.06 -14.45 28.88
CA SER D 34 11.64 -14.41 28.46
C SER D 34 11.42 -15.16 27.14
N HIS D 35 12.38 -15.05 26.22
CA HIS D 35 12.25 -15.67 24.89
C HIS D 35 13.34 -16.72 24.63
N HIS D 36 12.94 -17.97 24.82
CA HIS D 36 13.68 -19.13 24.33
C HIS D 36 13.97 -18.92 22.86
N LEU D 37 15.03 -19.56 22.37
CA LEU D 37 15.36 -19.47 20.94
C LEU D 37 14.18 -19.76 20.04
N ALA D 38 13.38 -20.75 20.44
CA ALA D 38 12.28 -21.28 19.63
C ALA D 38 10.93 -20.64 20.02
N HIS D 39 10.98 -19.51 20.71
CA HIS D 39 9.75 -18.87 21.23
C HIS D 39 8.74 -18.73 20.08
N PRO D 40 7.43 -19.00 20.33
CA PRO D 40 6.44 -18.90 19.22
C PRO D 40 6.29 -17.52 18.59
N ASP D 41 6.82 -16.46 19.22
CA ASP D 41 6.64 -15.10 18.66
C ASP D 41 7.20 -14.94 17.23
N THR D 42 8.28 -15.64 16.92
CA THR D 42 8.89 -15.55 15.60
C THR D 42 7.89 -15.93 14.50
N LYS D 43 7.27 -17.09 14.68
CA LYS D 43 6.25 -17.57 13.74
C LYS D 43 4.97 -16.74 13.80
N ARG D 44 4.59 -16.27 15.00
CA ARG D 44 3.41 -15.40 15.08
C ARG D 44 3.66 -14.12 14.29
N ARG D 45 4.87 -13.58 14.34
CA ARG D 45 5.21 -12.37 13.59
C ARG D 45 5.08 -12.55 12.06
N PHE D 46 5.42 -13.73 11.60
CA PHE D 46 5.24 -14.14 10.22
C PHE D 46 3.74 -14.11 9.93
N HIS D 47 2.92 -14.76 10.76
CA HIS D 47 1.47 -14.71 10.54
C HIS D 47 0.96 -13.25 10.47
N GLU D 48 1.44 -12.44 11.42
CA GLU D 48 0.89 -11.11 11.52
C GLU D 48 1.31 -10.26 10.31
N LEU D 49 2.49 -10.56 9.76
CA LEU D 49 2.92 -9.88 8.54
C LEU D 49 2.11 -10.35 7.32
N VAL D 50 1.78 -11.65 7.25
CA VAL D 50 0.88 -12.13 6.21
C VAL D 50 -0.42 -11.31 6.20
N CYS D 51 -0.93 -11.04 7.39
CA CYS D 51 -2.16 -10.25 7.52
C CYS D 51 -1.94 -8.77 7.24
N ALA D 52 -0.94 -8.17 7.90
CA ALA D 52 -0.79 -6.73 7.85
C ALA D 52 -0.32 -6.23 6.47
N SER D 53 0.44 -7.06 5.73
CA SER D 53 0.83 -6.80 4.35
C SER D 53 -0.37 -6.85 3.38
N GLY D 54 -1.48 -7.44 3.82
CA GLY D 54 -2.67 -7.69 2.96
C GLY D 54 -2.59 -8.98 2.15
N GLN D 55 -1.52 -9.76 2.30
CA GLN D 55 -1.46 -11.07 1.62
C GLN D 55 -2.63 -11.96 1.99
N ILE D 56 -3.12 -11.81 3.21
CA ILE D 56 -4.19 -12.65 3.71
C ILE D 56 -5.42 -12.50 2.79
N GLU D 57 -5.58 -11.32 2.19
CA GLU D 57 -6.73 -11.07 1.30
C GLU D 57 -6.68 -11.92 0.04
N HIS D 58 -5.50 -12.45 -0.27
CA HIS D 58 -5.31 -13.28 -1.46
C HIS D 58 -5.20 -14.75 -1.10
N LEU D 59 -5.38 -15.05 0.18
CA LEU D 59 -5.30 -16.41 0.64
C LEU D 59 -6.67 -16.92 1.02
N THR D 60 -6.82 -18.24 0.96
CA THR D 60 -8.01 -18.91 1.44
C THR D 60 -7.73 -19.54 2.81
N PRO D 61 -8.24 -18.93 3.89
CA PRO D 61 -7.98 -19.49 5.22
C PRO D 61 -8.57 -20.86 5.38
N ILE D 62 -7.74 -21.80 5.86
CA ILE D 62 -8.13 -23.19 6.04
C ILE D 62 -7.96 -23.50 7.50
N ALA D 63 -9.01 -23.97 8.17
CA ALA D 63 -8.95 -24.31 9.60
C ALA D 63 -8.13 -25.58 9.78
N ALA D 64 -7.25 -25.56 10.78
CA ALA D 64 -6.56 -26.78 11.21
C ALA D 64 -7.59 -27.69 11.85
N VAL D 65 -7.44 -29.00 11.60
CA VAL D 65 -8.24 -30.00 12.32
C VAL D 65 -7.27 -30.83 13.13
N ALA D 66 -7.63 -31.20 14.36
CA ALA D 66 -6.72 -31.97 15.21
C ALA D 66 -6.40 -33.33 14.56
N ALA D 67 -5.13 -33.62 14.30
CA ALA D 67 -4.76 -34.95 13.79
C ALA D 67 -5.22 -36.03 14.78
N THR D 68 -5.86 -37.07 14.24
CA THR D 68 -6.33 -38.19 15.04
C THR D 68 -5.17 -39.13 15.39
N ASP D 69 -5.40 -40.00 16.35
CA ASP D 69 -4.45 -41.08 16.62
C ASP D 69 -4.08 -41.85 15.33
N ALA D 70 -5.07 -42.14 14.48
CA ALA D 70 -4.82 -42.87 13.22
C ALA D 70 -3.90 -42.07 12.32
N ASP D 71 -4.12 -40.76 12.27
CA ASP D 71 -3.30 -39.88 11.43
C ASP D 71 -1.85 -39.98 11.90
N ILE D 72 -1.66 -39.89 13.21
CA ILE D 72 -0.34 -39.83 13.82
C ILE D 72 0.41 -41.15 13.65
N LEU D 73 -0.33 -42.23 13.86
CA LEU D 73 0.23 -43.58 13.74
C LEU D 73 0.63 -43.97 12.34
N ARG D 74 0.27 -43.18 11.33
CA ARG D 74 0.74 -43.47 9.97
C ARG D 74 2.21 -43.11 9.86
N ALA D 75 2.69 -42.26 10.78
CA ALA D 75 4.09 -41.80 10.78
C ALA D 75 4.89 -42.24 12.01
N HIS D 76 4.22 -42.49 13.13
CA HIS D 76 4.88 -42.70 14.40
C HIS D 76 4.42 -43.97 15.04
N SER D 77 5.16 -44.41 16.06
CA SER D 77 4.83 -45.61 16.81
C SER D 77 3.69 -45.36 17.83
N ALA D 78 3.01 -46.44 18.21
CA ALA D 78 2.06 -46.39 19.31
C ALA D 78 2.74 -45.90 20.58
N ALA D 79 3.95 -46.37 20.84
CA ALA D 79 4.67 -45.98 22.04
C ALA D 79 5.00 -44.49 22.08
N HIS D 80 5.38 -43.92 20.93
CA HIS D 80 5.61 -42.47 20.93
C HIS D 80 4.29 -41.73 21.20
N LEU D 81 3.22 -42.12 20.49
CA LEU D 81 1.90 -41.52 20.70
C LEU D 81 1.51 -41.56 22.18
N GLU D 82 1.60 -42.75 22.77
CA GLU D 82 1.32 -42.95 24.19
C GLU D 82 2.18 -42.06 25.08
N ASN D 83 3.47 -41.97 24.77
CA ASN D 83 4.36 -41.16 25.55
C ASN D 83 4.02 -39.67 25.51
N MET D 84 3.55 -39.18 24.37
CA MET D 84 3.24 -37.76 24.25
C MET D 84 2.00 -37.42 25.05
N LYS D 85 1.03 -38.32 25.02
CA LYS D 85 -0.17 -38.20 25.87
C LYS D 85 0.23 -38.06 27.34
N ARG D 86 1.09 -38.98 27.75
CA ARG D 86 1.63 -39.07 29.08
C ARG D 86 2.28 -37.77 29.55
N VAL D 87 3.16 -37.18 28.74
CA VAL D 87 3.82 -35.94 29.09
C VAL D 87 2.81 -34.76 29.09
N SER D 88 1.88 -34.78 28.14
CA SER D 88 0.89 -33.71 28.04
C SER D 88 -0.09 -33.80 29.21
N ASN D 89 -0.31 -35.02 29.68
CA ASN D 89 -1.23 -35.34 30.81
C ASN D 89 -0.62 -35.40 32.20
N LEU D 90 0.69 -35.23 32.28
CA LEU D 90 1.40 -34.88 33.51
C LEU D 90 0.90 -33.49 33.89
N PRO D 91 0.42 -33.32 35.15
CA PRO D 91 -0.18 -32.04 35.60
C PRO D 91 0.53 -30.74 35.14
N THR D 92 1.81 -30.83 34.80
CA THR D 92 2.55 -29.68 34.23
C THR D 92 3.23 -30.00 32.88
N GLY D 93 3.04 -31.23 32.38
CA GLY D 93 3.70 -31.65 31.13
C GLY D 93 5.21 -31.88 31.33
N GLY D 94 6.05 -31.22 30.51
CA GLY D 94 7.53 -31.27 30.64
C GLY D 94 8.36 -31.53 29.36
N ASP D 95 9.70 -31.51 29.47
CA ASP D 95 10.59 -31.96 28.38
C ASP D 95 10.20 -33.38 27.93
N THR D 96 10.30 -33.66 26.61
CA THR D 96 9.77 -34.89 26.01
C THR D 96 10.81 -35.99 25.74
N GLY D 97 12.11 -35.67 25.93
CA GLY D 97 13.16 -36.68 25.78
C GLY D 97 14.58 -36.16 25.63
N ASP D 98 14.79 -35.21 24.73
CA ASP D 98 16.16 -34.75 24.45
C ASP D 98 16.65 -33.50 25.19
N GLY D 99 15.84 -32.99 26.13
CA GLY D 99 16.26 -31.86 26.96
C GLY D 99 16.17 -30.49 26.31
N ILE D 100 15.76 -30.44 25.03
CA ILE D 100 15.55 -29.13 24.40
C ILE D 100 14.12 -29.00 23.83
N THR D 101 13.26 -29.98 24.19
CA THR D 101 11.91 -30.18 23.56
C THR D 101 10.81 -30.37 24.60
N MET D 102 10.12 -29.29 24.90
CA MET D 102 9.10 -29.37 25.94
C MET D 102 7.65 -29.29 25.41
N MET D 103 6.74 -29.99 26.10
CA MET D 103 5.29 -29.79 26.02
C MET D 103 4.69 -29.26 27.34
N GLY D 104 3.51 -28.66 27.26
CA GLY D 104 2.77 -28.27 28.47
C GLY D 104 1.77 -29.34 28.87
N ASN D 105 1.06 -29.13 29.99
CA ASN D 105 -0.14 -29.93 30.22
C ASN D 105 -1.05 -29.56 29.03
N GLY D 106 -1.65 -30.56 28.41
CA GLY D 106 -2.48 -30.35 27.22
C GLY D 106 -1.76 -29.88 25.96
N GLY D 107 -0.42 -29.75 26.02
CA GLY D 107 0.44 -29.43 24.86
C GLY D 107 0.23 -30.32 23.65
N LEU D 108 -0.31 -31.51 23.88
CA LEU D 108 -0.63 -32.44 22.80
C LEU D 108 -1.70 -31.86 21.87
N GLU D 109 -2.59 -31.02 22.42
CA GLU D 109 -3.62 -30.40 21.58
C GLU D 109 -2.97 -29.59 20.46
N ILE D 110 -1.91 -28.84 20.78
CA ILE D 110 -1.24 -28.00 19.77
C ILE D 110 -0.48 -28.89 18.77
N ALA D 111 0.22 -29.89 19.30
CA ALA D 111 0.91 -30.89 18.43
C ALA D 111 -0.08 -31.52 17.44
N ARG D 112 -1.27 -31.89 17.90
CA ARG D 112 -2.29 -32.45 17.00
C ARG D 112 -2.76 -31.43 15.97
N LEU D 113 -2.94 -30.18 16.40
CA LEU D 113 -3.37 -29.13 15.49
C LEU D 113 -2.31 -28.75 14.45
N SER D 114 -1.02 -28.90 14.82
CA SER D 114 0.09 -28.58 13.94
C SER D 114 0.14 -29.65 12.84
N ALA D 115 0.12 -30.93 13.24
CA ALA D 115 0.10 -32.02 12.25
C ALA D 115 -1.19 -32.00 11.45
N GLY D 116 -2.32 -31.73 12.12
CA GLY D 116 -3.66 -31.62 11.51
C GLY D 116 -3.75 -30.51 10.47
N GLY D 117 -3.05 -29.41 10.72
CA GLY D 117 -3.03 -28.29 9.77
C GLY D 117 -2.39 -28.70 8.45
N ALA D 118 -1.27 -29.40 8.53
CA ALA D 118 -0.58 -29.94 7.34
C ALA D 118 -1.48 -30.91 6.58
N VAL D 119 -2.13 -31.83 7.30
CA VAL D 119 -3.09 -32.80 6.73
C VAL D 119 -4.24 -32.12 6.02
N GLU D 120 -4.90 -31.19 6.70
CA GLU D 120 -6.05 -30.49 6.12
C GLU D 120 -5.71 -29.74 4.86
N LEU D 121 -4.56 -29.08 4.86
CA LEU D 121 -4.12 -28.34 3.69
C LEU D 121 -3.83 -29.34 2.55
N THR D 122 -3.10 -30.41 2.87
CA THR D 122 -2.81 -31.49 1.90
C THR D 122 -4.10 -32.09 1.27
N ARG D 123 -5.08 -32.43 2.11
CA ARG D 123 -6.36 -32.98 1.64
C ARG D 123 -7.04 -32.05 0.62
N ARG D 124 -7.09 -30.76 0.93
CA ARG D 124 -7.80 -29.80 0.10
C ARG D 124 -7.07 -29.43 -1.16
N VAL D 125 -5.73 -29.52 -1.15
CA VAL D 125 -4.94 -29.34 -2.37
C VAL D 125 -5.18 -30.56 -3.29
N ALA D 126 -5.30 -31.76 -2.71
CA ALA D 126 -5.53 -33.00 -3.48
C ALA D 126 -6.94 -33.13 -4.09
N THR D 127 -7.98 -32.72 -3.38
CA THR D 127 -9.32 -32.66 -3.97
C THR D 127 -9.39 -31.69 -5.17
N GLY D 128 -8.42 -30.79 -5.28
CA GLY D 128 -8.46 -29.72 -6.28
C GLY D 128 -9.24 -28.50 -5.82
N GLU D 129 -9.69 -28.49 -4.57
CA GLU D 129 -10.32 -27.29 -4.00
C GLU D 129 -9.31 -26.16 -4.02
N LEU D 130 -8.09 -26.48 -3.60
CA LEU D 130 -6.97 -25.52 -3.63
C LEU D 130 -5.91 -25.97 -4.61
N SER D 131 -5.20 -25.02 -5.18
CA SER D 131 -4.10 -25.37 -6.05
C SER D 131 -2.83 -25.62 -5.25
N ALA D 132 -2.69 -24.94 -4.10
CA ALA D 132 -1.44 -25.03 -3.33
C ALA D 132 -1.70 -24.41 -1.96
N GLY D 133 -0.70 -24.41 -1.09
CA GLY D 133 -0.91 -23.71 0.18
C GLY D 133 0.32 -23.60 1.05
N TYR D 134 0.19 -22.83 2.14
CA TYR D 134 1.23 -22.69 3.15
C TYR D 134 0.57 -22.94 4.51
N ALA D 135 1.05 -23.97 5.22
CA ALA D 135 0.58 -24.27 6.56
C ALA D 135 1.63 -23.71 7.55
N LEU D 136 1.27 -22.59 8.18
CA LEU D 136 2.18 -21.91 9.12
C LEU D 136 2.03 -22.55 10.52
N VAL D 137 2.54 -23.78 10.66
CA VAL D 137 2.27 -24.58 11.84
C VAL D 137 3.36 -24.37 12.91
N ASN D 138 3.03 -24.77 14.13
CA ASN D 138 4.00 -24.79 15.24
C ASN D 138 3.32 -25.65 16.29
N PRO D 139 4.04 -26.60 16.91
CA PRO D 139 5.46 -26.94 16.80
C PRO D 139 5.85 -27.59 15.45
N PRO D 140 7.16 -27.55 15.14
CA PRO D 140 7.72 -28.06 13.88
C PRO D 140 7.80 -29.58 13.91
N GLY D 141 8.29 -30.19 12.82
CA GLY D 141 8.16 -31.63 12.70
C GLY D 141 9.38 -32.42 12.31
N HIS D 142 10.30 -31.83 11.54
CA HIS D 142 11.20 -32.68 10.74
C HIS D 142 12.25 -33.51 11.54
N HIS D 143 12.50 -33.15 12.80
CA HIS D 143 13.41 -33.98 13.62
C HIS D 143 12.76 -35.16 14.32
N ALA D 144 11.44 -35.21 14.39
CA ALA D 144 10.77 -36.29 15.12
C ALA D 144 10.82 -37.55 14.25
N PRO D 145 11.55 -38.60 14.71
CA PRO D 145 11.57 -39.86 13.94
C PRO D 145 10.34 -40.72 14.27
N HIS D 146 10.29 -41.96 13.80
CA HIS D 146 9.12 -42.81 14.01
C HIS D 146 8.76 -42.94 15.50
N ASN D 147 9.78 -43.07 16.35
CA ASN D 147 9.54 -43.44 17.76
C ASN D 147 10.00 -42.38 18.77
N ALA D 148 10.09 -41.09 18.39
CA ALA D 148 10.51 -40.08 19.36
C ALA D 148 10.08 -38.67 19.02
N ALA D 149 10.13 -37.80 20.03
CA ALA D 149 10.19 -36.34 19.83
C ALA D 149 11.64 -35.91 19.92
N MET D 150 11.96 -34.85 19.20
CA MET D 150 13.33 -34.41 19.08
C MET D 150 13.39 -33.00 18.51
N GLY D 151 14.34 -32.23 19.02
CA GLY D 151 14.65 -30.93 18.47
C GLY D 151 13.45 -30.02 18.24
N PHE D 152 12.65 -29.83 19.28
CA PHE D 152 11.45 -28.95 19.28
C PHE D 152 10.24 -29.61 18.57
N CYS D 153 10.43 -30.81 18.01
CA CYS D 153 9.39 -31.49 17.21
C CYS D 153 8.74 -32.59 18.01
N ILE D 154 7.41 -32.55 18.11
CA ILE D 154 6.64 -33.58 18.76
C ILE D 154 6.21 -34.67 17.78
N PHE D 155 5.54 -34.26 16.69
CA PHE D 155 5.21 -35.19 15.62
C PHE D 155 5.75 -34.66 14.32
N ASN D 156 6.03 -35.57 13.40
CA ASN D 156 6.58 -35.17 12.12
C ASN D 156 5.48 -34.73 11.17
N ASN D 157 5.18 -33.42 11.18
CA ASN D 157 4.04 -32.87 10.43
C ASN D 157 3.98 -33.27 8.96
N THR D 158 5.11 -33.13 8.26
CA THR D 158 5.11 -33.39 6.81
C THR D 158 4.94 -34.89 6.55
N SER D 159 5.46 -35.73 7.46
CA SER D 159 5.27 -37.20 7.36
C SER D 159 3.86 -37.64 7.67
N VAL D 160 3.22 -37.03 8.66
CA VAL D 160 1.81 -37.29 8.92
C VAL D 160 0.98 -36.94 7.67
N ALA D 161 1.26 -35.77 7.08
CA ALA D 161 0.57 -35.34 5.86
C ALA D 161 0.86 -36.30 4.68
N ALA D 162 2.13 -36.68 4.53
CA ALA D 162 2.53 -37.58 3.45
C ALA D 162 1.82 -38.94 3.62
N GLY D 163 1.76 -39.43 4.85
CA GLY D 163 1.12 -40.72 5.17
C GLY D 163 -0.37 -40.68 4.83
N TYR D 164 -1.00 -39.54 5.13
CA TYR D 164 -2.41 -39.31 4.74
C TYR D 164 -2.60 -39.38 3.23
N ALA D 165 -1.74 -38.68 2.48
CA ALA D 165 -1.77 -38.61 1.02
C ALA D 165 -1.63 -40.01 0.40
N ARG D 166 -0.73 -40.80 0.97
CA ARG D 166 -0.52 -42.20 0.57
C ARG D 166 -1.73 -43.10 0.90
N ALA D 167 -2.10 -43.17 2.18
CA ALA D 167 -3.06 -44.14 2.68
C ALA D 167 -4.51 -43.76 2.41
N VAL D 168 -4.84 -42.47 2.59
CA VAL D 168 -6.22 -42.02 2.46
C VAL D 168 -6.49 -41.52 1.05
N LEU D 169 -5.61 -40.71 0.50
CA LEU D 169 -5.84 -40.15 -0.84
C LEU D 169 -5.40 -41.09 -1.98
N GLY D 170 -4.60 -42.09 -1.66
CA GLY D 170 -4.17 -43.13 -2.63
C GLY D 170 -3.11 -42.66 -3.61
N MET D 171 -2.35 -41.64 -3.23
CA MET D 171 -1.23 -41.22 -4.05
C MET D 171 -0.14 -42.28 -3.91
N GLU D 172 0.54 -42.54 -5.02
CA GLU D 172 1.55 -43.59 -5.04
C GLU D 172 2.91 -43.07 -4.62
N ARG D 173 3.17 -41.81 -4.96
CA ARG D 173 4.47 -41.20 -4.69
C ARG D 173 4.29 -39.77 -4.17
N VAL D 174 4.97 -39.47 -3.06
CA VAL D 174 4.97 -38.13 -2.47
C VAL D 174 6.44 -37.74 -2.29
N ALA D 175 6.77 -36.47 -2.53
CA ALA D 175 8.13 -35.99 -2.17
C ALA D 175 8.05 -34.96 -1.05
N ILE D 176 9.02 -35.05 -0.15
CA ILE D 176 9.15 -34.07 0.94
C ILE D 176 10.50 -33.41 0.77
N LEU D 177 10.48 -32.12 0.44
CA LEU D 177 11.69 -31.33 0.27
C LEU D 177 11.85 -30.44 1.50
N ASP D 178 12.94 -30.63 2.24
CA ASP D 178 13.10 -29.94 3.52
C ASP D 178 14.29 -28.98 3.39
N TRP D 179 14.01 -27.65 3.36
CA TRP D 179 15.08 -26.67 3.24
C TRP D 179 15.28 -25.87 4.54
N ASP D 180 14.64 -26.33 5.60
CA ASP D 180 15.09 -25.92 6.95
C ASP D 180 16.61 -26.23 7.00
N VAL D 181 17.39 -25.35 7.64
CA VAL D 181 18.88 -25.45 7.62
C VAL D 181 19.51 -26.68 8.34
N HIS D 182 18.70 -27.34 9.15
CA HIS D 182 19.10 -28.50 9.94
C HIS D 182 18.64 -29.75 9.20
N HIS D 183 19.38 -30.83 9.42
CA HIS D 183 19.03 -32.09 8.79
C HIS D 183 17.64 -32.61 9.22
N GLY D 184 16.79 -32.94 8.23
CA GLY D 184 15.49 -33.62 8.52
C GLY D 184 15.63 -35.11 8.88
N ASN D 185 16.31 -35.38 9.99
CA ASN D 185 16.59 -36.77 10.41
C ASN D 185 15.33 -37.56 10.71
N GLY D 186 14.31 -36.88 11.24
CA GLY D 186 13.09 -37.62 11.59
C GLY D 186 12.36 -38.11 10.35
N THR D 187 12.23 -37.22 9.37
CA THR D 187 11.58 -37.57 8.10
C THR D 187 12.39 -38.68 7.41
N GLN D 188 13.71 -38.55 7.45
CA GLN D 188 14.59 -39.57 6.88
C GLN D 188 14.33 -40.94 7.53
N ASP D 189 14.22 -40.95 8.85
CA ASP D 189 13.97 -42.19 9.60
C ASP D 189 12.65 -42.84 9.24
N ILE D 190 11.60 -42.01 9.18
CA ILE D 190 10.25 -42.51 9.03
C ILE D 190 10.08 -43.25 7.71
N TRP D 191 10.66 -42.70 6.64
CA TRP D 191 10.48 -43.22 5.28
C TRP D 191 11.73 -43.96 4.75
N TRP D 192 12.62 -44.33 5.67
CA TRP D 192 13.92 -44.95 5.35
C TRP D 192 13.81 -46.16 4.39
N ASN D 193 12.83 -47.04 4.65
CA ASN D 193 12.68 -48.28 3.90
C ASN D 193 11.63 -48.16 2.81
N ASP D 194 11.15 -46.95 2.55
CA ASP D 194 9.93 -46.76 1.75
C ASP D 194 10.21 -45.90 0.52
N PRO D 195 10.15 -46.49 -0.70
CA PRO D 195 10.41 -45.69 -1.89
C PRO D 195 9.23 -44.80 -2.36
N SER D 196 8.09 -44.93 -1.68
CA SER D 196 6.87 -44.18 -2.03
C SER D 196 6.87 -42.72 -1.48
N VAL D 197 7.85 -42.41 -0.62
CA VAL D 197 8.10 -41.03 -0.15
C VAL D 197 9.58 -40.70 -0.37
N LEU D 198 9.86 -39.88 -1.37
CA LEU D 198 11.20 -39.40 -1.60
C LEU D 198 11.44 -38.28 -0.58
N THR D 199 12.48 -38.45 0.21
CA THR D 199 12.84 -37.44 1.23
C THR D 199 14.14 -36.78 0.88
N ILE D 200 14.11 -35.46 0.77
CA ILE D 200 15.30 -34.68 0.41
C ILE D 200 15.53 -33.62 1.48
N SER D 201 16.75 -33.54 1.99
CA SER D 201 17.09 -32.50 2.96
C SER D 201 18.31 -31.69 2.52
N LEU D 202 18.17 -30.36 2.43
CA LEU D 202 19.34 -29.47 2.29
C LEU D 202 19.64 -29.02 3.69
N HIS D 203 20.90 -29.04 4.11
CA HIS D 203 21.19 -28.54 5.48
C HIS D 203 22.64 -28.13 5.64
N GLN D 204 22.92 -27.26 6.61
CA GLN D 204 24.30 -26.99 7.01
C GLN D 204 24.87 -28.28 7.60
N HIS D 205 26.00 -28.75 7.08
CA HIS D 205 26.56 -30.02 7.50
C HIS D 205 26.84 -30.06 9.02
N LEU D 206 26.26 -31.06 9.69
CA LEU D 206 26.47 -31.34 11.12
C LEU D 206 26.02 -30.19 12.04
N CYS D 207 25.09 -29.39 11.55
CA CYS D 207 24.55 -28.29 12.36
C CYS D 207 23.67 -28.86 13.47
N PHE D 208 22.65 -29.60 13.08
CA PHE D 208 21.81 -30.36 14.01
C PHE D 208 20.94 -31.34 13.22
N PRO D 209 20.84 -32.62 13.67
CA PRO D 209 21.51 -33.22 14.84
C PRO D 209 23.00 -33.43 14.58
N PRO D 210 23.77 -33.67 15.66
CA PRO D 210 25.16 -34.02 15.41
C PRO D 210 25.26 -35.39 14.68
N ASP D 211 26.35 -35.61 13.95
CA ASP D 211 26.58 -36.94 13.35
C ASP D 211 25.43 -37.49 12.50
N SER D 212 24.82 -36.63 11.69
CA SER D 212 23.61 -36.94 11.00
C SER D 212 23.60 -36.14 9.69
N GLY D 213 23.00 -36.69 8.62
CA GLY D 213 22.81 -35.91 7.38
C GLY D 213 23.88 -36.04 6.31
N TYR D 214 24.77 -37.04 6.46
CA TYR D 214 25.76 -37.36 5.40
C TYR D 214 25.10 -37.84 4.11
N SER D 215 25.72 -37.57 2.96
CA SER D 215 25.12 -38.00 1.68
C SER D 215 25.10 -39.53 1.52
N THR D 216 25.78 -40.27 2.41
CA THR D 216 25.76 -41.73 2.37
C THR D 216 24.50 -42.37 2.98
N GLU D 217 23.69 -41.54 3.65
CA GLU D 217 22.41 -42.01 4.23
C GLU D 217 21.38 -41.99 3.12
N ARG D 218 21.10 -43.18 2.59
CA ARG D 218 20.37 -43.27 1.32
C ARG D 218 19.10 -44.08 1.38
N GLY D 219 18.74 -44.51 2.58
CA GLY D 219 17.58 -45.37 2.74
C GLY D 219 18.00 -46.82 2.64
N ALA D 220 17.04 -47.74 2.77
CA ALA D 220 17.38 -49.16 2.80
C ALA D 220 16.28 -49.97 2.17
N GLY D 221 16.63 -51.19 1.80
CA GLY D 221 15.65 -52.07 1.17
C GLY D 221 15.02 -51.49 -0.08
N ASN D 222 13.70 -51.67 -0.26
CA ASN D 222 13.04 -51.07 -1.40
C ASN D 222 13.18 -49.53 -1.42
N GLY D 223 13.41 -48.95 -0.23
CA GLY D 223 13.62 -47.51 -0.11
C GLY D 223 15.03 -47.02 -0.38
N HIS D 224 15.95 -47.93 -0.73
CA HIS D 224 17.32 -47.52 -1.07
C HIS D 224 17.34 -46.61 -2.29
N GLY D 225 17.93 -45.43 -2.12
CA GLY D 225 18.03 -44.45 -3.23
C GLY D 225 16.98 -43.35 -3.19
N TYR D 226 16.12 -43.40 -2.19
CA TYR D 226 14.95 -42.50 -2.10
C TYR D 226 15.01 -41.63 -0.85
N ASN D 227 16.23 -41.48 -0.34
CA ASN D 227 16.56 -40.45 0.63
C ASN D 227 17.82 -39.76 0.13
N ILE D 228 17.75 -38.43 0.07
CA ILE D 228 18.85 -37.65 -0.49
C ILE D 228 19.20 -36.50 0.46
N ASN D 229 20.40 -36.56 1.03
CA ASN D 229 20.94 -35.46 1.82
C ASN D 229 21.89 -34.62 1.01
N VAL D 230 21.74 -33.30 1.16
CA VAL D 230 22.65 -32.36 0.54
C VAL D 230 23.30 -31.48 1.62
N PRO D 231 24.30 -32.01 2.36
CA PRO D 231 24.96 -31.20 3.34
C PRO D 231 25.81 -30.12 2.69
N LEU D 232 25.72 -28.89 3.23
CA LEU D 232 26.40 -27.71 2.69
C LEU D 232 27.28 -27.08 3.77
N PRO D 233 28.37 -26.42 3.36
CA PRO D 233 29.26 -25.77 4.33
C PRO D 233 28.63 -24.51 5.00
N PRO D 234 28.95 -24.26 6.27
CA PRO D 234 28.64 -22.97 6.89
C PRO D 234 29.05 -21.80 6.00
N GLY D 235 28.25 -20.74 5.98
CA GLY D 235 28.54 -19.61 5.11
C GLY D 235 27.94 -19.67 3.72
N SER D 236 27.31 -20.80 3.37
CA SER D 236 26.61 -20.98 2.10
C SER D 236 25.44 -20.01 2.01
N GLY D 237 25.29 -19.35 0.85
CA GLY D 237 24.23 -18.35 0.67
C GLY D 237 23.34 -18.64 -0.53
N ASN D 238 22.78 -17.58 -1.08
CA ASN D 238 21.84 -17.76 -2.20
C ASN D 238 22.50 -18.55 -3.35
N ALA D 239 23.76 -18.26 -3.68
CA ALA D 239 24.36 -18.92 -4.83
C ALA D 239 24.40 -20.43 -4.63
N ALA D 240 24.89 -20.88 -3.47
CA ALA D 240 24.97 -22.31 -3.16
C ALA D 240 23.59 -22.95 -3.12
N TYR D 241 22.64 -22.28 -2.47
CA TYR D 241 21.30 -22.85 -2.33
C TYR D 241 20.64 -23.02 -3.70
N LEU D 242 20.75 -22.00 -4.55
CA LEU D 242 20.09 -22.08 -5.86
C LEU D 242 20.83 -23.07 -6.76
N HIS D 243 22.15 -23.17 -6.59
CA HIS D 243 22.93 -24.20 -7.31
C HIS D 243 22.46 -25.61 -6.90
N ALA D 244 22.31 -25.83 -5.59
CA ALA D 244 21.72 -27.07 -5.07
C ALA D 244 20.32 -27.37 -5.64
N MET D 245 19.46 -26.35 -5.66
CA MET D 245 18.14 -26.51 -6.31
C MET D 245 18.29 -26.98 -7.74
N ASP D 246 19.13 -26.30 -8.52
CA ASP D 246 19.19 -26.52 -9.97
C ASP D 246 19.89 -27.85 -10.33
N GLN D 247 20.95 -28.17 -9.60
CA GLN D 247 21.80 -29.36 -9.88
C GLN D 247 21.31 -30.66 -9.27
N VAL D 248 20.63 -30.54 -8.13
CA VAL D 248 20.17 -31.73 -7.38
C VAL D 248 18.68 -31.80 -7.14
N VAL D 249 18.09 -30.77 -6.53
CA VAL D 249 16.70 -30.89 -6.08
C VAL D 249 15.68 -31.01 -7.21
N LEU D 250 15.70 -30.05 -8.13
CA LEU D 250 14.79 -30.07 -9.26
C LEU D 250 14.99 -31.32 -10.14
N PRO D 251 16.24 -31.68 -10.49
CA PRO D 251 16.41 -32.95 -11.24
C PRO D 251 15.90 -34.17 -10.45
N ALA D 252 16.10 -34.18 -9.14
CA ALA D 252 15.57 -35.30 -8.33
C ALA D 252 14.05 -35.42 -8.40
N LEU D 253 13.36 -34.28 -8.22
CA LEU D 253 11.90 -34.26 -8.29
C LEU D 253 11.40 -34.73 -9.66
N ARG D 254 12.04 -34.24 -10.71
CA ARG D 254 11.65 -34.61 -12.10
C ARG D 254 11.83 -36.09 -12.40
N ALA D 255 12.91 -36.67 -11.89
CA ALA D 255 13.21 -38.10 -12.04
C ALA D 255 12.18 -38.92 -11.27
N TYR D 256 11.78 -38.44 -10.10
CA TYR D 256 10.87 -39.20 -9.23
C TYR D 256 9.37 -39.11 -9.58
N ARG D 257 8.95 -37.98 -10.18
CA ARG D 257 7.55 -37.80 -10.51
C ARG D 257 6.58 -38.01 -9.31
N PRO D 258 6.74 -37.21 -8.23
CA PRO D 258 5.80 -37.31 -7.13
C PRO D 258 4.47 -36.77 -7.64
N GLN D 259 3.38 -37.22 -7.03
CA GLN D 259 2.05 -36.71 -7.33
C GLN D 259 1.73 -35.47 -6.47
N LEU D 260 2.59 -35.19 -5.50
CA LEU D 260 2.39 -34.08 -4.56
C LEU D 260 3.77 -33.75 -4.02
N ILE D 261 4.09 -32.47 -3.93
CA ILE D 261 5.32 -32.07 -3.27
C ILE D 261 4.96 -31.37 -1.96
N ILE D 262 5.57 -31.82 -0.88
CA ILE D 262 5.44 -31.14 0.44
C ILE D 262 6.79 -30.49 0.71
N VAL D 263 6.77 -29.22 1.10
CA VAL D 263 8.02 -28.54 1.43
C VAL D 263 8.05 -28.34 2.92
N GLY D 264 9.11 -28.86 3.57
CA GLY D 264 9.43 -28.54 4.97
C GLY D 264 10.16 -27.21 4.93
N SER D 265 9.39 -26.14 5.11
CA SER D 265 9.81 -24.78 4.83
C SER D 265 10.27 -24.14 6.12
N GLY D 266 11.56 -24.26 6.43
CA GLY D 266 12.16 -23.51 7.54
C GLY D 266 12.91 -22.31 6.97
N PHE D 267 13.08 -21.25 7.77
CA PHE D 267 13.86 -20.08 7.31
C PHE D 267 15.08 -19.86 8.18
N ASP D 268 15.50 -20.93 8.84
CA ASP D 268 16.72 -20.82 9.64
C ASP D 268 18.05 -20.82 8.86
N ALA D 269 17.99 -20.97 7.53
CA ALA D 269 19.18 -20.69 6.69
C ALA D 269 19.35 -19.22 6.40
N SER D 270 18.46 -18.38 6.96
CA SER D 270 18.55 -16.95 6.69
C SER D 270 19.84 -16.32 7.25
N MET D 271 20.24 -15.24 6.59
CA MET D 271 21.41 -14.42 6.95
C MET D 271 21.45 -14.03 8.44
N LEU D 272 20.30 -13.88 9.06
CA LEU D 272 20.25 -13.35 10.43
C LEU D 272 19.85 -14.41 11.47
N ASP D 273 19.87 -15.68 11.08
CA ASP D 273 19.44 -16.68 12.05
C ASP D 273 20.53 -17.01 13.12
N PRO D 274 20.14 -17.03 14.42
CA PRO D 274 21.13 -17.47 15.46
C PRO D 274 21.52 -18.96 15.38
N LEU D 275 20.63 -19.80 14.88
CA LEU D 275 20.83 -21.26 14.98
C LEU D 275 21.43 -21.98 13.74
N ALA D 276 22.01 -21.19 12.84
CA ALA D 276 22.86 -21.70 11.76
C ALA D 276 23.68 -20.54 11.21
N ARG D 277 24.57 -20.87 10.29
CA ARG D 277 25.59 -19.98 9.82
C ARG D 277 25.44 -19.73 8.31
N MET D 278 24.22 -19.84 7.82
CA MET D 278 23.99 -19.64 6.38
C MET D 278 23.59 -18.20 6.04
N MET D 279 23.54 -17.93 4.74
CA MET D 279 23.49 -16.55 4.28
C MET D 279 22.35 -16.34 3.27
N VAL D 280 21.27 -17.11 3.39
CA VAL D 280 20.11 -16.99 2.49
C VAL D 280 19.34 -15.71 2.85
N THR D 281 18.96 -14.94 1.84
CA THR D 281 18.16 -13.73 2.07
C THR D 281 16.71 -14.02 1.63
N ALA D 282 15.80 -13.09 1.93
CA ALA D 282 14.40 -13.29 1.51
C ALA D 282 14.31 -13.52 -0.01
N ASP D 283 15.17 -12.83 -0.78
CA ASP D 283 15.20 -13.00 -2.25
C ASP D 283 15.67 -14.41 -2.61
N GLY D 284 16.60 -14.98 -1.84
CA GLY D 284 17.01 -16.37 -2.01
C GLY D 284 15.84 -17.32 -1.81
N PHE D 285 15.11 -17.15 -0.71
CA PHE D 285 13.99 -18.02 -0.44
C PHE D 285 12.90 -17.82 -1.49
N ARG D 286 12.71 -16.58 -1.93
CA ARG D 286 11.77 -16.29 -3.02
C ARG D 286 12.10 -17.17 -4.24
N GLN D 287 13.38 -17.19 -4.62
CA GLN D 287 13.83 -17.91 -5.82
C GLN D 287 13.69 -19.43 -5.63
N MET D 288 13.99 -19.92 -4.44
CA MET D 288 13.81 -21.32 -4.11
C MET D 288 12.34 -21.71 -4.22
N ALA D 289 11.48 -20.87 -3.67
CA ALA D 289 10.03 -21.08 -3.73
C ALA D 289 9.54 -21.07 -5.20
N ARG D 290 10.00 -20.07 -5.96
CA ARG D 290 9.57 -19.91 -7.36
C ARG D 290 9.96 -21.17 -8.16
N ARG D 291 11.22 -21.60 -8.00
CA ARG D 291 11.70 -22.81 -8.69
C ARG D 291 10.89 -24.06 -8.36
N THR D 292 10.55 -24.22 -7.08
CA THR D 292 9.86 -25.41 -6.61
C THR D 292 8.42 -25.41 -7.04
N ILE D 293 7.79 -24.23 -6.99
CA ILE D 293 6.39 -24.13 -7.39
C ILE D 293 6.30 -24.40 -8.90
N ASP D 294 7.23 -23.83 -9.67
CA ASP D 294 7.28 -24.05 -11.12
C ASP D 294 7.51 -25.53 -11.45
N CYS D 295 8.36 -26.18 -10.65
CA CYS D 295 8.57 -27.63 -10.75
C CYS D 295 7.27 -28.39 -10.53
N ALA D 296 6.54 -28.06 -9.45
CA ALA D 296 5.25 -28.72 -9.19
C ALA D 296 4.24 -28.50 -10.33
N ALA D 297 4.27 -27.30 -10.91
CA ALA D 297 3.40 -26.95 -12.05
C ALA D 297 3.72 -27.88 -13.23
N ASP D 298 5.02 -28.10 -13.46
CA ASP D 298 5.52 -28.93 -14.56
C ASP D 298 5.21 -30.40 -14.39
N ILE D 299 5.25 -30.92 -13.15
CA ILE D 299 5.26 -32.36 -12.96
C ILE D 299 4.11 -32.96 -12.16
N CYS D 300 3.44 -32.18 -11.31
CA CYS D 300 2.32 -32.73 -10.52
C CYS D 300 1.14 -31.77 -10.40
N ASP D 301 0.84 -31.12 -11.53
CA ASP D 301 -0.34 -30.26 -11.65
C ASP D 301 -0.37 -29.14 -10.61
N GLY D 302 0.80 -28.57 -10.32
CA GLY D 302 0.92 -27.51 -9.31
C GLY D 302 0.65 -27.92 -7.85
N ARG D 303 0.49 -29.21 -7.58
CA ARG D 303 0.14 -29.65 -6.21
C ARG D 303 1.34 -29.53 -5.27
N ILE D 304 1.40 -28.44 -4.51
CA ILE D 304 2.51 -28.20 -3.60
C ILE D 304 1.96 -27.66 -2.29
N VAL D 305 2.46 -28.22 -1.18
CA VAL D 305 2.02 -27.80 0.16
C VAL D 305 3.27 -27.43 0.93
N PHE D 306 3.37 -26.17 1.35
CA PHE D 306 4.43 -25.74 2.25
C PHE D 306 3.97 -25.91 3.68
N VAL D 307 4.89 -26.42 4.52
CA VAL D 307 4.60 -26.66 5.94
C VAL D 307 5.76 -26.04 6.75
N GLN D 308 5.44 -25.14 7.69
CA GLN D 308 6.49 -24.47 8.44
C GLN D 308 7.39 -25.42 9.25
N GLU D 309 8.69 -25.26 9.12
CA GLU D 309 9.65 -25.93 10.02
C GLU D 309 10.31 -24.86 10.91
N GLY D 310 11.63 -24.79 10.98
CA GLY D 310 12.30 -23.88 11.94
C GLY D 310 12.52 -22.47 11.39
N GLY D 311 13.39 -21.73 12.06
CA GLY D 311 13.62 -20.32 11.74
C GLY D 311 13.44 -19.53 13.04
N TYR D 312 14.43 -18.70 13.35
CA TYR D 312 14.60 -18.19 14.73
C TYR D 312 14.90 -16.69 14.80
N SER D 313 14.86 -16.01 13.66
CA SER D 313 14.96 -14.53 13.69
C SER D 313 13.56 -13.91 13.72
N PRO D 314 13.13 -13.35 14.87
CA PRO D 314 11.81 -12.67 14.83
C PRO D 314 11.86 -11.41 13.97
N HIS D 315 13.03 -10.83 13.78
CA HIS D 315 13.15 -9.64 12.95
C HIS D 315 12.96 -9.99 11.48
N TYR D 316 13.64 -11.05 11.03
CA TYR D 316 13.79 -11.26 9.59
C TYR D 316 12.95 -12.40 9.03
N LEU D 317 12.72 -13.45 9.84
CA LEU D 317 11.89 -14.56 9.39
C LEU D 317 10.56 -14.14 8.72
N PRO D 318 9.82 -13.17 9.31
CA PRO D 318 8.57 -12.80 8.65
C PRO D 318 8.77 -12.42 7.16
N PHE D 319 9.87 -11.70 6.84
CA PHE D 319 10.12 -11.29 5.43
C PHE D 319 10.52 -12.43 4.51
N CYS D 320 11.24 -13.41 5.08
CA CYS D 320 11.58 -14.61 4.36
C CYS D 320 10.32 -15.41 4.04
N GLY D 321 9.47 -15.57 5.06
CA GLY D 321 8.22 -16.29 4.91
C GLY D 321 7.25 -15.58 3.97
N LEU D 322 7.12 -14.27 4.12
CA LEU D 322 6.25 -13.51 3.25
C LEU D 322 6.67 -13.73 1.76
N ALA D 323 7.97 -13.69 1.47
CA ALA D 323 8.45 -13.87 0.09
C ALA D 323 7.91 -15.17 -0.50
N VAL D 324 7.99 -16.26 0.26
CA VAL D 324 7.39 -17.57 -0.13
C VAL D 324 5.88 -17.50 -0.42
N ILE D 325 5.12 -16.94 0.52
CA ILE D 325 3.70 -16.72 0.29
C ILE D 325 3.44 -15.89 -0.99
N GLU D 326 4.20 -14.82 -1.22
CA GLU D 326 4.03 -14.00 -2.44
C GLU D 326 4.26 -14.80 -3.72
N GLU D 327 5.12 -15.81 -3.68
CA GLU D 327 5.33 -16.66 -4.86
C GLU D 327 4.18 -17.61 -5.10
N LEU D 328 3.43 -17.94 -4.04
CA LEU D 328 2.21 -18.73 -4.19
C LEU D 328 1.05 -17.92 -4.76
N THR D 329 0.90 -16.67 -4.29
CA THR D 329 -0.23 -15.83 -4.71
C THR D 329 0.06 -15.02 -5.97
N GLY D 330 1.34 -14.82 -6.27
CA GLY D 330 1.75 -13.95 -7.36
C GLY D 330 1.58 -12.46 -7.06
N VAL D 331 1.28 -12.12 -5.79
CA VAL D 331 1.04 -10.73 -5.41
C VAL D 331 2.26 -10.23 -4.64
N ARG D 332 3.08 -9.43 -5.30
CA ARG D 332 4.39 -9.03 -4.75
C ARG D 332 4.35 -7.57 -4.31
N SER D 333 3.79 -7.36 -3.13
CA SER D 333 3.27 -6.04 -2.72
C SER D 333 4.07 -5.34 -1.63
N LEU D 334 5.22 -5.92 -1.25
CA LEU D 334 6.04 -5.35 -0.21
C LEU D 334 7.54 -5.68 -0.42
N PRO D 335 8.43 -4.67 -0.32
CA PRO D 335 9.88 -4.91 -0.41
C PRO D 335 10.37 -5.66 0.83
N ASP D 336 11.48 -6.37 0.72
CA ASP D 336 12.26 -6.77 1.91
C ASP D 336 13.03 -5.55 2.39
N PRO D 337 12.65 -5.00 3.56
CA PRO D 337 13.31 -3.76 3.99
C PRO D 337 14.78 -3.98 4.39
N TYR D 338 15.20 -5.24 4.53
CA TYR D 338 16.60 -5.56 4.88
C TYR D 338 17.46 -5.80 3.64
N HIS D 339 16.85 -5.66 2.45
CA HIS D 339 17.54 -6.07 1.23
C HIS D 339 18.91 -5.43 1.02
N GLU D 340 18.99 -4.10 1.04
CA GLU D 340 20.28 -3.45 0.79
C GLU D 340 21.30 -3.78 1.87
N PHE D 341 20.83 -3.75 3.12
CA PHE D 341 21.69 -4.03 4.28
C PHE D 341 22.30 -5.44 4.21
N LEU D 342 21.54 -6.40 3.72
CA LEU D 342 22.01 -7.76 3.69
C LEU D 342 22.72 -8.11 2.39
N ALA D 343 22.34 -7.41 1.32
CA ALA D 343 22.87 -7.63 -0.02
C ALA D 343 24.41 -7.55 -0.12
N GLY D 344 25.02 -6.62 0.61
CA GLY D 344 26.46 -6.40 0.54
C GLY D 344 27.28 -7.41 1.33
N MET D 345 26.60 -8.20 2.15
CA MET D 345 27.26 -9.19 2.99
C MET D 345 27.81 -10.38 2.24
N GLY D 346 27.35 -10.60 1.01
CA GLY D 346 27.83 -11.77 0.23
C GLY D 346 26.93 -13.00 0.33
N GLY D 347 27.52 -14.16 0.02
CA GLY D 347 26.76 -15.40 -0.13
C GLY D 347 26.27 -15.60 -1.56
N ASN D 348 26.49 -14.59 -2.41
CA ASN D 348 25.93 -14.57 -3.78
C ASN D 348 26.87 -15.07 -4.87
N THR D 349 27.99 -15.64 -4.47
CA THR D 349 28.98 -16.19 -5.38
C THR D 349 29.14 -17.64 -5.00
N LEU D 350 29.03 -18.54 -5.97
CA LEU D 350 29.15 -19.96 -5.69
C LEU D 350 30.62 -20.24 -5.45
N LEU D 351 30.96 -20.54 -4.20
CA LEU D 351 32.36 -20.80 -3.84
C LEU D 351 32.74 -22.22 -4.24
N ASP D 352 34.02 -22.46 -4.50
CA ASP D 352 34.42 -23.82 -4.92
C ASP D 352 34.01 -24.94 -3.94
N ALA D 353 34.16 -24.69 -2.64
CA ALA D 353 33.80 -25.69 -1.62
C ALA D 353 32.30 -25.99 -1.67
N GLU D 354 31.51 -24.96 -1.93
CA GLU D 354 30.06 -25.12 -2.01
C GLU D 354 29.72 -25.93 -3.26
N ARG D 355 30.30 -25.55 -4.39
CA ARG D 355 30.12 -26.29 -5.64
C ARG D 355 30.53 -27.75 -5.46
N ALA D 356 31.66 -28.00 -4.81
CA ALA D 356 32.14 -29.39 -4.68
C ALA D 356 31.18 -30.21 -3.80
N ALA D 357 30.66 -29.60 -2.73
CA ALA D 357 29.68 -30.27 -1.84
C ALA D 357 28.43 -30.72 -2.60
N ILE D 358 27.95 -29.86 -3.50
CA ILE D 358 26.74 -30.13 -4.29
C ILE D 358 27.04 -31.20 -5.35
N GLU D 359 28.22 -31.11 -5.94
CA GLU D 359 28.64 -32.05 -6.98
C GLU D 359 28.70 -33.50 -6.48
N GLU D 360 29.01 -33.66 -5.19
CA GLU D 360 29.00 -34.97 -4.54
C GLU D 360 27.66 -35.70 -4.64
N ILE D 361 26.57 -34.95 -4.73
CA ILE D 361 25.23 -35.55 -4.71
C ILE D 361 24.72 -35.93 -6.10
N VAL D 362 25.25 -35.29 -7.13
CA VAL D 362 24.76 -35.47 -8.52
C VAL D 362 24.70 -36.96 -8.94
N PRO D 363 25.75 -37.78 -8.63
CA PRO D 363 25.65 -39.23 -8.99
C PRO D 363 24.45 -40.00 -8.41
N LEU D 364 23.92 -39.53 -7.29
CA LEU D 364 22.81 -40.19 -6.63
C LEU D 364 21.53 -40.09 -7.46
N LEU D 365 21.47 -39.11 -8.36
CA LEU D 365 20.26 -38.84 -9.17
C LEU D 365 19.98 -40.02 -10.09
N ALA D 366 21.07 -40.67 -10.54
CA ALA D 366 20.96 -41.83 -11.43
C ALA D 366 20.10 -42.99 -10.90
N ASP D 367 19.95 -43.10 -9.59
CA ASP D 367 19.25 -44.22 -8.97
C ASP D 367 17.76 -44.00 -8.68
N ILE D 368 17.28 -42.80 -9.02
CA ILE D 368 15.89 -42.45 -8.73
C ILE D 368 15.03 -42.97 -9.88
CAF 3YP E . 25.53 -1.95 13.11
CAC 3YP E . 24.58 -2.16 11.93
CAD 3YP E . 24.29 -3.65 12.09
CAG 3YP E . 25.69 -4.25 12.29
CAK 3YP E . 26.49 -3.16 13.02
CAH 3YP E . 26.88 -3.74 14.39
CAE 3YP E . 27.61 -2.84 15.37
CAJ 3YP E . 28.74 -3.65 15.90
OAA 3YP E . 28.61 -4.64 16.61
NAI 3YP E . 29.73 -3.47 15.37
OAB 3YP E . 30.82 -4.15 15.63
ZN ZN F . 30.19 -6.06 16.04
K K G . 36.83 -6.28 14.14
K K H . 47.16 3.79 12.85
CAF 3YP I . -24.53 28.80 -15.51
CAC 3YP I . -23.50 27.76 -15.97
CAD 3YP I . -23.23 26.90 -14.72
CAG 3YP I . -24.33 27.30 -13.71
CAK 3YP I . -24.44 28.79 -13.97
CAH 3YP I . -25.65 29.52 -13.39
CAE 3YP I . -26.69 28.78 -12.53
CAJ 3YP I . -26.12 28.44 -11.18
OAA 3YP I . -26.20 27.33 -10.63
NAI 3YP I . -25.45 29.06 -11.00
OAB 3YP I . -24.73 29.01 -9.83
ZN ZN J . -24.61 27.04 -9.28
K K K . -20.50 29.64 -4.38
K K L . -18.92 42.86 1.17
CAF 3YP M . -23.99 1.93 -14.44
CAC 3YP M . -23.98 2.53 -13.02
CAD 3YP M . -23.10 3.79 -13.10
CAG 3YP M . -22.13 3.51 -14.27
CAK 3YP M . -22.94 2.68 -15.29
CAH 3YP M . -23.62 3.64 -16.25
CAE 3YP M . -23.66 3.14 -17.71
CAJ 3YP M . -22.27 3.36 -18.25
OAA 3YP M . -21.87 4.33 -18.83
NAI 3YP M . -21.63 2.44 -17.93
OAB 3YP M . -20.36 2.48 -18.20
ZN ZN N . -19.79 4.52 -18.57
K K O . -13.28 2.53 -19.32
K K P . -6.94 -10.22 -21.99
CAF 3YP Q . 16.93 -28.33 17.68
CAC 3YP Q . 18.35 -27.85 17.95
CAD 3YP Q . 18.39 -26.53 17.21
CAG 3YP Q . 17.60 -26.77 15.91
CAK 3YP Q . 16.59 -27.89 16.22
CAH 3YP Q . 15.21 -27.28 16.23
CAE 3YP Q . 14.33 -27.71 15.04
CAJ 3YP Q . 14.90 -27.16 13.89
OAA 3YP Q . 14.95 -25.93 13.68
NAI 3YP Q . 15.23 -27.96 13.03
OAB 3YP Q . 15.73 -27.57 11.88
ZN ZN R . 15.73 -25.88 11.67
K K S . 16.81 -29.69 5.94
K K T . 12.23 -42.63 1.51
#